data_5LLY
#
_entry.id   5LLY
#
_cell.length_a   83.500
_cell.length_b   129.000
_cell.length_c   122.010
_cell.angle_alpha   90.000
_cell.angle_beta   96.340
_cell.angle_gamma   90.000
#
_symmetry.space_group_name_H-M   'P 1 21 1'
#
loop_
_entity.id
_entity.type
_entity.pdbx_description
1 polymer 'Diguanylate cyclase (GGDEF) domain-containing protein'
2 non-polymer '3-[2-[(Z)-[3-(2-carboxyethyl)-5-[(Z)-(4-ethenyl-3-methyl-5-oxidanylidene-pyrrol-2-ylidene)methyl]-4-methyl-pyrrol-1-ium -2-ylidene]methyl]-5-[(Z)-[(3E)-3-ethylidene-4-methyl-5-oxidanylidene-pyrrolidin-2-ylidene]methyl]-4-methyl-1H-pyrrol-3- yl]propanoic acid'
3 non-polymer 'CHLORIDE ION'
4 non-polymer GLYCEROL
5 water water
#
_entity_poly.entity_id   1
_entity_poly.type   'polypeptide(L)'
_entity_poly.pdbx_seq_one_letter_code
;GAMAADLGSDDISKLIAACDQEPIHIPNAIQPFGAMLIVEKDTQQIVYASANSAEYFSVADNTIHELSDIKQANINSLLP
EHLISGLASAIRENEPIWVETDRLSFLGWRHENYYIIEVERYHVQTSNWFEIQFQRAFQKLRNCKTHNDLINTLTRLIQE
ISGYDRVMIYQFDPEWNGRVIAESVRQLFTSMLNHHFPASDIPAQARAMYSINPIRIIPDVNAEPQPLHMIHKPQNTEAV
NLSSGVLRAVSPLHMQYLRNFGVSASTSIGIFNEDELWGIVACHHTKPRAIGRRIRRLLVRTVEFAAERLWLIHSRNVER
YMVTVQAAREQLSTTADDKHSSHEIVIEHAADWCKLFRCDGIGYLRGEELTTYGETPDQTTINKLVEWLEENGKKSLFWH
SHMLKEDAPGLLPDGSRFAGLLAIPLKSDADLFSYLLLFRVAQNEVRTWAGKPEKLSVETSTGTMLGPRKSFEAWQDEVS
GKSQPWRTAQLYAARDIARDLLIVADSMQLNLLNDQLADANENLEKLAS
;
_entity_poly.pdbx_strand_id   D,A,C,B
#
loop_
_chem_comp.id
_chem_comp.type
_chem_comp.name
_chem_comp.formula
CL non-polymer 'CHLORIDE ION' 'Cl -1'
GOL non-polymer GLYCEROL 'C3 H8 O3'
LBV non-polymer '3-[2-[(Z)-[3-(2-carboxyethyl)-5-[(Z)-(4-ethenyl-3-methyl-5-oxidanylidene-pyrrol-2-ylidene)methyl]-4-methyl-pyrrol-1-ium -2-ylidene]methyl]-5-[(Z)-[(3E)-3-ethylidene-4-methyl-5-oxidanylidene-pyrrolidin-2-ylidene]methyl]-4-methyl-1H-pyrrol-3- yl]propanoic acid' 'C33 H37 N4 O6 1'
#
# COMPACT_ATOMS: atom_id res chain seq x y z
N ALA A 18 18.22 -34.94 -25.50
CA ALA A 18 19.52 -35.37 -24.99
C ALA A 18 20.60 -34.37 -25.38
N CYS A 19 20.19 -33.28 -26.03
CA CYS A 19 21.12 -32.17 -26.28
C CYS A 19 21.48 -31.47 -24.99
N ASP A 20 20.49 -31.25 -24.13
CA ASP A 20 20.68 -30.61 -22.84
C ASP A 20 21.19 -31.56 -21.77
N GLN A 21 21.51 -32.80 -22.11
CA GLN A 21 22.05 -33.73 -21.15
C GLN A 21 23.57 -33.75 -21.11
N GLU A 22 24.25 -33.08 -22.04
CA GLU A 22 25.71 -33.15 -22.01
C GLU A 22 26.25 -32.27 -20.89
N PRO A 23 27.08 -32.78 -20.07
CA PRO A 23 27.54 -32.05 -18.86
C PRO A 23 28.64 -31.03 -19.14
N ILE A 24 28.32 -29.98 -19.89
CA ILE A 24 29.32 -29.03 -20.35
C ILE A 24 29.98 -28.24 -19.24
N HIS A 25 29.47 -28.34 -18.00
CA HIS A 25 30.11 -27.63 -16.90
C HIS A 25 31.32 -28.37 -16.36
N ILE A 26 31.41 -29.68 -16.62
CA ILE A 26 32.51 -30.46 -16.10
C ILE A 26 33.21 -31.21 -17.23
N PRO A 27 33.76 -30.51 -18.22
CA PRO A 27 34.42 -31.22 -19.33
C PRO A 27 35.81 -31.80 -19.00
N ASN A 28 36.39 -31.47 -17.83
CA ASN A 28 37.76 -31.86 -17.47
C ASN A 28 38.78 -31.55 -18.58
N ALA A 29 38.59 -30.42 -19.27
CA ALA A 29 39.51 -30.00 -20.30
C ALA A 29 39.34 -28.50 -20.51
N ILE A 30 40.37 -27.85 -21.05
CA ILE A 30 40.28 -26.43 -21.30
C ILE A 30 40.69 -26.10 -22.72
N GLN A 31 40.27 -24.92 -23.17
CA GLN A 31 40.82 -24.35 -24.38
C GLN A 31 42.27 -23.89 -24.15
N PRO A 32 43.15 -24.05 -25.14
CA PRO A 32 44.58 -23.83 -24.88
C PRO A 32 45.04 -22.39 -24.85
N PHE A 33 44.15 -21.40 -24.72
CA PHE A 33 44.64 -20.03 -24.65
C PHE A 33 45.01 -19.60 -23.23
N GLY A 34 45.01 -20.54 -22.30
CA GLY A 34 45.71 -20.35 -21.05
C GLY A 34 45.88 -21.70 -20.40
N ALA A 35 46.23 -21.67 -19.11
CA ALA A 35 46.32 -22.87 -18.31
C ALA A 35 45.39 -22.76 -17.09
N MET A 36 45.19 -23.89 -16.41
CA MET A 36 44.31 -23.95 -15.25
C MET A 36 44.88 -24.83 -14.14
N LEU A 37 44.69 -24.36 -12.91
CA LEU A 37 44.95 -25.11 -11.69
C LEU A 37 43.66 -25.25 -10.89
N ILE A 38 43.48 -26.39 -10.24
CA ILE A 38 42.40 -26.65 -9.31
C ILE A 38 43.04 -27.08 -8.00
N VAL A 39 42.80 -26.29 -6.94
CA VAL A 39 43.37 -26.43 -5.60
C VAL A 39 42.25 -26.82 -4.64
N GLU A 40 42.56 -27.67 -3.65
CA GLU A 40 41.65 -27.88 -2.53
C GLU A 40 41.81 -26.76 -1.50
N LYS A 41 40.68 -26.21 -1.05
CA LYS A 41 40.69 -25.02 -0.18
C LYS A 41 41.34 -25.30 1.18
N ASP A 42 40.95 -26.41 1.82
CA ASP A 42 41.39 -26.64 3.19
C ASP A 42 42.77 -27.28 3.24
N THR A 43 43.13 -28.07 2.24
CA THR A 43 44.46 -28.68 2.21
C THR A 43 45.49 -27.83 1.47
N GLN A 44 45.06 -26.86 0.67
CA GLN A 44 45.93 -26.06 -0.19
C GLN A 44 46.70 -26.89 -1.21
N GLN A 45 46.34 -28.16 -1.40
CA GLN A 45 46.97 -29.01 -2.41
C GLN A 45 46.44 -28.68 -3.80
N ILE A 46 47.32 -28.74 -4.79
CA ILE A 46 46.92 -28.68 -6.20
C ILE A 46 46.51 -30.07 -6.62
N VAL A 47 45.25 -30.23 -7.00
CA VAL A 47 44.72 -31.54 -7.35
C VAL A 47 44.51 -31.71 -8.84
N TYR A 48 44.39 -30.63 -9.60
CA TYR A 48 44.35 -30.77 -11.05
C TYR A 48 45.11 -29.62 -11.67
N ALA A 49 45.72 -29.90 -12.82
CA ALA A 49 46.41 -28.91 -13.62
C ALA A 49 46.20 -29.28 -15.07
N SER A 50 45.93 -28.29 -15.92
CA SER A 50 45.83 -28.60 -17.34
C SER A 50 47.21 -29.02 -17.87
N ALA A 51 47.20 -29.83 -18.92
CA ALA A 51 48.43 -30.44 -19.42
C ALA A 51 49.40 -29.42 -20.00
N ASN A 52 48.94 -28.24 -20.39
CA ASN A 52 49.83 -27.20 -20.88
C ASN A 52 50.36 -26.29 -19.78
N SER A 53 50.27 -26.69 -18.50
CA SER A 53 50.51 -25.74 -17.41
C SER A 53 51.99 -25.34 -17.30
N ALA A 54 52.89 -26.27 -17.62
CA ALA A 54 54.31 -25.97 -17.58
C ALA A 54 54.66 -24.76 -18.44
N GLU A 55 54.12 -24.70 -19.67
CA GLU A 55 54.49 -23.58 -20.55
C GLU A 55 53.93 -22.25 -20.09
N TYR A 56 52.99 -22.23 -19.16
CA TYR A 56 52.55 -20.98 -18.56
C TYR A 56 53.36 -20.64 -17.33
N PHE A 57 53.48 -21.55 -16.37
CA PHE A 57 54.13 -21.13 -15.14
C PHE A 57 55.65 -20.99 -15.29
N SER A 58 56.25 -21.51 -16.36
CA SER A 58 57.69 -21.29 -16.54
C SER A 58 58.00 -19.84 -16.88
N VAL A 59 57.01 -19.06 -17.31
CA VAL A 59 57.22 -17.64 -17.52
C VAL A 59 57.66 -16.96 -16.22
N ALA A 60 57.24 -17.50 -15.07
CA ALA A 60 57.64 -16.95 -13.77
C ALA A 60 58.75 -17.71 -13.09
N ASP A 61 59.11 -18.90 -13.59
CA ASP A 61 59.99 -19.80 -12.85
C ASP A 61 60.72 -20.73 -13.83
N ASN A 62 62.03 -20.52 -13.96
CA ASN A 62 62.90 -21.37 -14.78
C ASN A 62 62.77 -22.84 -14.45
N THR A 63 62.59 -23.18 -13.17
CA THR A 63 62.69 -24.56 -12.72
C THR A 63 61.60 -25.43 -13.32
N ILE A 64 60.60 -24.81 -13.92
CA ILE A 64 59.43 -25.54 -14.39
C ILE A 64 59.68 -25.89 -15.85
N HIS A 65 59.85 -27.18 -16.11
CA HIS A 65 60.13 -27.70 -17.43
C HIS A 65 59.10 -28.70 -17.91
N GLU A 66 58.26 -29.21 -17.02
CA GLU A 66 57.32 -30.28 -17.34
C GLU A 66 56.18 -30.28 -16.32
N LEU A 67 55.10 -31.00 -16.66
CA LEU A 67 53.93 -31.06 -15.80
C LEU A 67 54.28 -31.52 -14.38
N SER A 68 55.15 -32.53 -14.27
CA SER A 68 55.47 -33.03 -12.94
C SER A 68 56.23 -32.03 -12.10
N ASP A 69 56.75 -30.95 -12.68
CA ASP A 69 57.34 -29.92 -11.83
C ASP A 69 56.27 -29.13 -11.07
N ILE A 70 55.03 -29.11 -11.57
CA ILE A 70 53.97 -28.46 -10.84
C ILE A 70 53.47 -29.34 -9.70
N LYS A 71 53.56 -30.67 -9.86
CA LYS A 71 53.32 -31.57 -8.74
C LYS A 71 54.35 -31.38 -7.63
N GLN A 72 55.58 -31.00 -7.97
CA GLN A 72 56.53 -30.72 -6.90
C GLN A 72 56.38 -29.32 -6.37
N ALA A 73 55.51 -28.52 -6.98
CA ALA A 73 55.44 -27.09 -6.70
C ALA A 73 54.52 -26.79 -5.54
N ASN A 74 54.84 -25.70 -4.86
CA ASN A 74 54.05 -25.14 -3.77
C ASN A 74 53.14 -24.06 -4.33
N ILE A 75 51.85 -24.12 -3.96
CA ILE A 75 50.87 -23.18 -4.51
C ILE A 75 51.25 -21.74 -4.19
N ASN A 76 51.96 -21.53 -3.08
CA ASN A 76 52.49 -20.22 -2.72
C ASN A 76 53.67 -19.79 -3.59
N SER A 77 54.22 -20.68 -4.41
CA SER A 77 55.32 -20.30 -5.28
C SER A 77 54.87 -20.02 -6.70
N LEU A 78 53.70 -20.52 -7.10
CA LEU A 78 53.14 -20.33 -8.43
C LEU A 78 52.18 -19.17 -8.51
N LEU A 79 51.52 -18.82 -7.42
CA LEU A 79 50.50 -17.80 -7.47
C LEU A 79 50.94 -16.51 -6.76
N PRO A 80 50.53 -15.35 -7.26
CA PRO A 80 50.78 -14.10 -6.55
C PRO A 80 50.12 -14.08 -5.18
N GLU A 81 50.78 -13.41 -4.23
CA GLU A 81 50.26 -13.37 -2.86
C GLU A 81 48.88 -12.72 -2.79
N HIS A 82 48.59 -11.78 -3.69
CA HIS A 82 47.29 -11.14 -3.64
C HIS A 82 46.18 -12.06 -4.18
N LEU A 83 46.51 -12.95 -5.12
CA LEU A 83 45.53 -13.95 -5.54
C LEU A 83 45.17 -14.86 -4.39
N ILE A 84 46.19 -15.43 -3.73
CA ILE A 84 45.96 -16.34 -2.60
C ILE A 84 45.19 -15.63 -1.49
N SER A 85 45.55 -14.38 -1.18
CA SER A 85 44.90 -13.63 -0.13
C SER A 85 43.43 -13.42 -0.45
N GLY A 86 43.15 -12.86 -1.62
CA GLY A 86 41.78 -12.71 -2.07
C GLY A 86 40.98 -13.98 -1.96
N LEU A 87 41.45 -15.06 -2.60
CA LEU A 87 40.74 -16.33 -2.56
C LEU A 87 40.44 -16.74 -1.14
N ALA A 88 41.43 -16.59 -0.25
CA ALA A 88 41.21 -16.95 1.15
C ALA A 88 40.09 -16.14 1.76
N SER A 89 40.02 -14.85 1.45
CA SER A 89 39.08 -13.98 2.14
C SER A 89 37.73 -13.86 1.44
N ALA A 90 37.62 -14.27 0.18
CA ALA A 90 36.40 -14.09 -0.57
C ALA A 90 35.23 -14.77 0.13
N ILE A 91 34.08 -14.08 0.17
CA ILE A 91 32.90 -14.72 0.72
C ILE A 91 32.08 -15.42 -0.35
N ARG A 92 31.92 -14.80 -1.52
CA ARG A 92 31.03 -15.32 -2.53
C ARG A 92 31.69 -16.42 -3.35
N GLU A 93 30.95 -17.50 -3.59
CA GLU A 93 31.39 -18.50 -4.54
C GLU A 93 31.25 -17.99 -5.97
N ASN A 94 32.19 -18.41 -6.82
CA ASN A 94 32.11 -18.14 -8.26
C ASN A 94 32.14 -16.63 -8.56
N GLU A 95 32.89 -15.87 -7.75
CA GLU A 95 33.12 -14.44 -7.92
C GLU A 95 34.59 -14.21 -8.25
N PRO A 96 34.96 -14.20 -9.55
CA PRO A 96 36.37 -14.25 -9.93
C PRO A 96 37.18 -13.01 -9.56
N ILE A 97 38.34 -13.28 -8.96
CA ILE A 97 39.36 -12.29 -8.60
C ILE A 97 40.40 -12.26 -9.71
N TRP A 98 40.63 -11.07 -10.26
CA TRP A 98 41.49 -10.88 -11.43
C TRP A 98 42.77 -10.21 -10.95
N VAL A 99 43.89 -10.90 -11.09
CA VAL A 99 45.18 -10.46 -10.53
C VAL A 99 46.25 -10.60 -11.59
N GLU A 100 46.94 -9.51 -11.89
CA GLU A 100 47.98 -9.49 -12.92
C GLU A 100 49.37 -9.32 -12.30
N THR A 101 50.33 -10.04 -12.85
CA THR A 101 51.75 -9.74 -12.66
C THR A 101 52.27 -9.06 -13.93
N ASP A 102 53.58 -8.81 -13.98
CA ASP A 102 54.15 -8.20 -15.16
C ASP A 102 54.05 -9.12 -16.37
N ARG A 103 53.84 -10.42 -16.16
CA ARG A 103 53.84 -11.37 -17.26
C ARG A 103 52.62 -12.28 -17.30
N LEU A 104 51.81 -12.38 -16.24
CA LEU A 104 50.66 -13.29 -16.26
C LEU A 104 49.39 -12.65 -15.69
N SER A 105 48.25 -12.99 -16.26
CA SER A 105 46.93 -12.49 -15.85
C SER A 105 46.15 -13.68 -15.29
N PHE A 106 45.92 -13.67 -13.98
CA PHE A 106 45.25 -14.73 -13.24
C PHE A 106 43.79 -14.39 -13.00
N LEU A 107 42.93 -15.40 -13.08
CA LEU A 107 41.51 -15.27 -12.77
C LEU A 107 41.13 -16.44 -11.88
N GLY A 108 40.86 -16.18 -10.60
CA GLY A 108 40.63 -17.25 -9.65
C GLY A 108 39.32 -17.06 -8.90
N TRP A 109 38.74 -18.19 -8.49
CA TRP A 109 37.51 -18.10 -7.71
C TRP A 109 37.33 -19.38 -6.93
N ARG A 110 36.37 -19.35 -6.02
CA ARG A 110 36.08 -20.51 -5.19
C ARG A 110 34.84 -21.20 -5.72
N HIS A 111 34.89 -22.52 -5.70
CA HIS A 111 33.73 -23.37 -5.98
C HIS A 111 33.81 -24.52 -4.99
N GLU A 112 32.89 -24.54 -4.02
CA GLU A 112 32.80 -25.57 -2.98
C GLU A 112 34.16 -25.68 -2.30
N ASN A 113 34.76 -26.86 -2.22
CA ASN A 113 36.03 -27.07 -1.55
C ASN A 113 37.24 -26.65 -2.40
N TYR A 114 37.04 -26.10 -3.59
CA TYR A 114 38.15 -25.86 -4.52
C TYR A 114 38.34 -24.38 -4.83
N TYR A 115 39.58 -24.01 -5.07
CA TYR A 115 39.93 -22.79 -5.80
C TYR A 115 40.27 -23.20 -7.23
N ILE A 116 39.61 -22.57 -8.19
CA ILE A 116 39.92 -22.73 -9.60
C ILE A 116 40.64 -21.49 -10.04
N ILE A 117 41.80 -21.67 -10.70
CA ILE A 117 42.63 -20.55 -11.14
C ILE A 117 42.95 -20.74 -12.61
N GLU A 118 42.58 -19.76 -13.41
CA GLU A 118 42.93 -19.70 -14.81
C GLU A 118 44.06 -18.69 -14.95
N VAL A 119 44.95 -18.92 -15.90
CA VAL A 119 46.05 -18.00 -16.13
C VAL A 119 46.24 -17.86 -17.63
N GLU A 120 46.44 -16.63 -18.06
CA GLU A 120 46.70 -16.28 -19.44
C GLU A 120 47.95 -15.40 -19.47
N ARG A 121 48.57 -15.28 -20.64
CA ARG A 121 49.76 -14.46 -20.76
C ARG A 121 49.36 -12.99 -20.86
N TYR A 122 50.11 -12.13 -20.20
CA TYR A 122 49.76 -10.74 -20.16
C TYR A 122 51.03 -9.91 -20.19
N HIS A 123 50.89 -8.66 -20.64
CA HIS A 123 51.94 -7.69 -20.45
C HIS A 123 51.31 -6.32 -20.39
N VAL A 124 51.88 -5.47 -19.55
CA VAL A 124 51.46 -4.09 -19.41
C VAL A 124 51.73 -3.35 -20.71
N GLN A 125 50.68 -2.77 -21.29
CA GLN A 125 50.85 -1.80 -22.36
C GLN A 125 49.73 -0.77 -22.19
N THR A 126 50.08 0.44 -21.80
CA THR A 126 49.13 1.41 -21.29
C THR A 126 48.75 2.44 -22.36
N SER A 127 47.45 2.70 -22.48
CA SER A 127 46.97 3.76 -23.36
C SER A 127 45.60 4.22 -22.85
N ASN A 128 44.99 5.12 -23.60
CA ASN A 128 43.64 5.58 -23.30
C ASN A 128 42.63 5.06 -24.33
N TRP A 129 42.98 3.98 -25.04
CA TRP A 129 42.10 3.45 -26.07
C TRP A 129 40.79 2.97 -25.48
N PHE A 130 40.86 2.23 -24.37
CA PHE A 130 39.66 1.66 -23.78
C PHE A 130 38.73 2.74 -23.27
N GLU A 131 39.30 3.76 -22.62
CA GLU A 131 38.48 4.85 -22.14
C GLU A 131 37.85 5.63 -23.29
N ILE A 132 38.58 5.81 -24.39
CA ILE A 132 38.01 6.53 -25.52
C ILE A 132 36.88 5.73 -26.14
N GLN A 133 37.12 4.43 -26.36
CA GLN A 133 36.09 3.55 -26.91
C GLN A 133 34.85 3.52 -26.02
N PHE A 134 35.07 3.53 -24.70
CA PHE A 134 33.98 3.45 -23.74
C PHE A 134 33.15 4.73 -23.76
N GLN A 135 33.82 5.88 -23.81
CA GLN A 135 33.09 7.14 -23.92
C GLN A 135 32.25 7.19 -25.20
N ARG A 136 32.87 6.83 -26.34
CA ARG A 136 32.09 6.85 -27.58
C ARG A 136 30.91 5.88 -27.51
N ALA A 137 31.13 4.68 -26.96
CA ALA A 137 30.03 3.74 -26.88
C ALA A 137 28.89 4.31 -26.03
N PHE A 138 29.22 4.92 -24.88
CA PHE A 138 28.19 5.51 -24.05
C PHE A 138 27.46 6.63 -24.76
N GLN A 139 28.18 7.42 -25.55
CA GLN A 139 27.53 8.57 -26.19
C GLN A 139 26.61 8.11 -27.30
N LYS A 140 27.05 7.16 -28.12
CA LYS A 140 26.21 6.65 -29.19
C LYS A 140 24.98 5.94 -28.64
N LEU A 141 25.16 5.14 -27.60
CA LEU A 141 24.02 4.44 -27.02
C LEU A 141 23.04 5.40 -26.37
N ARG A 142 23.53 6.46 -25.72
CA ARG A 142 22.59 7.39 -25.08
C ARG A 142 21.76 8.14 -26.12
N ASN A 143 22.29 8.32 -27.33
CA ASN A 143 21.56 9.03 -28.39
C ASN A 143 20.65 8.13 -29.19
N CYS A 144 20.54 6.85 -28.85
CA CYS A 144 19.53 6.02 -29.46
C CYS A 144 18.19 6.29 -28.81
N LYS A 145 17.19 6.59 -29.63
CA LYS A 145 15.86 6.87 -29.14
C LYS A 145 14.86 5.81 -29.50
N THR A 146 15.24 4.83 -30.33
CA THR A 146 14.34 3.79 -30.79
C THR A 146 15.00 2.43 -30.59
N HIS A 147 14.16 1.39 -30.63
CA HIS A 147 14.64 0.02 -30.51
C HIS A 147 15.62 -0.31 -31.65
N ASN A 148 15.24 0.03 -32.89
CA ASN A 148 16.09 -0.27 -34.04
CA ASN A 148 16.09 -0.25 -34.06
C ASN A 148 17.44 0.43 -33.94
N ASP A 149 17.44 1.72 -33.59
CA ASP A 149 18.71 2.44 -33.46
C ASP A 149 19.59 1.81 -32.40
N LEU A 150 19.03 1.52 -31.23
CA LEU A 150 19.79 0.87 -30.18
C LEU A 150 20.47 -0.40 -30.68
N ILE A 151 19.70 -1.33 -31.25
CA ILE A 151 20.26 -2.64 -31.54
C ILE A 151 21.33 -2.54 -32.62
N ASN A 152 21.09 -1.73 -33.65
CA ASN A 152 22.10 -1.63 -34.71
C ASN A 152 23.35 -0.90 -34.23
N THR A 153 23.18 0.10 -33.37
CA THR A 153 24.33 0.77 -32.76
C THR A 153 25.15 -0.21 -31.92
N LEU A 154 24.46 -1.06 -31.15
CA LEU A 154 25.19 -2.04 -30.35
C LEU A 154 25.99 -3.00 -31.24
N THR A 155 25.42 -3.49 -32.35
CA THR A 155 26.23 -4.37 -33.21
C THR A 155 27.45 -3.63 -33.77
N ARG A 156 27.25 -2.40 -34.25
CA ARG A 156 28.39 -1.66 -34.78
C ARG A 156 29.48 -1.50 -33.71
N LEU A 157 29.09 -1.21 -32.47
CA LEU A 157 30.06 -0.97 -31.41
C LEU A 157 30.81 -2.24 -31.05
N ILE A 158 30.08 -3.34 -30.89
CA ILE A 158 30.72 -4.61 -30.60
C ILE A 158 31.72 -4.96 -31.70
N GLN A 159 31.35 -4.72 -32.96
CA GLN A 159 32.26 -5.01 -34.07
C GLN A 159 33.49 -4.11 -34.05
N GLU A 160 33.33 -2.80 -33.81
CA GLU A 160 34.51 -1.94 -33.69
C GLU A 160 35.43 -2.43 -32.57
N ILE A 161 34.88 -2.72 -31.39
CA ILE A 161 35.70 -3.01 -30.21
C ILE A 161 36.37 -4.38 -30.33
N SER A 162 35.67 -5.37 -30.87
CA SER A 162 36.13 -6.75 -30.86
C SER A 162 36.86 -7.14 -32.13
N GLY A 163 36.62 -6.44 -33.24
CA GLY A 163 37.25 -6.73 -34.49
C GLY A 163 36.69 -7.91 -35.24
N TYR A 164 35.68 -8.58 -34.68
CA TYR A 164 35.08 -9.73 -35.33
C TYR A 164 34.29 -9.29 -36.57
N ASP A 165 34.28 -10.16 -37.56
CA ASP A 165 33.75 -9.79 -38.86
C ASP A 165 32.22 -9.87 -38.95
N ARG A 166 31.56 -10.63 -38.07
CA ARG A 166 30.10 -10.64 -38.09
C ARG A 166 29.56 -10.54 -36.67
N VAL A 167 28.83 -9.47 -36.38
CA VAL A 167 28.22 -9.26 -35.06
C VAL A 167 26.71 -9.18 -35.21
N MET A 168 26.00 -10.05 -34.50
CA MET A 168 24.55 -10.17 -34.56
C MET A 168 23.91 -9.98 -33.19
N ILE A 169 22.67 -9.47 -33.20
CA ILE A 169 21.78 -9.54 -32.05
C ILE A 169 20.79 -10.67 -32.31
N TYR A 170 20.77 -11.66 -31.42
CA TYR A 170 19.93 -12.85 -31.56
C TYR A 170 18.93 -12.86 -30.40
N GLN A 171 17.65 -12.63 -30.70
CA GLN A 171 16.59 -12.54 -29.69
C GLN A 171 15.83 -13.86 -29.58
N PHE A 172 15.60 -14.32 -28.34
CA PHE A 172 14.81 -15.52 -28.11
C PHE A 172 13.33 -15.21 -28.11
N ASP A 173 12.55 -16.16 -28.64
CA ASP A 173 11.11 -16.16 -28.52
C ASP A 173 10.72 -17.02 -27.31
N PRO A 174 9.44 -17.10 -26.93
CA PRO A 174 9.12 -17.84 -25.70
C PRO A 174 9.49 -19.32 -25.72
N GLU A 175 9.68 -19.92 -26.90
CA GLU A 175 10.03 -21.33 -26.98
C GLU A 175 11.56 -21.55 -27.03
N TRP A 176 12.33 -20.49 -26.89
CA TRP A 176 13.78 -20.44 -27.01
C TRP A 176 14.26 -20.72 -28.43
N ASN A 177 13.35 -20.75 -29.41
CA ASN A 177 13.76 -20.43 -30.77
C ASN A 177 14.22 -18.98 -30.81
N GLY A 178 14.91 -18.61 -31.87
CA GLY A 178 15.46 -17.26 -31.88
C GLY A 178 15.53 -16.69 -33.28
N ARG A 179 15.89 -15.41 -33.34
CA ARG A 179 15.96 -14.70 -34.60
C ARG A 179 17.06 -13.65 -34.55
N VAL A 180 17.79 -13.47 -35.65
CA VAL A 180 18.73 -12.36 -35.77
C VAL A 180 17.96 -11.11 -36.16
N ILE A 181 18.08 -10.06 -35.36
CA ILE A 181 17.28 -8.87 -35.54
C ILE A 181 18.11 -7.64 -35.87
N ALA A 182 19.43 -7.69 -35.66
CA ALA A 182 20.33 -6.61 -36.02
C ALA A 182 21.67 -7.25 -36.35
N GLU A 183 22.44 -6.58 -37.20
CA GLU A 183 23.67 -7.21 -37.69
C GLU A 183 24.61 -6.17 -38.27
N SER A 184 25.88 -6.26 -37.86
CA SER A 184 27.00 -5.67 -38.59
C SER A 184 27.88 -6.81 -39.10
N VAL A 185 27.98 -6.93 -40.42
CA VAL A 185 28.75 -8.00 -41.06
C VAL A 185 29.64 -7.39 -42.13
N ARG A 186 30.91 -7.79 -42.15
CA ARG A 186 31.91 -7.06 -42.91
C ARG A 186 32.15 -7.62 -44.30
N GLN A 187 32.55 -8.88 -44.36
CA GLN A 187 33.14 -9.47 -45.57
C GLN A 187 33.40 -10.93 -45.26
N LEU A 188 33.52 -11.73 -46.33
CA LEU A 188 33.77 -13.17 -46.20
C LEU A 188 32.60 -13.89 -45.54
N PHE A 189 31.59 -13.12 -45.09
CA PHE A 189 30.48 -13.62 -44.30
C PHE A 189 29.17 -13.24 -44.98
N THR A 190 28.26 -14.20 -45.08
CA THR A 190 26.92 -13.94 -45.55
C THR A 190 26.11 -13.29 -44.43
N SER A 191 25.03 -12.62 -44.84
CA SER A 191 24.17 -11.93 -43.88
C SER A 191 23.14 -12.88 -43.28
N MET A 192 23.09 -12.94 -41.96
CA MET A 192 22.11 -13.75 -41.25
C MET A 192 20.89 -12.94 -40.79
N LEU A 193 20.80 -11.65 -41.15
CA LEU A 193 19.76 -10.79 -40.62
C LEU A 193 18.36 -11.31 -40.92
N ASN A 194 17.51 -11.38 -39.89
CA ASN A 194 16.15 -11.92 -39.96
C ASN A 194 16.11 -13.43 -40.14
N HIS A 195 17.22 -14.13 -40.02
CA HIS A 195 17.18 -15.59 -40.07
C HIS A 195 16.76 -16.18 -38.71
N HIS A 196 15.96 -17.24 -38.79
CA HIS A 196 15.45 -17.95 -37.64
C HIS A 196 16.31 -19.17 -37.32
N PHE A 197 16.48 -19.43 -36.03
CA PHE A 197 17.26 -20.55 -35.56
C PHE A 197 16.44 -21.33 -34.54
N PRO A 198 16.49 -22.65 -34.57
CA PRO A 198 15.73 -23.44 -33.59
C PRO A 198 16.40 -23.45 -32.23
N ALA A 199 15.60 -23.85 -31.23
CA ALA A 199 16.06 -23.88 -29.85
C ALA A 199 17.19 -24.86 -29.64
N SER A 200 17.24 -25.93 -30.43
CA SER A 200 18.29 -26.93 -30.26
C SER A 200 19.68 -26.32 -30.46
N ASP A 201 19.79 -25.25 -31.25
CA ASP A 201 21.11 -24.65 -31.50
C ASP A 201 21.78 -24.18 -30.21
N ILE A 202 20.98 -23.87 -29.18
CA ILE A 202 21.52 -23.50 -27.86
C ILE A 202 20.74 -24.21 -26.77
N PRO A 203 21.15 -25.39 -26.33
CA PRO A 203 20.33 -26.12 -25.34
C PRO A 203 20.35 -25.40 -23.99
N ALA A 204 19.46 -25.85 -23.10
CA ALA A 204 19.15 -25.07 -21.91
C ALA A 204 20.35 -24.91 -20.98
N GLN A 205 21.18 -25.94 -20.87
CA GLN A 205 22.34 -25.79 -20.00
C GLN A 205 23.39 -24.89 -20.63
N ALA A 206 23.35 -24.71 -21.96
CA ALA A 206 24.21 -23.71 -22.59
C ALA A 206 23.69 -22.31 -22.34
N ARG A 207 22.37 -22.11 -22.44
CA ARG A 207 21.79 -20.81 -22.05
C ARG A 207 22.10 -20.49 -20.60
N ALA A 208 22.02 -21.49 -19.72
CA ALA A 208 22.26 -21.29 -18.30
C ALA A 208 23.64 -20.71 -18.01
N MET A 209 24.65 -21.11 -18.78
CA MET A 209 26.02 -20.65 -18.53
C MET A 209 26.13 -19.12 -18.54
N TYR A 210 25.30 -18.41 -19.30
CA TYR A 210 25.44 -16.95 -19.35
C TYR A 210 25.10 -16.29 -18.02
N SER A 211 24.34 -16.95 -17.15
CA SER A 211 24.06 -16.39 -15.83
C SER A 211 25.24 -16.58 -14.88
N ILE A 212 26.17 -17.47 -15.23
CA ILE A 212 27.36 -17.70 -14.43
C ILE A 212 28.50 -16.81 -14.91
N ASN A 213 28.69 -16.70 -16.22
CA ASN A 213 29.63 -15.77 -16.82
C ASN A 213 28.97 -15.21 -18.08
N PRO A 214 28.78 -13.89 -18.17
CA PRO A 214 28.03 -13.34 -19.31
C PRO A 214 28.74 -13.47 -20.67
N ILE A 215 30.02 -13.78 -20.74
CA ILE A 215 30.70 -13.89 -22.02
C ILE A 215 31.21 -15.31 -22.23
N ARG A 216 31.18 -15.77 -23.46
CA ARG A 216 31.77 -17.04 -23.86
C ARG A 216 32.70 -16.76 -25.04
N ILE A 217 33.99 -17.13 -24.90
CA ILE A 217 34.99 -16.88 -25.96
C ILE A 217 35.57 -18.18 -26.46
N ILE A 218 35.60 -18.33 -27.78
CA ILE A 218 36.22 -19.46 -28.47
C ILE A 218 37.21 -18.85 -29.45
N PRO A 219 38.42 -18.52 -29.00
CA PRO A 219 39.41 -17.90 -29.90
C PRO A 219 39.73 -18.71 -31.15
N ASP A 220 39.55 -20.03 -31.10
CA ASP A 220 39.96 -20.87 -32.21
C ASP A 220 39.15 -22.15 -32.17
N VAL A 221 38.28 -22.33 -33.17
CA VAL A 221 37.43 -23.51 -33.22
C VAL A 221 38.26 -24.79 -33.34
N ASN A 222 39.44 -24.72 -33.95
CA ASN A 222 40.22 -25.92 -34.22
C ASN A 222 41.42 -26.09 -33.29
N ALA A 223 41.53 -25.27 -32.25
CA ALA A 223 42.58 -25.51 -31.28
C ALA A 223 42.24 -26.76 -30.50
N GLU A 224 43.21 -27.61 -30.28
CA GLU A 224 42.95 -28.88 -29.61
C GLU A 224 42.80 -28.62 -28.11
N PRO A 225 41.80 -29.19 -27.45
CA PRO A 225 41.63 -28.92 -26.00
C PRO A 225 42.73 -29.57 -25.17
N GLN A 226 43.00 -28.97 -24.01
CA GLN A 226 43.99 -29.52 -23.09
C GLN A 226 43.28 -30.22 -21.94
N PRO A 227 43.54 -31.50 -21.69
CA PRO A 227 42.86 -32.18 -20.59
C PRO A 227 43.41 -31.77 -19.23
N LEU A 228 42.57 -31.94 -18.21
CA LEU A 228 43.00 -31.73 -16.84
C LEU A 228 43.60 -33.01 -16.30
N HIS A 229 44.84 -32.93 -15.81
CA HIS A 229 45.51 -34.07 -15.21
C HIS A 229 45.41 -33.99 -13.70
N MET A 230 45.21 -35.14 -13.08
CA MET A 230 45.26 -35.20 -11.62
C MET A 230 46.70 -35.07 -11.15
N ILE A 231 46.91 -34.17 -10.20
CA ILE A 231 48.24 -33.88 -9.68
C ILE A 231 48.38 -34.56 -8.31
N HIS A 232 47.72 -34.01 -7.31
CA HIS A 232 47.61 -34.68 -6.03
C HIS A 232 46.20 -35.23 -5.89
N LYS A 233 46.09 -36.35 -5.19
CA LYS A 233 44.82 -37.07 -5.08
C LYS A 233 43.80 -36.27 -4.29
N PRO A 234 42.68 -35.87 -4.89
CA PRO A 234 41.67 -35.12 -4.13
C PRO A 234 40.94 -36.03 -3.16
N GLN A 235 40.32 -35.40 -2.17
CA GLN A 235 39.45 -36.15 -1.26
C GLN A 235 38.20 -36.62 -1.97
N ASN A 236 37.73 -35.88 -2.98
CA ASN A 236 36.55 -36.23 -3.75
C ASN A 236 36.89 -36.23 -5.23
N THR A 237 36.58 -37.35 -5.91
CA THR A 237 36.97 -37.60 -7.29
C THR A 237 36.02 -37.00 -8.32
N GLU A 238 34.88 -36.48 -7.89
CA GLU A 238 33.89 -36.00 -8.86
C GLU A 238 34.46 -34.84 -9.65
N ALA A 239 34.00 -34.72 -10.89
CA ALA A 239 34.50 -33.68 -11.76
C ALA A 239 34.19 -32.33 -11.16
N VAL A 240 35.04 -31.35 -11.46
CA VAL A 240 34.92 -30.03 -10.87
C VAL A 240 34.28 -29.09 -11.89
N ASN A 241 33.34 -28.29 -11.43
CA ASN A 241 32.58 -27.36 -12.25
C ASN A 241 33.46 -26.19 -12.65
N LEU A 242 33.67 -25.99 -13.95
CA LEU A 242 34.57 -24.96 -14.45
C LEU A 242 33.83 -23.69 -14.92
N SER A 243 32.61 -23.45 -14.42
CA SER A 243 31.67 -22.60 -15.14
C SER A 243 31.98 -21.11 -15.05
N SER A 244 32.70 -20.65 -14.04
CA SER A 244 32.78 -19.20 -13.89
C SER A 244 33.86 -18.55 -14.74
N GLY A 245 34.85 -19.29 -15.23
CA GLY A 245 35.96 -18.74 -16.00
C GLY A 245 35.67 -18.66 -17.48
N VAL A 246 36.75 -18.63 -18.26
CA VAL A 246 36.64 -18.60 -19.72
C VAL A 246 37.33 -19.77 -20.40
N LEU A 247 38.19 -20.51 -19.70
CA LEU A 247 38.99 -21.53 -20.37
C LEU A 247 38.23 -22.81 -20.66
N ARG A 248 37.09 -23.05 -20.00
CA ARG A 248 36.29 -24.27 -20.13
C ARG A 248 36.24 -24.78 -21.57
N ALA A 249 36.49 -26.07 -21.75
CA ALA A 249 36.53 -26.64 -23.09
C ALA A 249 35.14 -26.61 -23.75
N VAL A 250 35.14 -26.57 -25.08
CA VAL A 250 33.93 -26.41 -25.88
C VAL A 250 33.39 -27.77 -26.30
N SER A 251 32.11 -27.98 -26.11
CA SER A 251 31.47 -29.22 -26.51
C SER A 251 31.74 -29.49 -27.98
N PRO A 252 32.24 -30.68 -28.34
CA PRO A 252 32.47 -31.01 -29.75
C PRO A 252 31.28 -30.76 -30.66
N LEU A 253 30.04 -30.98 -30.20
CA LEU A 253 28.90 -30.65 -31.03
C LEU A 253 28.87 -29.16 -31.38
N HIS A 254 29.22 -28.30 -30.43
CA HIS A 254 29.22 -26.89 -30.79
C HIS A 254 30.40 -26.57 -31.70
N MET A 255 31.58 -27.16 -31.45
CA MET A 255 32.71 -26.96 -32.36
C MET A 255 32.31 -27.30 -33.79
N GLN A 256 31.70 -28.46 -34.00
CA GLN A 256 31.34 -28.86 -35.35
C GLN A 256 30.25 -27.96 -35.92
N TYR A 257 29.28 -27.55 -35.08
CA TYR A 257 28.27 -26.60 -35.51
C TYR A 257 28.93 -25.34 -36.06
N LEU A 258 29.93 -24.81 -35.33
CA LEU A 258 30.65 -23.64 -35.81
C LEU A 258 31.43 -23.92 -37.08
N ARG A 259 32.01 -25.12 -37.21
CA ARG A 259 32.70 -25.47 -38.45
C ARG A 259 31.74 -25.48 -39.63
N ASN A 260 30.54 -26.05 -39.42
CA ASN A 260 29.50 -26.02 -40.44
C ASN A 260 29.04 -24.60 -40.74
N PHE A 261 29.01 -23.74 -39.71
CA PHE A 261 28.66 -22.34 -39.92
C PHE A 261 29.73 -21.55 -40.67
N GLY A 262 30.89 -22.14 -40.93
CA GLY A 262 31.98 -21.39 -41.53
C GLY A 262 32.69 -20.46 -40.58
N VAL A 263 32.75 -20.80 -39.29
CA VAL A 263 33.28 -19.93 -38.25
C VAL A 263 34.58 -20.52 -37.69
N SER A 264 35.57 -19.65 -37.50
CA SER A 264 36.84 -20.08 -36.90
C SER A 264 37.07 -19.59 -35.48
N ALA A 265 36.42 -18.49 -35.07
CA ALA A 265 36.43 -17.98 -33.70
C ALA A 265 35.04 -17.44 -33.37
N SER A 266 34.69 -17.43 -32.09
CA SER A 266 33.35 -17.08 -31.65
C SER A 266 33.35 -16.34 -30.32
N THR A 267 32.41 -15.43 -30.15
CA THR A 267 32.25 -14.78 -28.85
C THR A 267 30.81 -14.35 -28.70
N SER A 268 30.19 -14.76 -27.61
CA SER A 268 28.83 -14.35 -27.37
C SER A 268 28.74 -13.70 -25.99
N ILE A 269 27.83 -12.74 -25.87
CA ILE A 269 27.54 -12.04 -24.62
C ILE A 269 26.05 -12.10 -24.34
N GLY A 270 25.68 -12.55 -23.14
CA GLY A 270 24.28 -12.62 -22.80
C GLY A 270 23.68 -11.23 -22.65
N ILE A 271 22.49 -11.05 -23.21
CA ILE A 271 21.69 -9.85 -22.98
C ILE A 271 20.63 -10.19 -21.95
N PHE A 272 20.71 -9.57 -20.78
CA PHE A 272 19.83 -9.90 -19.68
C PHE A 272 18.78 -8.82 -19.47
N ASN A 273 17.54 -9.25 -19.38
CA ASN A 273 16.44 -8.42 -18.93
C ASN A 273 16.20 -8.84 -17.49
N GLU A 274 16.80 -8.10 -16.56
CA GLU A 274 16.89 -8.49 -15.14
C GLU A 274 17.57 -9.85 -15.08
N ASP A 275 16.93 -10.89 -14.52
CA ASP A 275 17.52 -12.23 -14.52
C ASP A 275 17.29 -12.95 -15.84
N GLU A 276 16.37 -12.49 -16.67
CA GLU A 276 15.95 -13.24 -17.83
C GLU A 276 16.96 -13.10 -18.96
N LEU A 277 17.36 -14.23 -19.54
CA LEU A 277 18.16 -14.19 -20.76
C LEU A 277 17.23 -13.87 -21.92
N TRP A 278 17.36 -12.66 -22.45
CA TRP A 278 16.51 -12.10 -23.48
C TRP A 278 17.03 -12.43 -24.87
N GLY A 279 18.33 -12.25 -25.06
CA GLY A 279 19.00 -12.51 -26.32
C GLY A 279 20.51 -12.62 -26.09
N ILE A 280 21.25 -12.44 -27.18
CA ILE A 280 22.69 -12.70 -27.19
C ILE A 280 23.32 -11.83 -28.26
N VAL A 281 24.49 -11.27 -27.96
CA VAL A 281 25.37 -10.74 -28.99
C VAL A 281 26.19 -11.91 -29.47
N ALA A 282 26.04 -12.28 -30.73
CA ALA A 282 26.81 -13.37 -31.30
C ALA A 282 27.82 -12.78 -32.30
N CYS A 283 29.11 -13.06 -32.08
CA CYS A 283 30.17 -12.57 -32.94
C CYS A 283 30.97 -13.73 -33.50
N HIS A 284 31.24 -13.65 -34.80
CA HIS A 284 31.93 -14.67 -35.58
C HIS A 284 33.11 -14.04 -36.31
N HIS A 285 34.18 -14.84 -36.48
CA HIS A 285 35.32 -14.43 -37.27
C HIS A 285 35.77 -15.60 -38.15
N THR A 286 36.21 -15.29 -39.37
CA THR A 286 36.61 -16.33 -40.31
C THR A 286 38.00 -16.89 -40.02
N LYS A 287 38.74 -16.28 -39.12
CA LYS A 287 40.08 -16.75 -38.76
C LYS A 287 40.18 -16.78 -37.25
N PRO A 288 41.14 -17.51 -36.69
CA PRO A 288 41.37 -17.45 -35.24
C PRO A 288 41.70 -16.03 -34.80
N ARG A 289 41.19 -15.64 -33.64
CA ARG A 289 41.39 -14.27 -33.19
C ARG A 289 41.39 -14.23 -31.67
N ALA A 290 42.35 -13.49 -31.10
CA ALA A 290 42.59 -13.46 -29.67
C ALA A 290 42.28 -12.08 -29.12
N ILE A 291 41.33 -11.97 -28.21
CA ILE A 291 40.98 -10.70 -27.56
C ILE A 291 41.15 -10.85 -26.04
N GLY A 292 41.86 -9.92 -25.44
CA GLY A 292 42.27 -10.04 -24.05
C GLY A 292 41.16 -9.73 -23.05
N ARG A 293 41.57 -9.69 -21.78
CA ARG A 293 40.62 -9.50 -20.68
C ARG A 293 40.00 -8.10 -20.72
N ARG A 294 40.78 -7.08 -21.06
CA ARG A 294 40.21 -5.74 -21.04
C ARG A 294 39.21 -5.56 -22.17
N ILE A 295 39.44 -6.21 -23.32
CA ILE A 295 38.47 -6.16 -24.40
C ILE A 295 37.19 -6.93 -24.02
N ARG A 296 37.33 -8.07 -23.35
CA ARG A 296 36.15 -8.83 -22.93
C ARG A 296 35.31 -8.02 -21.97
N ARG A 297 35.97 -7.32 -21.05
CA ARG A 297 35.25 -6.53 -20.07
C ARG A 297 34.64 -5.28 -20.71
N LEU A 298 35.37 -4.62 -21.59
CA LEU A 298 34.81 -3.51 -22.34
C LEU A 298 33.55 -3.93 -23.11
N LEU A 299 33.58 -5.11 -23.73
CA LEU A 299 32.40 -5.61 -24.43
C LEU A 299 31.23 -5.84 -23.49
N VAL A 300 31.49 -6.41 -22.30
CA VAL A 300 30.40 -6.78 -21.39
C VAL A 300 29.79 -5.53 -20.75
N ARG A 301 30.64 -4.62 -20.27
CA ARG A 301 30.15 -3.33 -19.79
C ARG A 301 29.32 -2.64 -20.87
N THR A 302 29.78 -2.69 -22.12
CA THR A 302 29.05 -2.01 -23.19
C THR A 302 27.68 -2.65 -23.40
N VAL A 303 27.61 -3.99 -23.43
CA VAL A 303 26.32 -4.66 -23.60
C VAL A 303 25.40 -4.37 -22.41
N GLU A 304 25.97 -4.26 -21.21
CA GLU A 304 25.15 -3.98 -20.03
C GLU A 304 24.53 -2.59 -20.10
N PHE A 305 25.28 -1.61 -20.59
CA PHE A 305 24.69 -0.29 -20.72
C PHE A 305 23.68 -0.25 -21.86
N ALA A 306 23.94 -1.00 -22.92
CA ALA A 306 23.02 -1.02 -24.05
C ALA A 306 21.69 -1.65 -23.64
N ALA A 307 21.74 -2.72 -22.85
CA ALA A 307 20.53 -3.40 -22.42
C ALA A 307 19.66 -2.52 -21.52
N GLU A 308 20.25 -1.85 -20.52
CA GLU A 308 19.47 -0.95 -19.69
C GLU A 308 18.73 0.08 -20.55
N ARG A 309 19.49 0.77 -21.38
CA ARG A 309 18.92 1.75 -22.29
C ARG A 309 17.79 1.17 -23.14
N LEU A 310 17.96 -0.06 -23.64
CA LEU A 310 16.93 -0.69 -24.46
C LEU A 310 15.66 -0.98 -23.66
N TRP A 311 15.81 -1.56 -22.46
CA TRP A 311 14.62 -1.76 -21.63
C TRP A 311 13.95 -0.43 -21.31
N LEU A 312 14.73 0.65 -21.21
CA LEU A 312 14.14 1.96 -20.91
C LEU A 312 13.37 2.48 -22.11
N ILE A 313 13.90 2.27 -23.32
CA ILE A 313 13.19 2.63 -24.54
C ILE A 313 11.84 1.90 -24.61
N HIS A 314 11.87 0.58 -24.35
CA HIS A 314 10.64 -0.21 -24.34
C HIS A 314 9.64 0.30 -23.30
N SER A 315 10.11 0.51 -22.06
CA SER A 315 9.22 0.91 -20.99
C SER A 315 8.61 2.29 -21.26
N ARG A 316 9.39 3.18 -21.85
CA ARG A 316 8.88 4.49 -22.23
C ARG A 316 7.90 4.40 -23.37
N ASN A 317 8.09 3.46 -24.30
CA ASN A 317 7.10 3.24 -25.35
C ASN A 317 5.76 2.81 -24.76
N VAL A 318 5.78 2.14 -23.61
CA VAL A 318 4.53 1.70 -22.98
C VAL A 318 3.74 2.91 -22.50
N GLU A 319 4.41 3.81 -21.77
CA GLU A 319 3.81 5.07 -21.35
C GLU A 319 3.36 5.90 -22.54
N ARG A 320 4.20 5.99 -23.57
CA ARG A 320 3.84 6.78 -24.75
C ARG A 320 2.57 6.24 -25.41
N TYR A 321 2.43 4.92 -25.45
CA TYR A 321 1.22 4.33 -26.00
C TYR A 321 0.02 4.70 -25.14
N MET A 322 0.15 4.60 -23.81
CA MET A 322 -0.96 4.98 -22.95
C MET A 322 -1.37 6.44 -23.17
N VAL A 323 -0.41 7.32 -23.44
CA VAL A 323 -0.72 8.70 -23.79
C VAL A 323 -1.50 8.75 -25.10
N THR A 324 -1.13 7.89 -26.06
CA THR A 324 -1.85 7.86 -27.35
C THR A 324 -3.31 7.43 -27.14
N VAL A 325 -3.52 6.48 -26.25
CA VAL A 325 -4.86 5.98 -25.98
C VAL A 325 -5.67 7.03 -25.23
N GLN A 326 -5.04 7.72 -24.28
CA GLN A 326 -5.69 8.84 -23.61
C GLN A 326 -6.09 9.93 -24.60
N ALA A 327 -5.27 10.15 -25.63
CA ALA A 327 -5.64 11.12 -26.66
C ALA A 327 -6.84 10.64 -27.46
N ALA A 328 -6.85 9.36 -27.83
CA ALA A 328 -7.98 8.83 -28.61
C ALA A 328 -9.27 8.91 -27.80
N ARG A 329 -9.18 8.70 -26.48
CA ARG A 329 -10.37 8.78 -25.64
C ARG A 329 -10.82 10.22 -25.42
N GLU A 330 -9.88 11.16 -25.31
CA GLU A 330 -10.29 12.57 -25.26
C GLU A 330 -10.94 13.01 -26.58
N GLN A 331 -10.46 12.48 -27.72
CA GLN A 331 -11.12 12.74 -29.00
C GLN A 331 -12.52 12.15 -28.99
N LEU A 332 -12.67 10.97 -28.40
CA LEU A 332 -13.97 10.31 -28.40
C LEU A 332 -14.94 11.03 -27.48
N SER A 333 -14.45 11.55 -26.35
CA SER A 333 -15.36 12.25 -25.46
C SER A 333 -15.86 13.55 -26.09
N THR A 334 -15.06 14.14 -26.98
CA THR A 334 -15.45 15.40 -27.61
C THR A 334 -16.48 15.17 -28.70
N THR A 335 -16.31 14.14 -29.52
CA THR A 335 -17.38 13.79 -30.44
C THR A 335 -18.66 13.49 -29.69
N ALA A 336 -18.56 12.88 -28.50
CA ALA A 336 -19.77 12.55 -27.74
C ALA A 336 -20.40 13.80 -27.13
N ASP A 337 -19.59 14.74 -26.65
CA ASP A 337 -20.16 16.00 -26.15
C ASP A 337 -20.94 16.73 -27.24
N ASP A 338 -20.63 16.45 -28.49
CA ASP A 338 -21.29 17.05 -29.65
C ASP A 338 -22.59 16.29 -29.93
N LYS A 339 -23.10 15.60 -28.90
CA LYS A 339 -24.37 14.89 -28.86
C LYS A 339 -24.46 13.74 -29.85
N HIS A 340 -23.34 13.28 -30.39
CA HIS A 340 -23.40 12.19 -31.35
C HIS A 340 -23.69 10.85 -30.68
N SER A 341 -24.35 9.97 -31.41
CA SER A 341 -24.57 8.62 -30.93
C SER A 341 -23.29 7.80 -31.04
N SER A 342 -23.24 6.70 -30.27
CA SER A 342 -22.04 5.89 -30.31
C SER A 342 -21.86 5.25 -31.69
N HIS A 343 -22.96 5.02 -32.41
CA HIS A 343 -22.85 4.67 -33.83
C HIS A 343 -22.07 5.73 -34.61
N GLU A 344 -22.36 7.01 -34.38
CA GLU A 344 -21.70 8.04 -35.16
C GLU A 344 -20.27 8.24 -34.71
N ILE A 345 -20.01 8.07 -33.42
CA ILE A 345 -18.64 8.07 -32.92
C ILE A 345 -17.83 7.00 -33.63
N VAL A 346 -18.42 5.81 -33.85
CA VAL A 346 -17.65 4.74 -34.47
C VAL A 346 -17.30 5.09 -35.92
N ILE A 347 -18.27 5.58 -36.68
CA ILE A 347 -17.98 5.93 -38.06
C ILE A 347 -16.91 7.03 -38.12
N GLU A 348 -16.95 7.95 -37.17
CA GLU A 348 -16.04 9.08 -37.17
C GLU A 348 -14.59 8.65 -36.90
N HIS A 349 -14.38 7.70 -35.98
CA HIS A 349 -13.06 7.45 -35.40
C HIS A 349 -12.51 6.06 -35.63
N ALA A 350 -13.28 5.16 -36.24
CA ALA A 350 -12.86 3.76 -36.30
C ALA A 350 -11.56 3.56 -37.08
N ALA A 351 -11.21 4.49 -37.98
CA ALA A 351 -9.96 4.34 -38.73
C ALA A 351 -8.75 4.65 -37.85
N ASP A 352 -8.81 5.71 -37.04
CA ASP A 352 -7.79 5.94 -36.01
C ASP A 352 -7.67 4.74 -35.08
N TRP A 353 -8.79 4.14 -34.70
CA TRP A 353 -8.74 2.99 -33.79
C TRP A 353 -8.01 1.82 -34.42
N CYS A 354 -8.17 1.64 -35.73
CA CYS A 354 -7.48 0.54 -36.41
C CYS A 354 -5.96 0.69 -36.28
N LYS A 355 -5.43 1.92 -36.40
CA LYS A 355 -4.02 2.17 -36.10
C LYS A 355 -3.72 1.92 -34.64
N LEU A 356 -4.47 2.57 -33.75
CA LEU A 356 -4.25 2.42 -32.31
C LEU A 356 -4.19 0.96 -31.90
N PHE A 357 -5.03 0.12 -32.49
CA PHE A 357 -5.14 -1.27 -32.08
C PHE A 357 -4.46 -2.23 -33.04
N ARG A 358 -3.86 -1.73 -34.13
CA ARG A 358 -3.22 -2.58 -35.12
C ARG A 358 -4.16 -3.72 -35.51
N CYS A 359 -5.32 -3.33 -36.00
CA CYS A 359 -6.30 -4.28 -36.48
C CYS A 359 -6.86 -3.77 -37.79
N ASP A 360 -7.64 -4.61 -38.46
CA ASP A 360 -8.05 -4.32 -39.81
C ASP A 360 -9.49 -3.87 -39.95
N GLY A 361 -10.27 -3.98 -38.89
CA GLY A 361 -11.70 -3.75 -39.01
C GLY A 361 -12.32 -3.76 -37.65
N ILE A 362 -13.46 -3.09 -37.56
CA ILE A 362 -14.12 -2.80 -36.30
C ILE A 362 -15.61 -2.99 -36.48
N GLY A 363 -16.23 -3.73 -35.58
CA GLY A 363 -17.68 -3.81 -35.52
C GLY A 363 -18.17 -3.40 -34.16
N TYR A 364 -19.14 -2.51 -34.09
CA TYR A 364 -19.77 -2.12 -32.84
C TYR A 364 -21.22 -2.52 -32.89
N LEU A 365 -21.67 -3.27 -31.89
CA LEU A 365 -22.97 -3.91 -31.92
C LEU A 365 -23.72 -3.56 -30.64
N ARG A 366 -24.95 -3.07 -30.79
CA ARG A 366 -25.84 -2.88 -29.64
C ARG A 366 -27.24 -3.27 -30.07
N GLY A 367 -27.74 -4.36 -29.51
CA GLY A 367 -29.06 -4.84 -29.89
C GLY A 367 -29.06 -5.24 -31.35
N GLU A 368 -30.05 -4.75 -32.09
CA GLU A 368 -30.18 -5.04 -33.50
C GLU A 368 -29.26 -4.19 -34.37
N GLU A 369 -28.56 -3.24 -33.78
CA GLU A 369 -27.84 -2.23 -34.54
C GLU A 369 -26.36 -2.60 -34.67
N LEU A 370 -25.87 -2.62 -35.92
CA LEU A 370 -24.51 -3.00 -36.24
C LEU A 370 -23.83 -1.90 -37.05
N THR A 371 -22.62 -1.49 -36.63
CA THR A 371 -21.81 -0.50 -37.33
C THR A 371 -20.42 -1.08 -37.57
N THR A 372 -19.92 -0.98 -38.80
CA THR A 372 -18.62 -1.55 -39.12
C THR A 372 -17.71 -0.54 -39.77
N TYR A 373 -16.42 -0.90 -39.81
CA TYR A 373 -15.40 -0.16 -40.52
C TYR A 373 -14.30 -1.12 -40.95
N GLY A 374 -13.86 -1.00 -42.19
CA GLY A 374 -12.71 -1.75 -42.66
C GLY A 374 -12.96 -3.20 -43.03
N GLU A 375 -12.03 -4.07 -42.66
CA GLU A 375 -12.12 -5.48 -43.01
C GLU A 375 -12.88 -6.21 -41.90
N THR A 376 -14.05 -6.73 -42.25
CA THR A 376 -14.96 -7.29 -41.30
C THR A 376 -15.64 -8.51 -41.91
N PRO A 377 -15.87 -9.55 -41.12
CA PRO A 377 -16.80 -10.61 -41.55
C PRO A 377 -18.17 -10.02 -41.85
N ASP A 378 -18.95 -10.75 -42.64
CA ASP A 378 -20.28 -10.25 -42.95
C ASP A 378 -21.16 -10.29 -41.70
N GLN A 379 -22.32 -9.64 -41.81
CA GLN A 379 -23.18 -9.43 -40.65
C GLN A 379 -23.65 -10.76 -40.05
N THR A 380 -23.95 -11.74 -40.90
CA THR A 380 -24.32 -13.08 -40.44
C THR A 380 -23.25 -13.67 -39.53
N THR A 381 -22.00 -13.61 -39.97
CA THR A 381 -20.89 -14.18 -39.20
C THR A 381 -20.65 -13.39 -37.93
N ILE A 382 -20.82 -12.08 -37.98
CA ILE A 382 -20.75 -11.27 -36.77
C ILE A 382 -21.79 -11.74 -35.76
N ASN A 383 -23.00 -12.03 -36.23
CA ASN A 383 -24.06 -12.43 -35.32
C ASN A 383 -23.79 -13.81 -34.72
N LYS A 384 -23.25 -14.73 -35.52
CA LYS A 384 -22.85 -16.03 -35.01
C LYS A 384 -21.68 -15.94 -34.02
N LEU A 385 -20.74 -15.02 -34.24
CA LEU A 385 -19.69 -14.81 -33.24
C LEU A 385 -20.29 -14.24 -31.94
N VAL A 386 -21.13 -13.22 -32.05
CA VAL A 386 -21.75 -12.64 -30.86
C VAL A 386 -22.50 -13.71 -30.07
N GLU A 387 -23.25 -14.56 -30.75
CA GLU A 387 -23.98 -15.62 -30.04
C GLU A 387 -23.02 -16.60 -29.40
N TRP A 388 -21.97 -17.00 -30.11
CA TRP A 388 -21.02 -17.95 -29.54
C TRP A 388 -20.29 -17.36 -28.34
N LEU A 389 -19.79 -16.12 -28.46
CA LEU A 389 -19.18 -15.43 -27.33
C LEU A 389 -20.15 -15.32 -26.16
N GLU A 390 -21.42 -15.04 -26.43
CA GLU A 390 -22.44 -14.99 -25.38
C GLU A 390 -22.58 -16.33 -24.67
N GLU A 391 -22.35 -17.43 -25.38
CA GLU A 391 -22.53 -18.75 -24.82
C GLU A 391 -21.24 -19.38 -24.29
N ASN A 392 -20.11 -19.16 -24.97
CA ASN A 392 -18.88 -19.83 -24.60
C ASN A 392 -17.74 -18.88 -24.26
N GLY A 393 -17.90 -17.58 -24.48
CA GLY A 393 -16.87 -16.61 -24.19
C GLY A 393 -17.11 -15.67 -23.03
N LYS A 394 -18.19 -15.85 -22.27
CA LYS A 394 -18.42 -15.03 -21.10
C LYS A 394 -17.37 -15.38 -20.04
N LYS A 395 -17.53 -14.80 -18.85
CA LYS A 395 -16.57 -14.99 -17.77
C LYS A 395 -15.16 -14.56 -18.22
N SER A 396 -15.10 -13.34 -18.74
CA SER A 396 -13.86 -12.70 -19.18
C SER A 396 -14.13 -11.22 -19.41
N LEU A 397 -13.18 -10.38 -18.99
CA LEU A 397 -13.23 -8.96 -19.32
C LEU A 397 -13.22 -8.75 -20.83
N PHE A 398 -12.56 -9.65 -21.56
CA PHE A 398 -12.47 -9.59 -23.01
C PHE A 398 -12.11 -10.98 -23.49
N TRP A 399 -12.43 -11.26 -24.73
CA TRP A 399 -12.12 -12.54 -25.34
C TRP A 399 -11.28 -12.27 -26.57
N HIS A 400 -10.11 -12.89 -26.67
CA HIS A 400 -9.24 -12.60 -27.80
C HIS A 400 -8.68 -13.91 -28.36
N SER A 401 -8.17 -13.81 -29.58
CA SER A 401 -7.65 -14.95 -30.32
C SER A 401 -6.89 -14.43 -31.52
N HIS A 402 -5.77 -15.10 -31.83
CA HIS A 402 -5.00 -14.83 -33.03
C HIS A 402 -4.96 -16.06 -33.93
N MET A 403 -5.71 -17.10 -33.56
CA MET A 403 -5.86 -18.32 -34.31
C MET A 403 -7.36 -18.66 -34.24
N LEU A 404 -8.18 -17.83 -34.88
CA LEU A 404 -9.61 -17.89 -34.62
C LEU A 404 -10.24 -19.21 -35.05
N LYS A 405 -9.72 -19.84 -36.11
CA LYS A 405 -10.31 -21.11 -36.56
C LYS A 405 -10.01 -22.23 -35.58
N GLU A 406 -8.80 -22.24 -34.98
CA GLU A 406 -8.51 -23.17 -33.90
C GLU A 406 -9.41 -22.91 -32.68
N ASP A 407 -9.48 -21.65 -32.25
CA ASP A 407 -10.02 -21.31 -30.93
C ASP A 407 -11.55 -21.26 -30.90
N ALA A 408 -12.21 -21.14 -32.04
CA ALA A 408 -13.67 -21.06 -32.08
C ALA A 408 -14.20 -21.68 -33.37
N PRO A 409 -13.98 -22.98 -33.57
CA PRO A 409 -14.31 -23.61 -34.85
C PRO A 409 -15.81 -23.65 -35.10
N GLY A 410 -16.17 -23.91 -36.36
CA GLY A 410 -17.55 -23.88 -36.77
C GLY A 410 -18.12 -22.49 -36.92
N LEU A 411 -17.30 -21.45 -36.76
CA LEU A 411 -17.85 -20.10 -36.77
C LEU A 411 -17.62 -19.41 -38.10
N LEU A 412 -16.37 -19.17 -38.45
CA LEU A 412 -16.07 -18.49 -39.72
C LEU A 412 -16.50 -19.36 -40.90
N PRO A 413 -16.88 -18.74 -42.02
CA PRO A 413 -16.98 -19.49 -43.27
C PRO A 413 -15.64 -20.09 -43.64
N ASP A 414 -15.67 -21.20 -44.37
CA ASP A 414 -14.42 -21.84 -44.76
C ASP A 414 -13.63 -20.92 -45.67
N GLY A 415 -12.30 -21.03 -45.60
CA GLY A 415 -11.44 -20.21 -46.41
C GLY A 415 -11.40 -18.76 -45.98
N SER A 416 -12.08 -18.42 -44.89
CA SER A 416 -12.10 -17.04 -44.42
C SER A 416 -10.69 -16.56 -44.12
N ARG A 417 -10.47 -15.29 -44.37
CA ARG A 417 -9.19 -14.65 -44.14
C ARG A 417 -9.03 -14.07 -42.74
N PHE A 418 -10.07 -14.08 -41.91
CA PHE A 418 -9.94 -13.51 -40.57
C PHE A 418 -9.30 -14.54 -39.65
N ALA A 419 -8.27 -14.10 -38.95
CA ALA A 419 -7.53 -14.95 -38.03
C ALA A 419 -7.54 -14.44 -36.60
N GLY A 420 -7.61 -13.14 -36.39
CA GLY A 420 -7.62 -12.53 -35.06
C GLY A 420 -8.95 -11.85 -34.76
N LEU A 421 -9.35 -11.95 -33.49
CA LEU A 421 -10.53 -11.27 -32.97
C LEU A 421 -10.23 -10.84 -31.54
N LEU A 422 -10.49 -9.57 -31.26
CA LEU A 422 -10.64 -9.05 -29.90
C LEU A 422 -12.10 -8.64 -29.68
N ALA A 423 -12.74 -9.16 -28.64
CA ALA A 423 -14.16 -8.92 -28.41
C ALA A 423 -14.35 -8.41 -26.99
N ILE A 424 -14.95 -7.23 -26.86
CA ILE A 424 -15.24 -6.62 -25.56
C ILE A 424 -16.75 -6.71 -25.31
N PRO A 425 -17.20 -7.50 -24.34
CA PRO A 425 -18.64 -7.53 -24.05
C PRO A 425 -19.07 -6.26 -23.33
N LEU A 426 -20.17 -5.67 -23.78
CA LEU A 426 -20.63 -4.41 -23.20
C LEU A 426 -21.91 -4.56 -22.38
N LYS A 427 -22.65 -5.65 -22.55
CA LYS A 427 -23.78 -5.96 -21.70
C LYS A 427 -23.60 -7.32 -21.05
N SER A 428 -24.44 -7.61 -20.05
CA SER A 428 -24.46 -8.93 -19.42
C SER A 428 -25.75 -9.07 -18.62
N ASP A 429 -26.45 -10.18 -18.84
CA ASP A 429 -27.73 -10.46 -18.17
C ASP A 429 -28.73 -9.33 -18.34
N ALA A 430 -28.65 -8.62 -19.47
CA ALA A 430 -29.51 -7.48 -19.75
C ALA A 430 -30.46 -7.80 -20.91
N ASP A 431 -31.17 -6.76 -21.37
CA ASP A 431 -32.18 -6.91 -22.41
C ASP A 431 -31.59 -7.13 -23.81
N LEU A 432 -30.33 -6.76 -24.04
CA LEU A 432 -29.71 -6.90 -25.35
C LEU A 432 -28.24 -7.24 -25.21
N PHE A 433 -27.63 -7.57 -26.33
CA PHE A 433 -26.20 -7.81 -26.46
C PHE A 433 -25.48 -6.54 -26.91
N SER A 434 -24.27 -6.35 -26.43
CA SER A 434 -23.45 -5.27 -26.98
C SER A 434 -21.98 -5.66 -26.97
N TYR A 435 -21.33 -5.46 -28.11
CA TYR A 435 -19.93 -5.82 -28.26
C TYR A 435 -19.22 -4.75 -29.06
N LEU A 436 -17.95 -4.52 -28.72
CA LEU A 436 -16.99 -4.00 -29.66
C LEU A 436 -16.13 -5.17 -30.11
N LEU A 437 -15.95 -5.28 -31.41
CA LEU A 437 -15.23 -6.36 -32.07
C LEU A 437 -14.12 -5.75 -32.90
N LEU A 438 -12.92 -6.29 -32.79
CA LEU A 438 -11.77 -5.83 -33.55
C LEU A 438 -11.19 -7.05 -34.26
N PHE A 439 -11.02 -6.93 -35.58
CA PHE A 439 -10.64 -8.06 -36.41
C PHE A 439 -9.24 -7.87 -36.97
N ARG A 440 -8.50 -8.98 -37.07
CA ARG A 440 -7.22 -9.02 -37.76
C ARG A 440 -7.28 -10.11 -38.81
N VAL A 441 -6.88 -9.78 -40.04
CA VAL A 441 -6.77 -10.81 -41.05
C VAL A 441 -5.54 -11.65 -40.79
N ALA A 442 -5.54 -12.86 -41.34
CA ALA A 442 -4.33 -13.66 -41.30
C ALA A 442 -3.20 -12.90 -41.96
N GLN A 443 -2.04 -12.92 -41.32
CA GLN A 443 -0.81 -12.48 -41.94
C GLN A 443 0.03 -13.72 -42.16
N ASN A 444 0.22 -14.10 -43.42
CA ASN A 444 0.86 -15.36 -43.75
C ASN A 444 2.36 -15.10 -43.84
N GLU A 445 3.05 -15.32 -42.73
CA GLU A 445 4.44 -14.89 -42.56
C GLU A 445 5.39 -15.91 -43.17
N VAL A 446 6.27 -15.42 -44.04
CA VAL A 446 7.35 -16.23 -44.59
C VAL A 446 8.55 -16.10 -43.65
N ARG A 447 8.84 -17.19 -42.92
CA ARG A 447 10.04 -17.25 -42.07
C ARG A 447 11.21 -17.82 -42.86
N THR A 448 12.35 -17.16 -42.78
CA THR A 448 13.58 -17.69 -43.36
C THR A 448 14.42 -18.31 -42.25
N TRP A 449 14.79 -19.57 -42.45
CA TRP A 449 15.61 -20.30 -41.51
C TRP A 449 17.03 -20.42 -42.05
N ALA A 450 17.99 -20.43 -41.12
CA ALA A 450 19.39 -20.69 -41.44
C ALA A 450 19.59 -22.20 -41.49
N GLY A 451 19.15 -22.80 -42.62
CA GLY A 451 19.07 -24.23 -42.77
C GLY A 451 17.76 -24.79 -42.25
N LYS A 452 17.29 -25.91 -42.81
CA LYS A 452 16.00 -26.47 -42.39
C LYS A 452 16.07 -26.91 -40.94
N PRO A 453 15.13 -26.43 -40.06
CA PRO A 453 15.20 -26.68 -38.60
C PRO A 453 14.81 -28.10 -38.23
N GLU A 454 15.48 -29.07 -38.85
CA GLU A 454 15.16 -30.47 -38.60
C GLU A 454 15.48 -30.86 -37.16
N LYS A 455 14.56 -31.62 -36.55
CA LYS A 455 14.82 -32.17 -35.23
C LYS A 455 15.93 -33.22 -35.30
N LEU A 456 16.84 -33.16 -34.33
CA LEU A 456 18.07 -33.93 -34.42
C LEU A 456 17.82 -35.43 -34.20
N SER A 457 18.60 -36.25 -34.91
CA SER A 457 18.51 -37.70 -34.78
C SER A 457 19.90 -38.30 -34.83
N VAL A 458 20.43 -38.49 -36.03
CA VAL A 458 21.85 -38.74 -36.23
C VAL A 458 22.25 -38.06 -37.54
N GLU A 459 23.41 -37.43 -37.55
CA GLU A 459 23.96 -36.78 -38.74
C GLU A 459 24.93 -37.75 -39.40
N THR A 460 24.54 -38.29 -40.55
CA THR A 460 25.28 -39.37 -41.19
C THR A 460 26.59 -38.92 -41.85
N SER A 461 26.71 -37.63 -42.19
CA SER A 461 27.98 -37.16 -42.77
C SER A 461 29.10 -37.24 -41.74
N THR A 462 28.80 -36.93 -40.48
CA THR A 462 29.80 -36.99 -39.42
C THR A 462 29.74 -38.29 -38.62
N GLY A 463 28.64 -39.02 -38.69
CA GLY A 463 28.42 -40.17 -37.82
C GLY A 463 28.24 -39.77 -36.37
N THR A 464 27.56 -38.66 -36.13
CA THR A 464 27.39 -38.06 -34.81
C THR A 464 25.95 -38.25 -34.37
N MET A 465 25.75 -38.87 -33.20
CA MET A 465 24.43 -38.85 -32.58
C MET A 465 24.08 -37.42 -32.16
N LEU A 466 22.92 -36.94 -32.61
CA LEU A 466 22.43 -35.59 -32.32
C LEU A 466 23.27 -34.49 -32.98
N GLY A 467 23.93 -34.81 -34.09
CA GLY A 467 24.80 -33.86 -34.76
C GLY A 467 24.08 -32.65 -35.34
N PRO A 468 24.78 -31.53 -35.43
CA PRO A 468 24.18 -30.31 -36.01
C PRO A 468 23.99 -30.44 -37.52
N ARG A 469 23.11 -29.59 -38.05
CA ARG A 469 22.88 -29.57 -39.49
C ARG A 469 24.17 -29.17 -40.21
N LYS A 470 24.29 -29.60 -41.46
CA LYS A 470 25.49 -29.30 -42.21
C LYS A 470 25.46 -27.89 -42.77
N SER A 471 24.28 -27.45 -43.23
CA SER A 471 24.13 -26.25 -44.04
C SER A 471 23.24 -25.24 -43.31
N PHE A 472 23.69 -24.00 -43.25
CA PHE A 472 22.93 -22.88 -42.73
C PHE A 472 22.32 -22.03 -43.83
N GLU A 473 22.20 -22.57 -45.04
CA GLU A 473 21.72 -21.79 -46.16
C GLU A 473 20.23 -21.54 -46.05
N ALA A 474 19.81 -20.36 -46.48
CA ALA A 474 18.45 -19.88 -46.26
C ALA A 474 17.42 -20.90 -46.72
N TRP A 475 16.43 -21.13 -45.86
CA TRP A 475 15.38 -22.10 -46.10
C TRP A 475 14.08 -21.49 -45.58
N GLN A 476 13.06 -21.44 -46.43
CA GLN A 476 11.83 -20.73 -46.12
C GLN A 476 10.70 -21.71 -45.83
N ASP A 477 9.95 -21.44 -44.76
CA ASP A 477 8.68 -22.11 -44.54
C ASP A 477 7.61 -21.05 -44.30
N GLU A 478 6.40 -21.50 -44.04
CA GLU A 478 5.30 -20.57 -43.83
C GLU A 478 4.44 -21.06 -42.69
N VAL A 479 4.00 -20.13 -41.85
CA VAL A 479 2.89 -20.36 -40.93
C VAL A 479 1.74 -19.47 -41.36
N SER A 480 0.59 -20.06 -41.56
CA SER A 480 -0.59 -19.36 -42.04
C SER A 480 -1.67 -19.40 -40.97
N GLY A 481 -2.80 -18.77 -41.27
CA GLY A 481 -3.95 -18.83 -40.40
C GLY A 481 -3.76 -18.20 -39.04
N LYS A 482 -2.84 -17.25 -38.92
CA LYS A 482 -2.61 -16.57 -37.66
C LYS A 482 -2.30 -15.10 -37.91
N SER A 483 -2.67 -14.27 -36.95
CA SER A 483 -2.38 -12.85 -36.96
C SER A 483 -1.43 -12.56 -35.81
N GLN A 484 -1.00 -11.31 -35.72
CA GLN A 484 -0.29 -10.87 -34.54
C GLN A 484 -1.09 -11.24 -33.30
N PRO A 485 -0.44 -11.65 -32.21
CA PRO A 485 -1.18 -11.81 -30.96
C PRO A 485 -1.57 -10.45 -30.43
N TRP A 486 -2.61 -10.42 -29.60
CA TRP A 486 -3.06 -9.16 -29.03
C TRP A 486 -2.17 -8.80 -27.86
N ARG A 487 -1.56 -7.62 -27.91
CA ARG A 487 -0.78 -7.13 -26.78
C ARG A 487 -1.70 -6.76 -25.62
N THR A 488 -1.20 -6.99 -24.40
CA THR A 488 -1.95 -6.65 -23.21
C THR A 488 -2.37 -5.19 -23.21
N ALA A 489 -1.48 -4.30 -23.68
CA ALA A 489 -1.81 -2.87 -23.74
C ALA A 489 -3.01 -2.61 -24.65
N GLN A 490 -3.17 -3.41 -25.70
CA GLN A 490 -4.28 -3.19 -26.61
C GLN A 490 -5.57 -3.74 -26.04
N LEU A 491 -5.49 -4.87 -25.35
CA LEU A 491 -6.67 -5.45 -24.73
C LEU A 491 -7.34 -4.43 -23.82
N TYR A 492 -6.54 -3.78 -22.98
CA TYR A 492 -7.10 -2.84 -22.03
C TYR A 492 -7.51 -1.53 -22.69
N ALA A 493 -6.76 -1.08 -23.70
CA ALA A 493 -7.15 0.16 -24.37
C ALA A 493 -8.44 -0.02 -25.17
N ALA A 494 -8.64 -1.20 -25.75
CA ALA A 494 -9.86 -1.46 -26.49
C ALA A 494 -11.04 -1.65 -25.53
N ARG A 495 -10.79 -2.25 -24.38
CA ARG A 495 -11.85 -2.33 -23.38
C ARG A 495 -12.26 -0.93 -22.92
N ASP A 496 -11.27 -0.05 -22.72
CA ASP A 496 -11.58 1.32 -22.31
C ASP A 496 -12.36 2.06 -23.39
N ILE A 497 -11.93 1.94 -24.65
CA ILE A 497 -12.66 2.58 -25.75
C ILE A 497 -14.08 2.04 -25.85
N ALA A 498 -14.22 0.71 -25.80
CA ALA A 498 -15.53 0.08 -25.95
C ALA A 498 -16.47 0.53 -24.84
N ARG A 499 -15.94 0.66 -23.63
CA ARG A 499 -16.76 1.07 -22.52
C ARG A 499 -17.09 2.56 -22.58
N ASP A 500 -16.24 3.37 -23.25
CA ASP A 500 -16.65 4.74 -23.53
C ASP A 500 -17.90 4.78 -24.41
N LEU A 501 -17.99 3.85 -25.37
CA LEU A 501 -19.17 3.80 -26.22
C LEU A 501 -20.39 3.35 -25.40
N LEU A 502 -20.17 2.41 -24.49
CA LEU A 502 -21.26 1.90 -23.68
C LEU A 502 -21.90 3.02 -22.87
N ILE A 503 -21.07 3.91 -22.30
CA ILE A 503 -21.58 5.01 -21.50
C ILE A 503 -22.42 5.95 -22.34
N VAL A 504 -21.99 6.20 -23.58
CA VAL A 504 -22.79 7.04 -24.49
C VAL A 504 -24.13 6.38 -24.78
N ALA A 505 -24.10 5.12 -25.20
CA ALA A 505 -25.31 4.43 -25.59
C ALA A 505 -26.28 4.30 -24.41
N ASP A 506 -25.75 4.10 -23.21
CA ASP A 506 -26.58 3.97 -22.02
C ASP A 506 -27.22 5.30 -21.66
N SER A 507 -26.46 6.38 -21.78
CA SER A 507 -27.04 7.71 -21.59
C SER A 507 -28.24 7.93 -22.50
N MET A 508 -28.09 7.65 -23.79
CA MET A 508 -29.21 7.87 -24.71
C MET A 508 -30.38 6.93 -24.42
N GLN A 509 -30.10 5.67 -24.07
CA GLN A 509 -31.22 4.77 -23.78
C GLN A 509 -31.94 5.16 -22.48
N LEU A 510 -31.23 5.77 -21.53
CA LEU A 510 -31.90 6.28 -20.33
C LEU A 510 -32.79 7.46 -20.66
N ASN A 511 -32.34 8.36 -21.53
CA ASN A 511 -33.23 9.43 -21.99
C ASN A 511 -34.51 8.85 -22.60
N LEU A 512 -34.35 8.04 -23.65
CA LEU A 512 -35.50 7.44 -24.33
C LEU A 512 -36.43 6.73 -23.35
N LEU A 513 -35.86 5.90 -22.47
CA LEU A 513 -36.68 5.12 -21.55
C LEU A 513 -37.43 6.01 -20.57
N ASN A 514 -36.76 7.05 -20.06
CA ASN A 514 -37.44 7.99 -19.19
C ASN A 514 -38.64 8.63 -19.89
N ASP A 515 -38.47 9.01 -21.15
CA ASP A 515 -39.59 9.60 -21.89
C ASP A 515 -40.74 8.60 -22.04
N GLN A 516 -40.40 7.36 -22.41
CA GLN A 516 -41.45 6.37 -22.68
C GLN A 516 -42.18 5.96 -21.41
N LEU A 517 -41.48 5.92 -20.28
CA LEU A 517 -42.19 5.68 -19.01
C LEU A 517 -42.96 6.93 -18.57
N ALA A 518 -42.54 8.12 -19.02
CA ALA A 518 -43.33 9.31 -18.77
C ALA A 518 -44.66 9.25 -19.51
N ASP A 519 -44.65 8.70 -20.72
CA ASP A 519 -45.88 8.63 -21.50
C ASP A 519 -46.82 7.53 -21.01
N ASP B 11 17.38 13.80 42.84
CA ASP B 11 17.13 13.38 41.47
C ASP B 11 15.69 13.69 41.08
N ILE B 12 15.51 14.09 39.81
CA ILE B 12 14.18 14.44 39.32
C ILE B 12 13.26 13.23 39.28
N SER B 13 13.83 12.01 39.24
CA SER B 13 13.00 10.81 39.33
C SER B 13 12.28 10.74 40.68
N LYS B 14 12.97 11.13 41.76
CA LYS B 14 12.32 11.19 43.06
C LYS B 14 11.28 12.30 43.12
N LEU B 15 11.55 13.43 42.44
CA LEU B 15 10.59 14.53 42.44
C LEU B 15 9.30 14.12 41.75
N ILE B 16 9.42 13.46 40.59
CA ILE B 16 8.22 12.95 39.93
C ILE B 16 7.55 11.91 40.82
N ALA B 17 8.34 11.06 41.47
CA ALA B 17 7.77 10.04 42.35
C ALA B 17 6.94 10.65 43.47
N ALA B 18 7.43 11.75 44.06
CA ALA B 18 6.73 12.37 45.18
C ALA B 18 5.36 12.91 44.78
N CYS B 19 5.07 13.06 43.48
CA CYS B 19 3.76 13.53 43.05
C CYS B 19 2.63 12.59 43.44
N ASP B 20 2.95 11.37 43.85
CA ASP B 20 1.93 10.45 44.37
C ASP B 20 1.77 10.59 45.88
N GLN B 21 2.52 11.48 46.52
CA GLN B 21 2.27 11.73 47.95
C GLN B 21 0.93 12.43 48.15
N GLU B 22 0.51 13.28 47.23
CA GLU B 22 -0.71 14.05 47.46
C GLU B 22 -1.92 13.13 47.39
N PRO B 23 -2.78 13.00 48.56
CA PRO B 23 -4.00 12.17 48.56
C PRO B 23 -5.17 12.93 47.93
N ILE B 24 -5.26 12.87 46.60
CA ILE B 24 -6.25 13.63 45.87
C ILE B 24 -7.66 13.10 46.06
N HIS B 25 -7.79 11.90 46.61
CA HIS B 25 -9.12 11.35 46.87
C HIS B 25 -9.76 11.93 48.11
N ILE B 26 -8.97 12.52 49.01
CA ILE B 26 -9.48 13.03 50.28
C ILE B 26 -9.08 14.49 50.48
N PRO B 27 -9.45 15.40 49.57
CA PRO B 27 -9.02 16.80 49.74
C PRO B 27 -9.81 17.56 50.80
N ASN B 28 -10.91 16.99 51.29
CA ASN B 28 -11.75 17.61 52.32
C ASN B 28 -12.23 18.98 51.89
N ALA B 29 -12.46 19.12 50.59
CA ALA B 29 -12.89 20.36 49.99
C ALA B 29 -13.53 20.03 48.65
N ILE B 30 -14.28 20.97 48.11
CA ILE B 30 -15.00 20.76 46.87
C ILE B 30 -14.89 22.03 46.03
N GLN B 31 -15.06 21.85 44.73
CA GLN B 31 -15.18 22.99 43.85
C GLN B 31 -16.54 23.65 44.06
N PRO B 32 -16.62 24.96 43.90
CA PRO B 32 -17.85 25.67 44.28
C PRO B 32 -18.99 25.65 43.27
N PHE B 33 -19.10 24.66 42.37
CA PHE B 33 -20.27 24.61 41.51
C PHE B 33 -21.35 23.67 42.06
N GLY B 34 -21.38 23.51 43.38
CA GLY B 34 -22.38 22.72 44.05
C GLY B 34 -22.04 22.64 45.53
N ALA B 35 -22.78 21.79 46.26
CA ALA B 35 -22.53 21.59 47.68
C ALA B 35 -22.57 20.11 47.99
N MET B 36 -22.09 19.76 49.18
CA MET B 36 -21.90 18.36 49.56
C MET B 36 -22.28 18.18 51.03
N LEU B 37 -22.98 17.09 51.32
CA LEU B 37 -23.18 16.63 52.68
C LEU B 37 -22.60 15.23 52.80
N ILE B 38 -22.03 14.93 53.97
CA ILE B 38 -21.55 13.59 54.30
C ILE B 38 -22.27 13.16 55.56
N VAL B 39 -22.85 11.95 55.52
CA VAL B 39 -23.81 11.46 56.50
C VAL B 39 -23.36 10.07 56.97
N GLU B 40 -23.37 9.84 58.28
CA GLU B 40 -23.16 8.49 58.79
C GLU B 40 -24.36 7.61 58.47
N LYS B 41 -24.11 6.46 57.83
CA LYS B 41 -25.18 5.55 57.47
C LYS B 41 -25.92 5.04 58.71
N ASP B 42 -25.19 4.53 59.71
CA ASP B 42 -25.84 3.92 60.86
C ASP B 42 -26.69 4.92 61.62
N THR B 43 -26.15 6.11 61.89
CA THR B 43 -26.84 7.07 62.75
C THR B 43 -27.62 8.12 61.98
N GLN B 44 -27.57 8.11 60.65
CA GLN B 44 -28.26 9.08 59.81
C GLN B 44 -27.86 10.53 60.15
N GLN B 45 -26.70 10.73 60.78
CA GLN B 45 -26.25 12.05 61.22
C GLN B 45 -25.44 12.75 60.14
N ILE B 46 -25.74 14.02 59.91
CA ILE B 46 -24.90 14.84 59.03
C ILE B 46 -23.59 15.11 59.75
N VAL B 47 -22.48 14.58 59.23
CA VAL B 47 -21.19 14.82 59.89
C VAL B 47 -20.30 15.80 59.13
N TYR B 48 -20.53 16.01 57.84
CA TYR B 48 -19.78 17.05 57.14
C TYR B 48 -20.68 17.79 56.16
N ALA B 49 -20.38 19.06 55.96
CA ALA B 49 -21.07 19.88 54.96
C ALA B 49 -20.08 20.87 54.37
N SER B 50 -20.17 21.05 53.05
CA SER B 50 -19.36 22.07 52.40
C SER B 50 -19.77 23.45 52.89
N ALA B 51 -18.80 24.38 52.92
CA ALA B 51 -19.02 25.69 53.51
C ALA B 51 -20.19 26.42 52.87
N ASN B 52 -20.42 26.20 51.58
CA ASN B 52 -21.48 26.83 50.81
C ASN B 52 -22.78 26.04 50.87
N SER B 53 -22.96 25.16 51.85
CA SER B 53 -24.12 24.29 51.81
C SER B 53 -25.41 25.04 52.07
N ALA B 54 -25.34 26.18 52.76
CA ALA B 54 -26.55 26.93 53.11
C ALA B 54 -27.29 27.40 51.86
N GLU B 55 -26.56 27.95 50.89
CA GLU B 55 -27.22 28.56 49.74
C GLU B 55 -27.85 27.54 48.80
N TYR B 56 -27.53 26.25 48.94
CA TYR B 56 -28.19 25.26 48.13
C TYR B 56 -29.39 24.65 48.86
N PHE B 57 -29.22 24.31 50.12
CA PHE B 57 -30.30 23.67 50.84
C PHE B 57 -31.35 24.66 51.34
N SER B 58 -31.06 25.97 51.31
CA SER B 58 -32.08 26.97 51.54
C SER B 58 -33.18 26.92 50.49
N VAL B 59 -32.89 26.35 49.32
CA VAL B 59 -33.92 26.18 48.29
C VAL B 59 -34.85 25.04 48.67
N ALA B 60 -34.31 23.99 49.30
CA ALA B 60 -35.09 22.82 49.72
C ALA B 60 -35.79 23.03 51.05
N ASP B 61 -35.29 23.94 51.89
CA ASP B 61 -35.80 24.09 53.24
C ASP B 61 -35.67 25.55 53.63
N ASN B 62 -36.81 26.18 53.91
CA ASN B 62 -36.80 27.62 54.18
C ASN B 62 -36.12 27.94 55.50
N THR B 63 -36.09 27.00 56.43
CA THR B 63 -35.46 27.21 57.72
C THR B 63 -33.93 27.10 57.68
N ILE B 64 -33.33 27.06 56.48
CA ILE B 64 -31.88 27.08 56.32
C ILE B 64 -31.51 28.44 55.73
N HIS B 65 -30.82 29.26 56.53
CA HIS B 65 -30.24 30.50 56.04
C HIS B 65 -28.73 30.56 56.22
N GLU B 66 -28.18 29.83 57.18
CA GLU B 66 -26.75 29.76 57.43
C GLU B 66 -26.32 28.30 57.53
N LEU B 67 -25.00 28.10 57.44
CA LEU B 67 -24.42 26.78 57.71
C LEU B 67 -24.81 26.27 59.10
N SER B 68 -24.89 27.18 60.08
CA SER B 68 -25.33 26.83 61.43
C SER B 68 -26.59 25.98 61.43
N ASP B 69 -27.55 26.30 60.55
CA ASP B 69 -28.85 25.65 60.61
C ASP B 69 -28.79 24.19 60.21
N ILE B 70 -27.76 23.78 59.46
CA ILE B 70 -27.65 22.39 59.05
C ILE B 70 -27.42 21.49 60.26
N LYS B 71 -26.66 21.98 61.24
CA LYS B 71 -26.44 21.20 62.46
C LYS B 71 -27.77 20.80 63.10
N GLN B 72 -28.77 21.67 63.02
CA GLN B 72 -30.10 21.43 63.58
C GLN B 72 -31.08 20.84 62.58
N ALA B 73 -30.68 20.67 61.33
CA ALA B 73 -31.59 20.19 60.31
C ALA B 73 -31.52 18.67 60.22
N ASN B 74 -32.66 18.08 59.89
CA ASN B 74 -32.77 16.64 59.73
C ASN B 74 -32.48 16.24 58.29
N ILE B 75 -31.90 15.06 58.11
CA ILE B 75 -31.58 14.62 56.75
C ILE B 75 -32.84 14.45 55.92
N ASN B 76 -34.00 14.28 56.57
CA ASN B 76 -35.26 14.11 55.83
C ASN B 76 -35.82 15.42 55.32
N SER B 77 -35.56 16.55 55.99
CA SER B 77 -36.04 17.83 55.49
C SER B 77 -35.21 18.37 54.33
N LEU B 78 -34.04 17.79 54.06
CA LEU B 78 -33.04 18.32 53.14
C LEU B 78 -32.98 17.59 51.81
N LEU B 79 -33.11 16.27 51.83
CA LEU B 79 -33.02 15.45 50.64
C LEU B 79 -34.38 14.91 50.23
N PRO B 80 -34.54 14.51 48.97
CA PRO B 80 -35.79 13.84 48.56
C PRO B 80 -35.91 12.46 49.18
N GLU B 81 -37.17 12.01 49.34
CA GLU B 81 -37.41 10.71 49.95
C GLU B 81 -36.81 9.57 49.13
N HIS B 82 -36.94 9.62 47.80
CA HIS B 82 -36.43 8.52 46.98
C HIS B 82 -34.91 8.44 47.07
N LEU B 83 -34.22 9.59 47.11
CA LEU B 83 -32.78 9.56 47.33
C LEU B 83 -32.43 8.89 48.66
N ILE B 84 -33.27 9.10 49.69
CA ILE B 84 -32.96 8.56 51.00
C ILE B 84 -33.14 7.05 51.02
N SER B 85 -34.29 6.56 50.54
CA SER B 85 -34.48 5.11 50.49
C SER B 85 -33.44 4.44 49.58
N GLY B 86 -33.19 5.02 48.41
CA GLY B 86 -32.14 4.49 47.53
C GLY B 86 -30.80 4.36 48.22
N LEU B 87 -30.35 5.43 48.90
CA LEU B 87 -29.11 5.34 49.66
C LEU B 87 -29.21 4.32 50.79
N ALA B 88 -30.38 4.16 51.37
CA ALA B 88 -30.53 3.27 52.53
C ALA B 88 -30.32 1.82 52.14
N SER B 89 -30.82 1.42 50.98
CA SER B 89 -30.61 0.05 50.53
C SER B 89 -29.43 -0.09 49.60
N ALA B 90 -28.76 1.02 49.27
CA ALA B 90 -27.61 1.04 48.37
C ALA B 90 -26.58 0.00 48.78
N ILE B 91 -26.71 -1.20 48.21
CA ILE B 91 -25.76 -2.26 48.50
C ILE B 91 -24.40 -1.92 47.91
N ARG B 92 -24.35 -1.69 46.60
CA ARG B 92 -23.07 -1.51 45.92
C ARG B 92 -22.48 -0.14 46.26
N GLU B 93 -21.20 -0.13 46.60
CA GLU B 93 -20.53 1.08 47.00
C GLU B 93 -20.06 1.88 45.80
N ASN B 94 -20.09 3.20 45.93
CA ASN B 94 -19.57 4.14 44.93
C ASN B 94 -20.33 4.11 43.61
N GLU B 95 -21.65 3.81 43.64
CA GLU B 95 -22.52 3.85 42.47
C GLU B 95 -23.57 4.95 42.63
N PRO B 96 -23.32 6.17 42.16
CA PRO B 96 -24.22 7.30 42.47
C PRO B 96 -25.64 7.15 41.95
N ILE B 97 -26.57 7.73 42.72
CA ILE B 97 -27.99 7.87 42.41
C ILE B 97 -28.22 9.33 42.02
N TRP B 98 -28.90 9.53 40.91
CA TRP B 98 -29.18 10.87 40.39
C TRP B 98 -30.67 11.15 40.52
N VAL B 99 -31.04 12.02 41.46
CA VAL B 99 -32.44 12.37 41.71
C VAL B 99 -32.56 13.87 41.59
N GLU B 100 -33.57 14.35 40.84
CA GLU B 100 -33.81 15.77 40.64
C GLU B 100 -35.15 16.18 41.24
N THR B 101 -35.23 17.44 41.67
CA THR B 101 -36.47 18.10 42.04
C THR B 101 -36.73 19.25 41.07
N ASP B 102 -37.61 20.17 41.47
CA ASP B 102 -37.94 21.33 40.67
C ASP B 102 -36.77 22.28 40.53
N ARG B 103 -35.91 22.35 41.54
CA ARG B 103 -34.85 23.34 41.60
C ARG B 103 -33.48 22.76 41.91
N LEU B 104 -33.38 21.48 42.28
CA LEU B 104 -32.12 20.93 42.77
C LEU B 104 -31.84 19.57 42.13
N SER B 105 -30.56 19.30 41.93
CA SER B 105 -30.10 18.12 41.20
C SER B 105 -29.09 17.38 42.07
N PHE B 106 -29.51 16.21 42.58
CA PHE B 106 -28.78 15.44 43.58
C PHE B 106 -28.07 14.26 42.92
N LEU B 107 -26.89 13.98 43.44
CA LEU B 107 -26.12 12.79 43.09
C LEU B 107 -25.51 12.27 44.39
N GLY B 108 -25.86 11.05 44.80
CA GLY B 108 -25.41 10.55 46.09
C GLY B 108 -24.97 9.10 46.01
N TRP B 109 -24.01 8.74 46.86
CA TRP B 109 -23.53 7.37 46.84
C TRP B 109 -23.11 6.96 48.24
N ARG B 110 -22.95 5.65 48.42
CA ARG B 110 -22.51 5.04 49.66
C ARG B 110 -21.02 4.75 49.59
N HIS B 111 -20.26 5.23 50.56
CA HIS B 111 -18.84 4.90 50.69
C HIS B 111 -18.57 4.46 52.12
N GLU B 112 -18.30 3.16 52.30
CA GLU B 112 -18.13 2.54 53.61
C GLU B 112 -19.34 2.96 54.44
N ASN B 113 -19.17 3.49 55.64
CA ASN B 113 -20.29 3.87 56.48
C ASN B 113 -20.76 5.31 56.24
N TYR B 114 -20.61 5.83 55.01
CA TYR B 114 -21.03 7.19 54.72
C TYR B 114 -21.95 7.23 53.50
N TYR B 115 -22.86 8.20 53.50
CA TYR B 115 -23.60 8.67 52.34
C TYR B 115 -23.01 10.01 51.96
N ILE B 116 -22.46 10.11 50.76
CA ILE B 116 -21.95 11.37 50.24
C ILE B 116 -22.95 11.87 49.21
N ILE B 117 -23.40 13.09 49.40
CA ILE B 117 -24.45 13.65 48.56
C ILE B 117 -23.95 14.98 48.01
N GLU B 118 -23.91 15.09 46.68
CA GLU B 118 -23.62 16.32 46.00
C GLU B 118 -24.92 16.88 45.47
N VAL B 119 -25.04 18.22 45.50
CA VAL B 119 -26.21 18.93 45.01
C VAL B 119 -25.74 20.06 44.12
N GLU B 120 -26.37 20.21 42.97
CA GLU B 120 -26.16 21.37 42.12
C GLU B 120 -27.51 21.98 41.79
N ARG B 121 -27.50 23.26 41.39
CA ARG B 121 -28.69 23.89 40.87
C ARG B 121 -29.02 23.32 39.49
N TYR B 122 -30.30 23.34 39.14
CA TYR B 122 -30.83 22.53 38.04
C TYR B 122 -31.73 23.36 37.15
N HIS B 123 -31.29 23.61 35.90
CA HIS B 123 -32.08 24.34 34.92
C HIS B 123 -32.71 23.36 33.94
N VAL B 124 -34.04 23.25 33.98
CA VAL B 124 -34.77 22.27 33.17
C VAL B 124 -34.69 22.64 31.69
N GLN B 125 -34.55 21.63 30.84
CA GLN B 125 -34.61 21.78 29.40
C GLN B 125 -35.84 21.04 28.89
N THR B 126 -36.55 21.63 27.95
CA THR B 126 -37.82 21.09 27.49
C THR B 126 -37.82 21.00 25.98
N SER B 127 -36.73 20.47 25.43
CA SER B 127 -36.58 20.30 24.00
C SER B 127 -36.21 18.85 23.72
N ASN B 128 -36.13 18.52 22.45
CA ASN B 128 -35.54 17.25 22.02
C ASN B 128 -34.06 17.38 21.62
N TRP B 129 -33.38 18.46 22.03
CA TRP B 129 -32.00 18.70 21.57
C TRP B 129 -31.07 17.52 21.88
N PHE B 130 -31.15 16.97 23.10
CA PHE B 130 -30.24 15.89 23.46
C PHE B 130 -30.49 14.62 22.65
N GLU B 131 -31.75 14.28 22.38
CA GLU B 131 -32.02 13.07 21.61
C GLU B 131 -31.57 13.22 20.16
N ILE B 132 -31.70 14.43 19.61
CA ILE B 132 -31.22 14.68 18.26
C ILE B 132 -29.70 14.55 18.20
N GLN B 133 -29.00 15.16 19.16
CA GLN B 133 -27.54 15.07 19.23
C GLN B 133 -27.06 13.63 19.46
N PHE B 134 -27.80 12.82 20.23
CA PHE B 134 -27.42 11.42 20.34
C PHE B 134 -27.52 10.74 18.98
N GLN B 135 -28.63 10.99 18.26
CA GLN B 135 -28.80 10.36 16.96
C GLN B 135 -27.68 10.77 16.00
N ARG B 136 -27.32 12.06 16.00
CA ARG B 136 -26.35 12.55 15.03
C ARG B 136 -24.94 12.05 15.36
N ALA B 137 -24.57 12.08 16.65
CA ALA B 137 -23.27 11.57 17.05
C ALA B 137 -23.13 10.10 16.68
N PHE B 138 -24.13 9.27 17.06
CA PHE B 138 -24.00 7.84 16.79
C PHE B 138 -24.01 7.55 15.29
N GLN B 139 -24.79 8.30 14.50
CA GLN B 139 -24.76 8.09 13.05
C GLN B 139 -23.39 8.44 12.48
N LYS B 140 -22.82 9.56 12.93
CA LYS B 140 -21.51 9.96 12.40
C LYS B 140 -20.45 8.91 12.77
N LEU B 141 -20.46 8.47 14.02
CA LEU B 141 -19.44 7.52 14.48
C LEU B 141 -19.62 6.16 13.81
N ARG B 142 -20.87 5.70 13.63
CA ARG B 142 -21.14 4.43 12.94
C ARG B 142 -20.59 4.42 11.52
N ASN B 143 -20.53 5.58 10.88
CA ASN B 143 -20.03 5.73 9.53
C ASN B 143 -18.50 5.79 9.50
N CYS B 144 -17.85 6.03 10.65
CA CYS B 144 -16.40 6.06 10.73
C CYS B 144 -15.84 4.66 10.54
N LYS B 145 -15.02 4.49 9.50
CA LYS B 145 -14.47 3.21 9.12
C LYS B 145 -12.95 3.16 9.16
N THR B 146 -12.26 4.30 9.36
CA THR B 146 -10.83 4.28 9.57
C THR B 146 -10.47 4.96 10.88
N HIS B 147 -9.26 4.63 11.36
CA HIS B 147 -8.78 5.14 12.64
C HIS B 147 -8.72 6.67 12.64
N ASN B 148 -8.10 7.26 11.61
CA ASN B 148 -8.09 8.71 11.47
C ASN B 148 -9.50 9.31 11.48
N ASP B 149 -10.45 8.68 10.76
CA ASP B 149 -11.77 9.31 10.66
C ASP B 149 -12.48 9.26 12.01
N LEU B 150 -12.35 8.14 12.73
CA LEU B 150 -12.95 8.03 14.06
C LEU B 150 -12.45 9.13 14.99
N ILE B 151 -11.13 9.25 15.16
CA ILE B 151 -10.60 10.18 16.15
C ILE B 151 -10.95 11.61 15.78
N ASN B 152 -10.93 11.94 14.48
CA ASN B 152 -11.21 13.34 14.16
C ASN B 152 -12.69 13.66 14.30
N THR B 153 -13.56 12.75 13.83
CA THR B 153 -14.98 12.92 14.06
C THR B 153 -15.29 13.01 15.54
N LEU B 154 -14.58 12.25 16.36
CA LEU B 154 -14.83 12.30 17.81
C LEU B 154 -14.48 13.68 18.37
N THR B 155 -13.33 14.24 17.97
CA THR B 155 -13.02 15.57 18.52
C THR B 155 -14.02 16.61 18.03
N ARG B 156 -14.49 16.47 16.79
CA ARG B 156 -15.44 17.46 16.29
C ARG B 156 -16.77 17.34 17.02
N LEU B 157 -17.22 16.11 17.28
CA LEU B 157 -18.45 15.88 18.03
C LEU B 157 -18.35 16.44 19.44
N ILE B 158 -17.29 16.09 20.17
CA ILE B 158 -17.11 16.57 21.55
C ILE B 158 -17.07 18.09 21.58
N GLN B 159 -16.39 18.71 20.61
CA GLN B 159 -16.33 20.18 20.60
C GLN B 159 -17.69 20.80 20.28
N GLU B 160 -18.41 20.24 19.31
CA GLU B 160 -19.72 20.80 18.98
C GLU B 160 -20.66 20.68 20.17
N ILE B 161 -20.57 19.56 20.88
CA ILE B 161 -21.49 19.30 21.98
C ILE B 161 -21.16 20.16 23.20
N SER B 162 -19.88 20.21 23.56
CA SER B 162 -19.47 20.83 24.81
C SER B 162 -19.22 22.32 24.68
N GLY B 163 -18.91 22.80 23.48
CA GLY B 163 -18.57 24.20 23.25
C GLY B 163 -17.17 24.62 23.67
N TYR B 164 -16.39 23.73 24.28
CA TYR B 164 -15.04 24.08 24.72
C TYR B 164 -14.12 24.45 23.54
N ASP B 165 -13.28 25.46 23.76
CA ASP B 165 -12.50 26.04 22.66
C ASP B 165 -11.46 25.10 22.08
N ARG B 166 -11.03 24.09 22.83
CA ARG B 166 -9.98 23.18 22.35
C ARG B 166 -10.30 21.77 22.84
N VAL B 167 -10.40 20.82 21.92
CA VAL B 167 -10.66 19.42 22.25
C VAL B 167 -9.59 18.56 21.58
N MET B 168 -8.96 17.68 22.36
CA MET B 168 -7.82 16.88 21.91
C MET B 168 -8.03 15.42 22.29
N ILE B 169 -7.48 14.52 21.48
CA ILE B 169 -7.41 13.11 21.85
C ILE B 169 -5.97 12.80 22.21
N TYR B 170 -5.75 12.41 23.45
CA TYR B 170 -4.43 12.27 24.02
C TYR B 170 -4.25 10.78 24.33
N GLN B 171 -3.33 10.13 23.63
CA GLN B 171 -3.06 8.70 23.79
C GLN B 171 -1.83 8.46 24.66
N PHE B 172 -1.95 7.54 25.63
CA PHE B 172 -0.81 7.09 26.43
C PHE B 172 0.02 6.07 25.67
N ASP B 173 1.33 6.03 25.98
CA ASP B 173 2.22 4.96 25.51
C ASP B 173 2.44 4.02 26.70
N PRO B 174 3.21 2.92 26.56
CA PRO B 174 3.34 1.99 27.69
C PRO B 174 3.92 2.63 28.96
N GLU B 175 4.69 3.69 28.84
CA GLU B 175 5.28 4.36 30.00
C GLU B 175 4.37 5.43 30.58
N TRP B 176 3.18 5.62 30.02
CA TRP B 176 2.20 6.64 30.41
C TRP B 176 2.63 8.06 30.04
N ASN B 177 3.64 8.22 29.18
CA ASN B 177 3.74 9.45 28.41
C ASN B 177 2.59 9.50 27.40
N GLY B 178 2.49 10.60 26.67
CA GLY B 178 1.37 10.69 25.77
C GLY B 178 1.59 11.61 24.60
N ARG B 179 0.67 11.54 23.65
CA ARG B 179 0.72 12.37 22.46
C ARG B 179 -0.69 12.75 22.04
N VAL B 180 -0.86 13.99 21.58
CA VAL B 180 -2.14 14.42 21.00
C VAL B 180 -2.21 13.91 19.56
N ILE B 181 -3.15 13.00 19.30
CA ILE B 181 -3.29 12.42 17.96
C ILE B 181 -4.42 13.05 17.15
N ALA B 182 -5.35 13.77 17.78
CA ALA B 182 -6.42 14.40 17.04
C ALA B 182 -6.84 15.66 17.78
N GLU B 183 -7.30 16.66 17.03
CA GLU B 183 -7.56 17.95 17.63
C GLU B 183 -8.64 18.71 16.87
N SER B 184 -9.49 19.39 17.61
CA SER B 184 -10.32 20.48 17.11
C SER B 184 -10.13 21.63 18.07
N VAL B 185 -9.84 22.81 17.53
CA VAL B 185 -9.40 23.93 18.35
C VAL B 185 -9.72 25.22 17.62
N ARG B 186 -10.24 26.20 18.36
CA ARG B 186 -10.52 27.52 17.83
C ARG B 186 -9.32 28.44 18.04
N GLN B 187 -9.30 29.54 17.28
CA GLN B 187 -8.12 30.39 17.15
C GLN B 187 -7.69 31.02 18.47
N LEU B 188 -8.48 30.92 19.53
CA LEU B 188 -8.08 31.44 20.84
C LEU B 188 -7.05 30.54 21.54
N PHE B 189 -6.84 29.32 21.06
CA PHE B 189 -5.83 28.43 21.62
C PHE B 189 -4.74 28.11 20.61
N THR B 190 -3.55 27.83 21.13
CA THR B 190 -2.49 27.25 20.31
C THR B 190 -2.80 25.78 20.04
N SER B 191 -2.48 25.34 18.83
CA SER B 191 -2.63 23.92 18.51
C SER B 191 -1.61 23.09 19.28
N MET B 192 -2.05 21.96 19.80
CA MET B 192 -1.15 21.00 20.45
C MET B 192 -1.14 19.68 19.72
N LEU B 193 -1.69 19.65 18.50
CA LEU B 193 -1.65 18.45 17.68
C LEU B 193 -0.22 17.92 17.62
N ASN B 194 -0.08 16.60 17.77
CA ASN B 194 1.18 15.86 17.64
C ASN B 194 2.20 16.24 18.69
N HIS B 195 1.80 16.98 19.72
CA HIS B 195 2.71 17.34 20.80
C HIS B 195 2.77 16.21 21.81
N HIS B 196 4.00 15.91 22.25
CA HIS B 196 4.26 14.92 23.27
C HIS B 196 4.23 15.56 24.65
N PHE B 197 3.75 14.79 25.63
CA PHE B 197 3.58 15.19 27.01
C PHE B 197 4.16 14.14 27.94
N PRO B 198 4.81 14.54 29.03
CA PRO B 198 5.46 13.56 29.90
C PRO B 198 4.47 12.91 30.86
N ALA B 199 4.83 11.69 31.29
CA ALA B 199 4.00 10.94 32.22
C ALA B 199 3.64 11.75 33.44
N SER B 200 4.58 12.56 33.93
CA SER B 200 4.39 13.31 35.16
C SER B 200 3.25 14.33 35.08
N ASP B 201 2.72 14.61 33.90
CA ASP B 201 1.61 15.54 33.75
C ASP B 201 0.31 14.99 34.35
N ILE B 202 0.12 13.67 34.28
CA ILE B 202 -1.01 12.99 34.91
C ILE B 202 -0.47 11.84 35.77
N PRO B 203 -0.28 12.05 37.08
CA PRO B 203 0.29 11.00 37.92
C PRO B 203 -0.69 9.85 38.15
N ALA B 204 -0.13 8.76 38.67
CA ALA B 204 -0.85 7.48 38.78
C ALA B 204 -2.20 7.62 39.46
N GLN B 205 -2.26 8.43 40.53
CA GLN B 205 -3.50 8.62 41.28
C GLN B 205 -4.55 9.31 40.42
N ALA B 206 -4.16 10.29 39.61
CA ALA B 206 -5.12 10.97 38.76
C ALA B 206 -5.57 10.10 37.60
N ARG B 207 -4.64 9.33 37.02
CA ARG B 207 -5.06 8.37 36.00
C ARG B 207 -6.08 7.39 36.57
N ALA B 208 -5.85 6.91 37.79
CA ALA B 208 -6.76 5.91 38.35
C ALA B 208 -8.16 6.48 38.60
N MET B 209 -8.28 7.81 38.74
CA MET B 209 -9.57 8.41 39.01
C MET B 209 -10.59 8.16 37.90
N TYR B 210 -10.14 8.01 36.65
CA TYR B 210 -11.08 7.76 35.56
C TYR B 210 -11.74 6.40 35.68
N SER B 211 -11.11 5.45 36.37
CA SER B 211 -11.78 4.19 36.63
C SER B 211 -12.88 4.31 37.69
N ILE B 212 -12.98 5.44 38.38
CA ILE B 212 -13.99 5.62 39.42
C ILE B 212 -15.10 6.50 38.87
N ASN B 213 -14.72 7.48 38.05
CA ASN B 213 -15.64 8.35 37.35
C ASN B 213 -15.00 8.79 36.04
N PRO B 214 -15.51 8.35 34.89
CA PRO B 214 -14.81 8.60 33.62
C PRO B 214 -14.73 10.06 33.22
N ILE B 215 -15.49 10.97 33.82
CA ILE B 215 -15.41 12.38 33.48
C ILE B 215 -14.88 13.16 34.67
N ARG B 216 -14.00 14.13 34.39
CA ARG B 216 -13.52 15.07 35.39
C ARG B 216 -13.84 16.46 34.87
N ILE B 217 -14.49 17.27 35.70
CA ILE B 217 -14.91 18.63 35.34
C ILE B 217 -14.30 19.63 36.31
N ILE B 218 -13.70 20.67 35.75
CA ILE B 218 -13.14 21.81 36.46
C ILE B 218 -13.71 23.06 35.78
N PRO B 219 -14.83 23.60 36.28
CA PRO B 219 -15.48 24.72 35.60
C PRO B 219 -14.72 26.03 35.68
N ASP B 220 -13.82 26.17 36.65
CA ASP B 220 -13.13 27.46 36.85
C ASP B 220 -11.87 27.19 37.65
N VAL B 221 -10.72 27.33 37.00
CA VAL B 221 -9.43 27.10 37.67
C VAL B 221 -9.21 28.11 38.80
N ASN B 222 -9.82 29.29 38.69
CA ASN B 222 -9.66 30.35 39.68
C ASN B 222 -10.78 30.40 40.70
N ALA B 223 -11.70 29.44 40.68
CA ALA B 223 -12.77 29.39 41.67
C ALA B 223 -12.22 28.93 43.01
N GLU B 224 -12.67 29.57 44.08
CA GLU B 224 -12.11 29.25 45.37
C GLU B 224 -12.74 27.97 45.91
N PRO B 225 -11.95 27.01 46.35
CA PRO B 225 -12.53 25.73 46.79
C PRO B 225 -13.23 25.85 48.12
N GLN B 226 -14.28 25.03 48.29
CA GLN B 226 -15.11 25.06 49.48
C GLN B 226 -14.67 23.98 50.45
N PRO B 227 -14.21 24.33 51.65
CA PRO B 227 -13.83 23.30 52.62
C PRO B 227 -15.04 22.60 53.20
N LEU B 228 -14.82 21.38 53.67
CA LEU B 228 -15.84 20.62 54.37
C LEU B 228 -15.77 20.97 55.86
N HIS B 229 -16.92 21.29 56.44
CA HIS B 229 -16.97 21.61 57.86
C HIS B 229 -17.56 20.46 58.63
N MET B 230 -17.03 20.23 59.83
CA MET B 230 -17.58 19.20 60.69
C MET B 230 -18.90 19.69 61.26
N ILE B 231 -19.97 18.95 61.01
CA ILE B 231 -21.28 19.32 61.49
C ILE B 231 -21.47 18.73 62.88
N HIS B 232 -21.78 17.44 62.96
CA HIS B 232 -21.63 16.66 64.18
C HIS B 232 -20.34 15.85 64.08
N LYS B 233 -19.75 15.55 65.24
CA LYS B 233 -18.48 14.84 65.24
C LYS B 233 -18.68 13.38 64.82
N PRO B 234 -17.98 12.91 63.79
CA PRO B 234 -18.16 11.51 63.38
C PRO B 234 -17.45 10.57 64.34
N GLN B 235 -17.91 9.31 64.33
CA GLN B 235 -17.26 8.28 65.12
C GLN B 235 -15.86 7.97 64.63
N ASN B 236 -15.58 8.22 63.36
CA ASN B 236 -14.25 8.08 62.79
C ASN B 236 -13.89 9.41 62.14
N THR B 237 -12.70 9.92 62.46
CA THR B 237 -12.28 11.26 62.05
C THR B 237 -11.42 11.26 60.81
N GLU B 238 -11.14 10.09 60.23
CA GLU B 238 -10.32 10.05 59.04
C GLU B 238 -11.05 10.70 57.88
N ALA B 239 -10.27 11.26 56.96
CA ALA B 239 -10.83 11.93 55.81
C ALA B 239 -11.70 10.99 55.00
N VAL B 240 -12.83 11.50 54.49
CA VAL B 240 -13.78 10.72 53.73
C VAL B 240 -13.47 10.88 52.24
N ASN B 241 -13.36 9.75 51.53
CA ASN B 241 -13.05 9.75 50.11
C ASN B 241 -14.21 10.32 49.30
N LEU B 242 -13.91 11.22 48.36
CA LEU B 242 -14.93 11.95 47.63
C LEU B 242 -14.93 11.65 46.12
N SER B 243 -14.45 10.47 45.73
CA SER B 243 -14.01 10.27 44.34
C SER B 243 -15.11 9.92 43.36
N SER B 244 -16.28 9.48 43.82
CA SER B 244 -17.30 9.07 42.84
C SER B 244 -18.05 10.25 42.22
N GLY B 245 -18.08 11.41 42.87
CA GLY B 245 -18.84 12.53 42.36
C GLY B 245 -18.07 13.34 41.34
N VAL B 246 -18.51 14.59 41.16
CA VAL B 246 -17.81 15.52 40.30
C VAL B 246 -17.28 16.74 41.03
N LEU B 247 -17.54 16.90 42.34
CA LEU B 247 -17.26 18.16 43.01
C LEU B 247 -15.91 18.19 43.69
N ARG B 248 -15.26 17.05 43.85
CA ARG B 248 -13.99 16.94 44.57
C ARG B 248 -13.01 18.02 44.11
N ALA B 249 -12.36 18.65 45.08
CA ALA B 249 -11.46 19.75 44.78
C ALA B 249 -10.23 19.27 44.02
N VAL B 250 -9.66 20.17 43.23
CA VAL B 250 -8.55 19.87 42.34
C VAL B 250 -7.24 20.23 43.03
N SER B 251 -6.23 19.37 42.86
CA SER B 251 -4.90 19.65 43.39
C SER B 251 -4.43 21.04 42.97
N PRO B 252 -3.91 21.86 43.90
CA PRO B 252 -3.37 23.16 43.49
C PRO B 252 -2.34 23.06 42.41
N LEU B 253 -1.56 21.97 42.38
CA LEU B 253 -0.54 21.84 41.34
C LEU B 253 -1.19 21.77 39.96
N HIS B 254 -2.26 20.98 39.83
CA HIS B 254 -2.93 20.92 38.53
C HIS B 254 -3.64 22.23 38.18
N MET B 255 -4.17 22.97 39.16
CA MET B 255 -4.79 24.25 38.84
C MET B 255 -3.76 25.20 38.24
N GLN B 256 -2.58 25.28 38.84
CA GLN B 256 -1.51 26.08 38.24
C GLN B 256 -1.05 25.50 36.91
N TYR B 257 -1.04 24.17 36.76
CA TYR B 257 -0.70 23.55 35.48
C TYR B 257 -1.60 24.08 34.39
N LEU B 258 -2.90 24.11 34.64
CA LEU B 258 -3.83 24.66 33.66
C LEU B 258 -3.58 26.14 33.45
N ARG B 259 -3.28 26.89 34.51
CA ARG B 259 -2.99 28.32 34.35
C ARG B 259 -1.84 28.54 33.40
N ASN B 260 -0.73 27.83 33.63
CA ASN B 260 0.42 27.92 32.73
C ASN B 260 0.05 27.47 31.32
N PHE B 261 -0.85 26.50 31.21
CA PHE B 261 -1.31 26.04 29.91
C PHE B 261 -2.25 27.04 29.24
N GLY B 262 -2.65 28.10 29.95
CA GLY B 262 -3.57 29.08 29.40
C GLY B 262 -5.03 28.70 29.47
N VAL B 263 -5.37 27.73 30.32
CA VAL B 263 -6.67 27.09 30.35
C VAL B 263 -7.42 27.61 31.56
N SER B 264 -8.65 28.10 31.34
CA SER B 264 -9.48 28.63 32.42
C SER B 264 -10.58 27.67 32.85
N ALA B 265 -10.89 26.66 32.05
CA ALA B 265 -11.88 25.66 32.39
C ALA B 265 -11.52 24.40 31.64
N SER B 266 -11.76 23.24 32.26
CA SER B 266 -11.26 21.99 31.70
C SER B 266 -12.23 20.86 32.00
N THR B 267 -12.42 19.96 31.04
CA THR B 267 -13.18 18.73 31.25
C THR B 267 -12.49 17.61 30.47
N SER B 268 -12.15 16.51 31.15
CA SER B 268 -11.53 15.37 30.48
C SER B 268 -12.38 14.12 30.68
N ILE B 269 -12.26 13.20 29.72
CA ILE B 269 -13.00 11.95 29.73
C ILE B 269 -12.06 10.80 29.40
N GLY B 270 -12.05 9.78 30.24
CA GLY B 270 -11.20 8.64 30.00
C GLY B 270 -11.69 7.83 28.81
N ILE B 271 -10.75 7.41 27.97
CA ILE B 271 -11.00 6.47 26.88
C ILE B 271 -10.52 5.10 27.33
N PHE B 272 -11.42 4.12 27.35
CA PHE B 272 -11.16 2.84 27.99
C PHE B 272 -11.18 1.71 26.96
N ASN B 273 -10.17 0.84 27.01
CA ASN B 273 -10.18 -0.42 26.28
C ASN B 273 -10.33 -1.49 27.35
N GLU B 274 -11.56 -2.04 27.44
CA GLU B 274 -12.01 -2.81 28.61
C GLU B 274 -11.75 -2.02 29.87
N ASP B 275 -10.81 -2.48 30.70
CA ASP B 275 -10.45 -1.77 31.91
C ASP B 275 -9.18 -0.96 31.75
N GLU B 276 -8.55 -1.01 30.59
CA GLU B 276 -7.31 -0.30 30.37
C GLU B 276 -7.61 1.11 29.90
N LEU B 277 -7.02 2.09 30.59
CA LEU B 277 -7.08 3.50 30.21
C LEU B 277 -6.12 3.73 29.06
N TRP B 278 -6.66 3.80 27.85
CA TRP B 278 -5.90 3.95 26.61
C TRP B 278 -5.48 5.40 26.37
N GLY B 279 -6.34 6.36 26.68
CA GLY B 279 -6.09 7.77 26.48
C GLY B 279 -7.22 8.54 27.11
N ILE B 280 -7.19 9.86 26.95
CA ILE B 280 -8.28 10.69 27.42
C ILE B 280 -8.70 11.68 26.32
N VAL B 281 -9.98 12.08 26.37
CA VAL B 281 -10.47 13.23 25.60
C VAL B 281 -10.33 14.45 26.48
N ALA B 282 -9.54 15.42 26.05
CA ALA B 282 -9.19 16.55 26.90
C ALA B 282 -9.77 17.81 26.31
N CYS B 283 -10.57 18.52 27.11
CA CYS B 283 -11.28 19.72 26.69
C CYS B 283 -10.84 20.93 27.53
N HIS B 284 -10.53 22.02 26.85
CA HIS B 284 -10.06 23.24 27.46
C HIS B 284 -10.85 24.41 26.94
N HIS B 285 -10.95 25.45 27.78
CA HIS B 285 -11.66 26.66 27.42
C HIS B 285 -10.93 27.87 28.00
N THR B 286 -10.99 28.99 27.28
CA THR B 286 -10.27 30.19 27.67
C THR B 286 -11.00 31.01 28.73
N LYS B 287 -12.26 30.70 29.03
CA LYS B 287 -13.01 31.33 30.09
C LYS B 287 -13.69 30.26 30.91
N PRO B 288 -14.20 30.61 32.10
CA PRO B 288 -15.01 29.65 32.87
C PRO B 288 -16.13 29.06 32.02
N ARG B 289 -16.52 27.82 32.37
CA ARG B 289 -17.52 27.11 31.61
C ARG B 289 -18.01 25.87 32.35
N ALA B 290 -19.27 25.87 32.75
CA ALA B 290 -19.88 24.72 33.41
C ALA B 290 -20.67 23.91 32.40
N ILE B 291 -20.87 22.63 32.71
CA ILE B 291 -21.66 21.74 31.87
C ILE B 291 -22.56 20.90 32.76
N GLY B 292 -23.87 20.98 32.52
CA GLY B 292 -24.85 20.26 33.34
C GLY B 292 -24.74 18.76 33.19
N ARG B 293 -25.46 18.07 34.09
CA ARG B 293 -25.42 16.61 34.14
C ARG B 293 -25.68 15.97 32.77
N ARG B 294 -26.64 16.52 32.02
CA ARG B 294 -27.04 15.88 30.77
C ARG B 294 -25.97 16.05 29.70
N ILE B 295 -25.32 17.22 29.65
CA ILE B 295 -24.16 17.35 28.76
C ILE B 295 -23.12 16.32 29.13
N ARG B 296 -22.85 16.15 30.43
CA ARG B 296 -21.86 15.17 30.89
C ARG B 296 -22.22 13.77 30.41
N ARG B 297 -23.49 13.37 30.57
CA ARG B 297 -23.93 12.06 30.11
C ARG B 297 -23.74 11.90 28.61
N LEU B 298 -24.05 12.96 27.84
CA LEU B 298 -23.95 12.88 26.39
C LEU B 298 -22.50 12.78 25.93
N LEU B 299 -21.59 13.46 26.63
CA LEU B 299 -20.17 13.36 26.36
C LEU B 299 -19.64 11.97 26.70
N VAL B 300 -20.03 11.43 27.86
CA VAL B 300 -19.49 10.12 28.21
C VAL B 300 -20.08 9.05 27.29
N ARG B 301 -21.38 9.11 27.00
CA ARG B 301 -21.93 8.11 26.09
C ARG B 301 -21.25 8.20 24.71
N THR B 302 -21.02 9.43 24.23
CA THR B 302 -20.42 9.59 22.91
C THR B 302 -18.98 9.07 22.89
N VAL B 303 -18.22 9.30 23.96
CA VAL B 303 -16.87 8.77 24.00
C VAL B 303 -16.88 7.25 24.11
N GLU B 304 -17.77 6.70 24.89
CA GLU B 304 -17.81 5.24 25.02
C GLU B 304 -18.19 4.58 23.71
N PHE B 305 -19.12 5.18 23.00
CA PHE B 305 -19.55 4.66 21.70
C PHE B 305 -18.41 4.74 20.68
N ALA B 306 -17.78 5.93 20.57
CA ALA B 306 -16.65 6.09 19.68
C ALA B 306 -15.53 5.11 20.05
N ALA B 307 -15.31 4.88 21.35
CA ALA B 307 -14.24 3.99 21.79
C ALA B 307 -14.45 2.57 21.27
N GLU B 308 -15.65 2.01 21.51
CA GLU B 308 -15.91 0.67 20.99
C GLU B 308 -15.75 0.64 19.47
N ARG B 309 -16.27 1.67 18.78
CA ARG B 309 -16.12 1.73 17.34
C ARG B 309 -14.64 1.67 16.93
N LEU B 310 -13.78 2.43 17.62
CA LEU B 310 -12.36 2.44 17.32
C LEU B 310 -11.75 1.05 17.49
N TRP B 311 -12.04 0.38 18.62
CA TRP B 311 -11.46 -0.96 18.82
C TRP B 311 -11.94 -1.92 17.74
N LEU B 312 -13.20 -1.80 17.30
CA LEU B 312 -13.69 -2.64 16.22
C LEU B 312 -12.97 -2.35 14.91
N ILE B 313 -12.61 -1.09 14.67
CA ILE B 313 -11.86 -0.75 13.47
C ILE B 313 -10.48 -1.40 13.51
N HIS B 314 -9.78 -1.24 14.63
CA HIS B 314 -8.46 -1.86 14.80
C HIS B 314 -8.54 -3.37 14.65
N SER B 315 -9.52 -4.00 15.30
CA SER B 315 -9.58 -5.45 15.32
C SER B 315 -9.96 -6.01 13.96
N ARG B 316 -10.75 -5.25 13.18
CA ARG B 316 -11.01 -5.70 11.82
C ARG B 316 -9.83 -5.44 10.90
N ASN B 317 -9.01 -4.43 11.21
CA ASN B 317 -7.80 -4.25 10.42
C ASN B 317 -6.87 -5.45 10.60
N VAL B 318 -6.83 -6.02 11.81
CA VAL B 318 -6.05 -7.23 12.05
C VAL B 318 -6.55 -8.37 11.17
N GLU B 319 -7.87 -8.54 11.08
CA GLU B 319 -8.42 -9.57 10.19
C GLU B 319 -8.05 -9.28 8.74
N ARG B 320 -8.10 -8.00 8.34
CA ARG B 320 -7.81 -7.65 6.95
C ARG B 320 -6.37 -7.92 6.60
N TYR B 321 -5.45 -7.58 7.51
CA TYR B 321 -4.05 -7.92 7.29
C TYR B 321 -3.87 -9.42 7.07
N MET B 322 -4.54 -10.26 7.86
CA MET B 322 -4.39 -11.71 7.66
C MET B 322 -4.93 -12.17 6.32
N VAL B 323 -6.03 -11.58 5.84
CA VAL B 323 -6.51 -11.86 4.49
C VAL B 323 -5.43 -11.50 3.45
N THR B 324 -4.75 -10.36 3.66
CA THR B 324 -3.68 -9.95 2.76
C THR B 324 -2.53 -10.96 2.76
N VAL B 325 -2.06 -11.34 3.96
CA VAL B 325 -1.00 -12.34 4.10
C VAL B 325 -1.39 -13.63 3.40
N GLN B 326 -2.62 -14.08 3.62
CA GLN B 326 -3.03 -15.31 2.97
CA GLN B 326 -3.08 -15.30 2.97
C GLN B 326 -3.02 -15.16 1.45
N ALA B 327 -3.37 -13.99 0.94
CA ALA B 327 -3.32 -13.84 -0.51
C ALA B 327 -1.86 -13.83 -1.01
N ALA B 328 -0.94 -13.23 -0.25
CA ALA B 328 0.46 -13.28 -0.68
C ALA B 328 1.03 -14.69 -0.59
N ARG B 329 0.55 -15.49 0.37
CA ARG B 329 0.97 -16.88 0.46
C ARG B 329 0.39 -17.73 -0.65
N GLU B 330 -0.82 -17.41 -1.09
CA GLU B 330 -1.38 -18.13 -2.22
C GLU B 330 -0.65 -17.78 -3.50
N GLN B 331 -0.33 -16.50 -3.69
CA GLN B 331 0.44 -16.11 -4.87
C GLN B 331 1.83 -16.77 -4.85
N LEU B 332 2.44 -16.88 -3.66
CA LEU B 332 3.72 -17.58 -3.55
C LEU B 332 3.57 -19.05 -3.93
N SER B 333 2.50 -19.69 -3.48
CA SER B 333 2.31 -21.11 -3.77
C SER B 333 2.23 -21.36 -5.27
N THR B 334 1.41 -20.55 -5.95
CA THR B 334 1.29 -20.56 -7.40
C THR B 334 2.63 -20.47 -8.09
N THR B 335 3.51 -19.60 -7.61
CA THR B 335 4.84 -19.49 -8.22
C THR B 335 5.65 -20.76 -7.98
N ALA B 336 5.52 -21.35 -6.78
CA ALA B 336 6.24 -22.58 -6.49
C ALA B 336 5.74 -23.74 -7.33
N ASP B 337 4.43 -23.79 -7.60
CA ASP B 337 3.90 -24.87 -8.42
C ASP B 337 4.45 -24.84 -9.84
N ASP B 338 4.88 -23.66 -10.32
CA ASP B 338 5.56 -23.46 -11.60
C ASP B 338 6.98 -23.93 -11.56
N LYS B 339 7.29 -24.69 -10.51
CA LYS B 339 8.59 -25.31 -10.29
C LYS B 339 9.72 -24.28 -10.25
N HIS B 340 9.43 -23.07 -9.78
CA HIS B 340 10.47 -22.07 -9.58
C HIS B 340 11.22 -22.36 -8.30
N SER B 341 12.48 -21.90 -8.24
CA SER B 341 13.27 -22.06 -7.02
C SER B 341 12.88 -21.02 -5.99
N SER B 342 13.36 -21.22 -4.76
CA SER B 342 13.09 -20.25 -3.70
C SER B 342 13.72 -18.91 -4.01
N HIS B 343 14.93 -18.94 -4.59
CA HIS B 343 15.56 -17.70 -5.03
C HIS B 343 14.76 -17.03 -6.14
N GLU B 344 14.19 -17.83 -7.04
CA GLU B 344 13.30 -17.25 -8.06
C GLU B 344 11.98 -16.76 -7.48
N ILE B 345 11.52 -17.34 -6.36
CA ILE B 345 10.31 -16.81 -5.72
C ILE B 345 10.59 -15.49 -5.03
N VAL B 346 11.71 -15.41 -4.30
CA VAL B 346 12.10 -14.15 -3.68
C VAL B 346 12.15 -13.04 -4.72
N ILE B 347 12.81 -13.30 -5.87
CA ILE B 347 12.94 -12.30 -6.93
C ILE B 347 11.57 -11.82 -7.40
N GLU B 348 10.62 -12.73 -7.50
CA GLU B 348 9.34 -12.38 -8.11
C GLU B 348 8.40 -11.67 -7.12
N HIS B 349 8.53 -11.90 -5.81
CA HIS B 349 7.54 -11.37 -4.87
C HIS B 349 8.10 -10.44 -3.81
N ALA B 350 9.42 -10.23 -3.76
CA ALA B 350 10.00 -9.44 -2.69
C ALA B 350 9.45 -8.02 -2.63
N ALA B 351 9.14 -7.44 -3.79
CA ALA B 351 8.63 -6.06 -3.82
C ALA B 351 7.29 -5.96 -3.07
N ASP B 352 6.42 -6.94 -3.24
CA ASP B 352 5.17 -6.97 -2.48
C ASP B 352 5.42 -7.28 -1.00
N TRP B 353 6.37 -8.16 -0.70
CA TRP B 353 6.66 -8.44 0.71
C TRP B 353 7.11 -7.18 1.43
N CYS B 354 7.93 -6.36 0.77
CA CYS B 354 8.40 -5.11 1.36
C CYS B 354 7.24 -4.17 1.73
N LYS B 355 6.14 -4.17 0.98
CA LYS B 355 4.94 -3.42 1.39
C LYS B 355 4.20 -4.14 2.52
N LEU B 356 3.92 -5.42 2.31
CA LEU B 356 3.34 -6.28 3.35
C LEU B 356 4.07 -6.16 4.69
N PHE B 357 5.39 -6.05 4.68
CA PHE B 357 6.14 -6.02 5.93
C PHE B 357 6.69 -4.65 6.24
N ARG B 358 6.34 -3.65 5.43
CA ARG B 358 6.75 -2.26 5.65
C ARG B 358 8.24 -2.16 5.99
N CYS B 359 9.05 -2.83 5.16
CA CYS B 359 10.50 -2.84 5.33
C CYS B 359 11.15 -2.30 4.07
N ASP B 360 12.44 -2.01 4.16
CA ASP B 360 13.21 -1.45 3.05
C ASP B 360 13.88 -2.51 2.16
N GLY B 361 14.15 -3.68 2.70
CA GLY B 361 14.91 -4.65 1.94
C GLY B 361 14.72 -6.02 2.55
N ILE B 362 14.99 -7.03 1.73
CA ILE B 362 14.81 -8.43 2.11
C ILE B 362 16.01 -9.21 1.62
N GLY B 363 16.50 -10.11 2.45
CA GLY B 363 17.54 -11.05 2.09
C GLY B 363 17.12 -12.47 2.41
N TYR B 364 17.25 -13.37 1.45
CA TYR B 364 16.99 -14.80 1.66
C TYR B 364 18.31 -15.54 1.49
N LEU B 365 18.76 -16.19 2.56
CA LEU B 365 20.05 -16.86 2.62
C LEU B 365 19.82 -18.35 2.84
N ARG B 366 20.45 -19.17 2.00
CA ARG B 366 20.46 -20.63 2.21
C ARG B 366 21.85 -21.16 1.88
N GLY B 367 22.58 -21.56 2.91
CA GLY B 367 23.95 -21.97 2.75
C GLY B 367 24.80 -20.91 2.09
N GLU B 368 25.25 -21.20 0.87
CA GLU B 368 26.07 -20.26 0.11
C GLU B 368 25.24 -19.15 -0.53
N GLU B 369 24.01 -19.45 -0.92
CA GLU B 369 23.28 -18.57 -1.80
C GLU B 369 22.63 -17.44 -1.01
N LEU B 370 22.63 -16.26 -1.61
CA LEU B 370 22.05 -15.06 -1.01
C LEU B 370 21.29 -14.31 -2.08
N THR B 371 20.01 -14.04 -1.82
CA THR B 371 19.16 -13.27 -2.72
C THR B 371 18.71 -12.04 -1.98
N THR B 372 18.85 -10.88 -2.60
CA THR B 372 18.40 -9.66 -1.93
C THR B 372 17.54 -8.83 -2.87
N TYR B 373 16.72 -8.00 -2.23
CA TYR B 373 15.86 -7.04 -2.88
C TYR B 373 15.86 -5.79 -2.03
N GLY B 374 15.94 -4.62 -2.68
CA GLY B 374 15.86 -3.39 -1.90
C GLY B 374 17.15 -3.12 -1.14
N GLU B 375 17.04 -2.27 -0.12
CA GLU B 375 18.20 -1.89 0.66
C GLU B 375 18.49 -2.94 1.74
N THR B 376 19.64 -3.61 1.64
CA THR B 376 20.12 -4.59 2.60
C THR B 376 21.57 -4.26 2.92
N PRO B 377 22.11 -4.78 4.00
CA PRO B 377 23.55 -4.64 4.26
C PRO B 377 24.40 -5.48 3.30
N ASP B 378 25.71 -5.21 3.31
CA ASP B 378 26.68 -6.00 2.55
C ASP B 378 26.57 -7.48 2.88
N GLN B 379 27.00 -8.33 1.94
CA GLN B 379 26.97 -9.77 2.23
C GLN B 379 27.89 -10.09 3.41
N THR B 380 29.02 -9.40 3.50
CA THR B 380 29.86 -9.50 4.69
C THR B 380 29.05 -9.28 5.95
N THR B 381 28.37 -8.15 6.00
CA THR B 381 27.55 -7.82 7.16
C THR B 381 26.47 -8.87 7.37
N ILE B 382 25.90 -9.41 6.29
CA ILE B 382 24.80 -10.37 6.47
C ILE B 382 25.32 -11.64 7.13
N ASN B 383 26.46 -12.15 6.66
CA ASN B 383 27.07 -13.29 7.34
C ASN B 383 27.39 -12.97 8.79
N LYS B 384 27.80 -11.73 9.08
CA LYS B 384 28.03 -11.39 10.47
C LYS B 384 26.75 -11.50 11.27
N LEU B 385 25.63 -11.07 10.69
CA LEU B 385 24.36 -11.13 11.38
C LEU B 385 23.91 -12.57 11.61
N VAL B 386 24.09 -13.43 10.60
CA VAL B 386 23.69 -14.83 10.76
C VAL B 386 24.56 -15.52 11.80
N GLU B 387 25.89 -15.36 11.69
CA GLU B 387 26.79 -15.89 12.73
C GLU B 387 26.31 -15.47 14.12
N TRP B 388 26.00 -14.19 14.27
CA TRP B 388 25.58 -13.68 15.57
C TRP B 388 24.24 -14.26 16.01
N LEU B 389 23.29 -14.45 15.07
CA LEU B 389 21.98 -14.98 15.44
C LEU B 389 22.08 -16.44 15.88
N GLU B 390 22.90 -17.24 15.17
CA GLU B 390 23.17 -18.59 15.64
C GLU B 390 23.90 -18.58 16.97
N GLU B 391 24.63 -17.50 17.27
CA GLU B 391 25.22 -17.37 18.60
C GLU B 391 24.18 -17.03 19.66
N ASN B 392 23.29 -16.06 19.38
CA ASN B 392 22.49 -15.45 20.43
C ASN B 392 20.99 -15.38 20.18
N GLY B 393 20.49 -15.92 19.08
CA GLY B 393 19.05 -15.86 18.84
C GLY B 393 18.48 -17.17 18.32
N LYS B 394 19.27 -18.24 18.41
CA LYS B 394 18.89 -19.54 17.87
C LYS B 394 17.67 -20.11 18.58
N LYS B 395 17.40 -19.67 19.81
CA LYS B 395 16.21 -20.11 20.53
C LYS B 395 14.93 -19.63 19.85
N SER B 396 14.98 -18.47 19.22
CA SER B 396 13.76 -17.75 18.89
C SER B 396 13.05 -18.37 17.69
N LEU B 397 11.72 -18.14 17.64
CA LEU B 397 10.97 -18.33 16.41
C LEU B 397 11.33 -17.28 15.39
N PHE B 398 11.71 -16.11 15.88
CA PHE B 398 12.14 -14.97 15.11
C PHE B 398 12.94 -14.11 16.06
N TRP B 399 13.93 -13.42 15.54
CA TRP B 399 14.65 -12.41 16.30
C TRP B 399 14.37 -11.08 15.65
N HIS B 400 14.08 -10.06 16.44
CA HIS B 400 13.75 -8.79 15.83
C HIS B 400 14.12 -7.65 16.74
N SER B 401 14.32 -6.49 16.13
CA SER B 401 14.72 -5.28 16.84
C SER B 401 14.43 -4.10 15.92
N HIS B 402 13.98 -2.99 16.51
CA HIS B 402 13.89 -1.74 15.78
C HIS B 402 15.01 -0.77 16.14
N MET B 403 16.03 -1.23 16.90
CA MET B 403 17.16 -0.43 17.38
C MET B 403 18.39 -1.35 17.46
N LEU B 404 18.98 -1.64 16.29
CA LEU B 404 20.01 -2.67 16.22
C LEU B 404 21.27 -2.27 16.97
N LYS B 405 21.65 -1.01 16.92
CA LYS B 405 22.88 -0.61 17.59
C LYS B 405 22.79 -0.71 19.10
N GLU B 406 21.58 -0.81 19.66
CA GLU B 406 21.42 -1.11 21.07
C GLU B 406 21.24 -2.60 21.34
N ASP B 407 20.34 -3.26 20.60
CA ASP B 407 20.08 -4.68 20.81
C ASP B 407 21.15 -5.59 20.23
N ALA B 408 22.11 -5.05 19.50
CA ALA B 408 23.25 -5.83 19.05
C ALA B 408 24.42 -4.89 18.82
N PRO B 409 25.00 -4.35 19.88
CA PRO B 409 26.12 -3.42 19.71
C PRO B 409 27.31 -4.12 19.06
N GLY B 410 27.96 -3.40 18.15
CA GLY B 410 29.14 -3.90 17.49
C GLY B 410 28.88 -4.75 16.27
N LEU B 411 27.61 -5.00 15.93
CA LEU B 411 27.30 -5.93 14.86
C LEU B 411 27.35 -5.25 13.50
N LEU B 412 26.53 -4.22 13.29
CA LEU B 412 26.59 -3.48 12.03
C LEU B 412 27.85 -2.63 11.97
N PRO B 413 28.42 -2.45 10.78
CA PRO B 413 29.57 -1.54 10.66
C PRO B 413 29.19 -0.13 11.08
N ASP B 414 30.20 0.62 11.49
CA ASP B 414 30.00 2.01 11.84
C ASP B 414 29.51 2.79 10.62
N GLY B 415 28.53 3.64 10.83
CA GLY B 415 27.95 4.37 9.72
C GLY B 415 26.88 3.61 8.98
N SER B 416 26.40 2.50 9.53
CA SER B 416 25.34 1.75 8.86
C SER B 416 24.03 2.51 8.93
N ARG B 417 23.26 2.45 7.85
CA ARG B 417 21.97 3.11 7.80
C ARG B 417 20.83 2.24 8.28
N PHE B 418 21.10 1.00 8.68
CA PHE B 418 20.05 0.09 9.11
C PHE B 418 19.88 0.11 10.62
N ALA B 419 18.62 0.15 11.05
CA ALA B 419 18.24 0.11 12.44
C ALA B 419 17.32 -1.03 12.80
N GLY B 420 16.60 -1.61 11.84
CA GLY B 420 15.58 -2.58 12.13
C GLY B 420 15.87 -3.90 11.43
N LEU B 421 15.63 -5.00 12.13
CA LEU B 421 15.89 -6.33 11.60
C LEU B 421 14.86 -7.31 12.14
N LEU B 422 14.28 -8.10 11.25
CA LEU B 422 13.46 -9.25 11.60
C LEU B 422 14.04 -10.46 10.88
N ALA B 423 14.48 -11.46 11.65
CA ALA B 423 15.20 -12.63 11.14
C ALA B 423 14.43 -13.90 11.48
N ILE B 424 14.13 -14.69 10.46
CA ILE B 424 13.43 -15.96 10.62
C ILE B 424 14.43 -17.09 10.34
N PRO B 425 14.89 -17.82 11.36
CA PRO B 425 15.73 -19.00 11.10
C PRO B 425 14.94 -20.08 10.37
N LEU B 426 15.62 -20.75 9.44
CA LEU B 426 15.01 -21.84 8.70
C LEU B 426 15.77 -23.14 8.82
N LYS B 427 16.91 -23.14 9.52
CA LYS B 427 17.75 -24.30 9.78
C LYS B 427 18.29 -24.21 11.19
N SER B 428 18.42 -25.37 11.83
CA SER B 428 19.10 -25.48 13.12
C SER B 428 19.64 -26.89 13.21
N ASP B 429 20.79 -27.03 13.87
CA ASP B 429 21.54 -28.29 13.89
C ASP B 429 21.92 -28.68 12.46
N LEU B 432 23.97 -26.50 7.33
CA LEU B 432 23.38 -25.37 6.60
C LEU B 432 22.82 -24.31 7.52
N PHE B 433 23.08 -23.04 7.19
CA PHE B 433 22.33 -21.93 7.71
C PHE B 433 21.36 -21.46 6.64
N SER B 434 20.15 -21.10 7.05
CA SER B 434 19.18 -20.52 6.13
C SER B 434 18.32 -19.54 6.89
N TYR B 435 18.15 -18.33 6.34
CA TYR B 435 17.36 -17.28 6.99
C TYR B 435 16.57 -16.50 5.97
N LEU B 436 15.40 -16.01 6.40
CA LEU B 436 14.78 -14.85 5.80
C LEU B 436 15.08 -13.65 6.70
N LEU B 437 15.55 -12.58 6.11
CA LEU B 437 15.94 -11.40 6.85
C LEU B 437 15.21 -10.22 6.25
N LEU B 438 14.64 -9.38 7.10
CA LEU B 438 13.87 -8.22 6.68
C LEU B 438 14.48 -7.00 7.37
N PHE B 439 14.85 -6.00 6.58
CA PHE B 439 15.62 -4.87 7.08
C PHE B 439 14.81 -3.60 6.99
N ARG B 440 14.90 -2.77 8.03
CA ARG B 440 14.37 -1.41 8.00
C ARG B 440 15.50 -0.42 8.25
N VAL B 441 15.48 0.65 7.49
CA VAL B 441 16.42 1.75 7.61
C VAL B 441 16.04 2.63 8.80
N ALA B 442 17.02 3.30 9.38
CA ALA B 442 16.72 4.25 10.43
C ALA B 442 15.93 5.41 9.86
N GLN B 443 14.91 5.83 10.59
CA GLN B 443 14.26 7.11 10.35
C GLN B 443 14.70 8.06 11.45
N ASN B 444 15.00 9.29 11.07
CA ASN B 444 15.24 10.32 12.08
C ASN B 444 13.88 10.90 12.48
N GLU B 445 13.33 10.38 13.57
CA GLU B 445 12.06 10.83 14.08
C GLU B 445 12.23 12.06 14.96
N VAL B 446 11.50 13.14 14.64
CA VAL B 446 11.57 14.37 15.41
C VAL B 446 10.31 14.49 16.25
N ARG B 447 10.50 14.71 17.54
CA ARG B 447 9.42 14.80 18.52
C ARG B 447 9.28 16.24 19.00
N THR B 448 8.07 16.76 18.87
CA THR B 448 7.70 18.05 19.44
C THR B 448 7.07 17.82 20.81
N TRP B 449 7.62 18.46 21.82
CA TRP B 449 7.10 18.38 23.19
C TRP B 449 6.43 19.69 23.55
N ALA B 450 5.36 19.57 24.33
CA ALA B 450 4.64 20.72 24.87
C ALA B 450 5.42 21.35 26.01
N GLY B 451 6.46 22.06 25.66
CA GLY B 451 7.26 22.75 26.66
C GLY B 451 8.63 22.13 26.80
N LYS B 452 9.62 22.97 27.10
CA LYS B 452 10.95 22.47 27.40
C LYS B 452 10.91 21.65 28.70
N PRO B 453 11.70 20.58 28.80
CA PRO B 453 11.90 19.93 30.10
C PRO B 453 12.44 20.92 31.14
N GLU B 454 11.81 20.90 32.32
CA GLU B 454 12.19 21.74 33.44
C GLU B 454 12.15 20.91 34.71
N LYS B 455 13.10 21.14 35.61
CA LYS B 455 13.17 20.43 36.89
C LYS B 455 12.84 21.41 37.99
N LEU B 456 11.56 21.55 38.29
CA LEU B 456 11.10 22.44 39.35
C LEU B 456 10.84 21.65 40.62
N SER B 457 11.19 22.25 41.75
CA SER B 457 10.83 21.76 43.07
C SER B 457 9.78 22.68 43.64
N VAL B 458 8.67 22.12 44.11
CA VAL B 458 7.64 22.87 44.80
C VAL B 458 7.39 22.22 46.14
N GLU B 459 7.41 23.01 47.20
CA GLU B 459 7.11 22.52 48.53
C GLU B 459 5.62 22.70 48.78
N THR B 460 4.97 21.61 49.18
CA THR B 460 3.55 21.57 49.48
C THR B 460 3.35 20.98 50.88
N SER B 461 2.11 21.01 51.35
CA SER B 461 1.80 20.46 52.66
C SER B 461 2.10 18.96 52.70
N THR B 462 1.78 18.26 51.62
CA THR B 462 2.07 16.83 51.51
C THR B 462 3.56 16.53 51.33
N GLY B 463 4.39 17.54 51.04
CA GLY B 463 5.83 17.36 50.90
C GLY B 463 6.45 18.03 49.67
N THR B 464 7.78 17.89 49.50
CA THR B 464 8.45 18.45 48.32
C THR B 464 8.26 17.51 47.14
N MET B 465 7.88 18.07 45.99
CA MET B 465 7.60 17.27 44.80
C MET B 465 7.78 18.12 43.55
N LEU B 466 7.54 17.50 42.39
CA LEU B 466 7.70 18.17 41.11
C LEU B 466 6.78 19.37 40.98
N GLY B 467 7.31 20.46 40.43
CA GLY B 467 6.52 21.63 40.12
C GLY B 467 6.02 21.64 38.69
N PRO B 468 4.84 22.22 38.47
CA PRO B 468 4.31 22.30 37.11
C PRO B 468 5.13 23.26 36.28
N ARG B 469 5.48 22.84 35.06
CA ARG B 469 6.30 23.67 34.20
C ARG B 469 5.50 24.87 33.70
N LYS B 470 6.17 26.02 33.63
CA LYS B 470 5.53 27.29 33.27
C LYS B 470 5.41 27.52 31.76
N SER B 471 5.98 26.64 30.93
CA SER B 471 6.01 26.84 29.48
C SER B 471 5.60 25.56 28.75
N PHE B 472 4.57 25.66 27.91
CA PHE B 472 4.11 24.57 27.08
C PHE B 472 4.48 24.75 25.62
N GLU B 473 5.35 25.71 25.30
CA GLU B 473 5.68 26.00 23.91
C GLU B 473 6.49 24.87 23.30
N ALA B 474 6.27 24.64 22.01
CA ALA B 474 6.86 23.50 21.33
C ALA B 474 8.38 23.51 21.47
N TRP B 475 8.92 22.38 21.95
CA TRP B 475 10.34 22.11 22.08
C TRP B 475 10.61 20.79 21.39
N GLN B 476 11.72 20.70 20.67
CA GLN B 476 12.00 19.56 19.82
C GLN B 476 13.21 18.78 20.31
N ASP B 477 13.07 17.47 20.41
CA ASP B 477 14.21 16.58 20.42
C ASP B 477 14.05 15.62 19.26
N GLU B 478 15.09 14.83 19.00
CA GLU B 478 15.04 13.87 17.91
C GLU B 478 15.60 12.54 18.38
N VAL B 479 14.95 11.47 17.96
CA VAL B 479 15.41 10.11 18.20
C VAL B 479 16.16 9.66 16.96
N SER B 480 17.26 8.95 17.17
CA SER B 480 18.10 8.51 16.06
C SER B 480 18.39 7.03 16.21
N GLY B 481 18.77 6.42 15.09
CA GLY B 481 19.10 5.01 15.06
C GLY B 481 17.95 4.08 15.37
N LYS B 482 16.72 4.48 15.06
CA LYS B 482 15.56 3.64 15.31
C LYS B 482 14.68 3.56 14.08
N SER B 483 14.03 2.41 13.91
CA SER B 483 12.99 2.21 12.90
C SER B 483 11.64 2.03 13.60
N GLN B 484 10.59 1.90 12.78
CA GLN B 484 9.32 1.47 13.33
C GLN B 484 9.51 0.11 13.99
N PRO B 485 8.73 -0.19 15.02
CA PRO B 485 8.79 -1.52 15.62
C PRO B 485 8.03 -2.52 14.78
N TRP B 486 8.42 -3.79 14.89
CA TRP B 486 7.76 -4.87 14.16
C TRP B 486 6.47 -5.25 14.87
N ARG B 487 5.33 -4.98 14.24
CA ARG B 487 4.05 -5.45 14.76
C ARG B 487 4.05 -6.97 14.90
N THR B 488 3.21 -7.46 15.81
CA THR B 488 3.22 -8.89 16.13
C THR B 488 2.71 -9.72 14.95
N ALA B 489 1.69 -9.25 14.26
CA ALA B 489 1.22 -9.95 13.08
C ALA B 489 2.29 -9.98 11.99
N GLN B 490 3.16 -8.97 11.93
CA GLN B 490 4.26 -9.00 10.97
C GLN B 490 5.22 -10.15 11.28
N LEU B 491 5.50 -10.37 12.57
CA LEU B 491 6.41 -11.45 12.95
C LEU B 491 5.97 -12.79 12.38
N TYR B 492 4.69 -13.15 12.60
CA TYR B 492 4.22 -14.47 12.23
C TYR B 492 3.98 -14.58 10.73
N ALA B 493 3.55 -13.50 10.10
CA ALA B 493 3.39 -13.52 8.65
C ALA B 493 4.74 -13.70 7.96
N ALA B 494 5.77 -13.00 8.44
CA ALA B 494 7.09 -13.18 7.86
C ALA B 494 7.59 -14.59 8.13
N ARG B 495 7.29 -15.12 9.31
CA ARG B 495 7.78 -16.47 9.60
C ARG B 495 7.13 -17.48 8.67
N ASP B 496 5.84 -17.29 8.35
CA ASP B 496 5.17 -18.23 7.45
C ASP B 496 5.64 -18.07 6.00
N ILE B 497 5.88 -16.83 5.56
CA ILE B 497 6.49 -16.63 4.25
C ILE B 497 7.81 -17.38 4.17
N ALA B 498 8.68 -17.14 5.17
CA ALA B 498 9.99 -17.77 5.18
C ALA B 498 9.87 -19.29 5.16
N ARG B 499 8.96 -19.85 5.95
CA ARG B 499 8.87 -21.30 5.99
C ARG B 499 8.26 -21.86 4.71
N ASP B 500 7.60 -21.03 3.91
CA ASP B 500 7.20 -21.49 2.57
C ASP B 500 8.42 -21.63 1.66
N LEU B 501 9.35 -20.66 1.69
CA LEU B 501 10.60 -20.80 0.93
C LEU B 501 11.37 -22.03 1.39
N LEU B 502 11.45 -22.24 2.70
CA LEU B 502 12.14 -23.40 3.23
C LEU B 502 11.59 -24.68 2.63
N ILE B 503 10.25 -24.76 2.48
CA ILE B 503 9.63 -25.98 1.98
C ILE B 503 10.00 -26.23 0.52
N VAL B 504 10.00 -25.19 -0.31
CA VAL B 504 10.41 -25.33 -1.70
C VAL B 504 11.86 -25.81 -1.79
N ALA B 505 12.76 -25.14 -1.04
CA ALA B 505 14.17 -25.49 -1.13
C ALA B 505 14.45 -26.90 -0.59
N ASP B 506 13.79 -27.27 0.50
CA ASP B 506 13.88 -28.65 0.98
C ASP B 506 13.44 -29.61 -0.11
N SER B 507 12.37 -29.28 -0.83
CA SER B 507 11.89 -30.18 -1.88
C SER B 507 12.93 -30.35 -2.97
N MET B 508 13.58 -29.25 -3.36
CA MET B 508 14.54 -29.34 -4.46
C MET B 508 15.80 -30.08 -4.04
N GLN B 509 16.29 -29.85 -2.81
CA GLN B 509 17.45 -30.60 -2.36
C GLN B 509 17.10 -32.06 -2.15
N LEU B 510 15.86 -32.36 -1.77
CA LEU B 510 15.42 -33.74 -1.66
C LEU B 510 15.47 -34.43 -3.01
N ASN B 511 14.86 -33.81 -4.03
CA ASN B 511 14.95 -34.36 -5.39
C ASN B 511 16.40 -34.63 -5.76
N LEU B 512 17.25 -33.62 -5.64
CA LEU B 512 18.63 -33.77 -6.11
C LEU B 512 19.38 -34.87 -5.35
N LEU B 513 19.18 -34.95 -4.02
CA LEU B 513 19.85 -35.97 -3.24
C LEU B 513 19.39 -37.36 -3.66
N ASN B 514 18.08 -37.55 -3.80
CA ASN B 514 17.56 -38.82 -4.29
C ASN B 514 18.22 -39.19 -5.62
N ASP B 515 18.44 -38.21 -6.50
CA ASP B 515 19.08 -38.48 -7.78
C ASP B 515 20.53 -38.92 -7.59
N GLN B 516 21.28 -38.23 -6.73
CA GLN B 516 22.67 -38.62 -6.50
C GLN B 516 22.77 -40.03 -5.91
N LEU B 517 21.84 -40.39 -5.02
CA LEU B 517 21.89 -41.73 -4.43
C LEU B 517 21.48 -42.79 -5.44
N ALA B 518 20.54 -42.47 -6.33
CA ALA B 518 20.17 -43.43 -7.37
C ALA B 518 21.33 -43.64 -8.34
N ASP B 519 22.10 -42.58 -8.62
CA ASP B 519 23.35 -42.74 -9.35
C ASP B 519 24.28 -43.70 -8.62
N ALA B 520 24.49 -43.47 -7.31
CA ALA B 520 25.42 -44.32 -6.56
C ALA B 520 25.03 -45.80 -6.63
N ASN B 521 23.78 -46.11 -6.26
CA ASN B 521 23.33 -47.50 -6.26
C ASN B 521 23.35 -48.08 -7.67
N GLU B 522 22.92 -47.29 -8.66
CA GLU B 522 22.97 -47.72 -10.05
C GLU B 522 24.38 -48.14 -10.46
N ASN B 523 25.39 -47.33 -10.11
CA ASN B 523 26.78 -47.69 -10.40
C ASN B 523 27.19 -48.97 -9.68
N LEU B 524 26.85 -49.08 -8.39
CA LEU B 524 27.31 -50.22 -7.61
C LEU B 524 26.37 -51.42 -7.81
N ILE C 12 15.02 41.73 -4.32
CA ILE C 12 15.95 40.60 -4.22
C ILE C 12 15.89 39.80 -5.51
N SER C 13 14.72 39.80 -6.14
CA SER C 13 14.55 39.11 -7.41
C SER C 13 15.52 39.63 -8.45
N LYS C 14 15.71 40.95 -8.51
CA LYS C 14 16.69 41.52 -9.42
C LYS C 14 18.10 41.08 -9.09
N LEU C 15 18.46 41.06 -7.79
CA LEU C 15 19.80 40.67 -7.39
C LEU C 15 20.11 39.23 -7.74
N ILE C 16 19.10 38.35 -7.68
CA ILE C 16 19.30 36.97 -8.10
C ILE C 16 19.41 36.89 -9.62
N ALA C 17 18.53 37.61 -10.34
CA ALA C 17 18.56 37.58 -11.80
C ALA C 17 19.92 38.03 -12.33
N ALA C 18 20.56 38.98 -11.65
CA ALA C 18 21.87 39.45 -12.07
C ALA C 18 22.96 38.39 -11.93
N CYS C 19 22.70 37.28 -11.23
CA CYS C 19 23.70 36.22 -11.13
C CYS C 19 23.99 35.62 -12.50
N ASP C 20 22.95 35.44 -13.32
CA ASP C 20 23.08 34.87 -14.65
C ASP C 20 23.82 35.79 -15.63
N GLN C 21 24.32 36.93 -15.17
CA GLN C 21 24.99 37.88 -16.06
C GLN C 21 26.45 37.54 -16.29
N GLU C 22 27.12 36.95 -15.30
CA GLU C 22 28.57 36.77 -15.37
C GLU C 22 28.94 35.77 -16.46
N PRO C 23 29.65 36.16 -17.46
CA PRO C 23 29.91 35.25 -18.59
C PRO C 23 30.98 34.23 -18.20
N ILE C 24 30.55 33.21 -17.46
CA ILE C 24 31.50 32.26 -16.87
C ILE C 24 32.16 31.40 -17.92
N HIS C 25 31.64 31.38 -19.14
CA HIS C 25 32.24 30.65 -20.23
C HIS C 25 33.48 31.34 -20.80
N ILE C 26 33.71 32.61 -20.50
CA ILE C 26 34.87 33.30 -21.07
C ILE C 26 35.67 34.05 -20.01
N PRO C 27 36.18 33.38 -18.97
CA PRO C 27 36.95 34.11 -17.94
C PRO C 27 38.35 34.53 -18.37
N ASN C 28 38.87 34.07 -19.51
CA ASN C 28 40.25 34.37 -19.94
C ASN C 28 41.27 34.00 -18.86
N ALA C 29 40.98 32.91 -18.14
CA ALA C 29 41.85 32.39 -17.10
C ALA C 29 41.44 30.96 -16.83
N ILE C 30 42.34 30.23 -16.19
CA ILE C 30 42.18 28.81 -15.95
C ILE C 30 42.54 28.47 -14.50
N GLN C 31 42.06 27.32 -14.06
CA GLN C 31 42.56 26.78 -12.81
C GLN C 31 43.98 26.28 -13.04
N PRO C 32 44.83 26.31 -12.03
CA PRO C 32 46.27 26.09 -12.27
C PRO C 32 46.69 24.63 -12.29
N PHE C 33 45.77 23.65 -12.33
CA PHE C 33 46.19 22.27 -12.38
C PHE C 33 46.45 21.80 -13.80
N GLY C 34 46.63 22.74 -14.73
CA GLY C 34 47.07 22.45 -16.07
C GLY C 34 47.54 23.73 -16.74
N ALA C 35 47.72 23.65 -18.07
CA ALA C 35 48.00 24.83 -18.89
C ALA C 35 47.14 24.74 -20.13
N MET C 36 47.03 25.86 -20.85
CA MET C 36 46.14 25.93 -22.00
C MET C 36 46.76 26.76 -23.12
N LEU C 37 46.65 26.25 -24.34
CA LEU C 37 46.97 27.01 -25.54
C LEU C 37 45.71 27.17 -26.39
N ILE C 38 45.67 28.27 -27.14
CA ILE C 38 44.58 28.54 -28.07
C ILE C 38 45.20 28.96 -29.39
N VAL C 39 44.87 28.22 -30.44
CA VAL C 39 45.41 28.35 -31.79
C VAL C 39 44.27 28.72 -32.74
N GLU C 40 44.59 29.51 -33.76
CA GLU C 40 43.59 29.77 -34.80
C GLU C 40 43.58 28.63 -35.81
N LYS C 41 42.38 28.26 -36.27
CA LYS C 41 42.26 27.08 -37.12
C LYS C 41 42.82 27.32 -38.52
N ASP C 42 42.50 28.47 -39.11
CA ASP C 42 42.95 28.71 -40.48
C ASP C 42 44.43 29.12 -40.51
N THR C 43 44.83 30.04 -39.63
CA THR C 43 46.19 30.56 -39.68
C THR C 43 47.21 29.66 -38.98
N GLN C 44 46.77 28.72 -38.14
CA GLN C 44 47.60 27.81 -37.36
C GLN C 44 48.43 28.51 -36.29
N GLN C 45 48.32 29.82 -36.13
CA GLN C 45 49.12 30.56 -35.17
C GLN C 45 48.57 30.44 -33.76
N ILE C 46 49.48 30.46 -32.78
CA ILE C 46 49.09 30.45 -31.38
C ILE C 46 48.67 31.87 -30.99
N VAL C 47 47.44 32.02 -30.53
CA VAL C 47 46.91 33.33 -30.19
C VAL C 47 46.76 33.54 -28.69
N TYR C 48 46.70 32.47 -27.89
CA TYR C 48 46.63 32.63 -26.45
C TYR C 48 47.37 31.50 -25.74
N ALA C 49 47.96 31.83 -24.60
CA ALA C 49 48.61 30.84 -23.76
C ALA C 49 48.38 31.21 -22.30
N SER C 50 47.91 30.25 -21.50
CA SER C 50 47.83 30.51 -20.07
C SER C 50 49.22 30.85 -19.55
N ALA C 51 49.24 31.63 -18.47
CA ALA C 51 50.47 32.23 -17.97
C ALA C 51 51.44 31.21 -17.39
N ASN C 52 51.00 29.99 -17.13
CA ASN C 52 51.88 28.94 -16.63
C ASN C 52 52.31 27.96 -17.73
N SER C 53 52.17 28.35 -19.00
CA SER C 53 52.37 27.41 -20.10
C SER C 53 53.76 26.81 -20.11
N ALA C 54 54.79 27.60 -19.78
CA ALA C 54 56.16 27.17 -20.04
C ALA C 54 56.59 26.03 -19.13
N GLU C 55 56.03 25.92 -17.92
CA GLU C 55 56.39 24.80 -17.06
C GLU C 55 55.83 23.48 -17.56
N TYR C 56 54.77 23.51 -18.38
CA TYR C 56 54.25 22.28 -18.97
C TYR C 56 54.92 21.98 -20.31
N PHE C 57 55.01 22.97 -21.18
CA PHE C 57 55.56 22.72 -22.52
C PHE C 57 57.08 22.66 -22.54
N SER C 58 57.77 23.06 -21.47
CA SER C 58 59.20 22.79 -21.39
C SER C 58 59.48 21.31 -21.35
N VAL C 59 58.51 20.52 -20.85
CA VAL C 59 58.60 19.07 -20.96
C VAL C 59 58.49 18.65 -22.42
N ALA C 60 57.74 19.41 -23.23
CA ALA C 60 57.50 19.11 -24.63
C ALA C 60 58.52 19.74 -25.58
N ASP C 61 59.32 20.70 -25.11
CA ASP C 61 60.31 21.34 -25.96
C ASP C 61 61.35 21.98 -25.06
N ASN C 62 62.61 21.58 -25.21
CA ASN C 62 63.68 22.07 -24.36
C ASN C 62 63.93 23.57 -24.55
N THR C 63 63.62 24.09 -25.74
CA THR C 63 63.81 25.51 -26.02
C THR C 63 62.84 26.40 -25.26
N ILE C 64 61.80 25.81 -24.66
CA ILE C 64 60.84 26.57 -23.86
C ILE C 64 61.42 26.74 -22.46
N HIS C 65 61.63 27.99 -22.06
CA HIS C 65 62.00 28.31 -20.69
C HIS C 65 61.13 29.39 -20.09
N GLU C 66 60.28 30.03 -20.87
CA GLU C 66 59.58 31.23 -20.47
C GLU C 66 58.39 31.40 -21.39
N LEU C 67 57.40 32.17 -20.93
CA LEU C 67 56.21 32.39 -21.74
C LEU C 67 56.53 33.09 -23.05
N SER C 68 57.48 34.03 -23.00
CA SER C 68 57.93 34.71 -24.23
C SER C 68 58.37 33.72 -25.29
N ASP C 69 58.88 32.55 -24.90
CA ASP C 69 59.36 31.56 -25.87
C ASP C 69 58.23 30.95 -26.68
N ILE C 70 57.00 30.96 -26.18
CA ILE C 70 55.88 30.43 -26.97
C ILE C 70 55.64 31.28 -28.21
N LYS C 71 55.91 32.59 -28.13
CA LYS C 71 55.66 33.47 -29.26
C LYS C 71 56.42 33.02 -30.51
N GLN C 72 57.66 32.57 -30.33
CA GLN C 72 58.46 32.09 -31.45
C GLN C 72 58.22 30.63 -31.79
N ALA C 73 57.70 29.84 -30.85
CA ALA C 73 57.63 28.40 -31.04
C ALA C 73 56.66 28.03 -32.15
N ASN C 74 56.99 26.96 -32.87
CA ASN C 74 56.08 26.33 -33.81
C ASN C 74 55.17 25.35 -33.07
N ILE C 75 53.90 25.30 -33.46
CA ILE C 75 52.95 24.46 -32.74
C ILE C 75 53.32 22.97 -32.87
N ASN C 76 53.83 22.56 -34.02
CA ASN C 76 54.08 21.15 -34.29
C ASN C 76 55.14 20.54 -33.39
N SER C 77 55.94 21.36 -32.72
CA SER C 77 56.90 20.87 -31.74
C SER C 77 56.35 20.88 -30.32
N LEU C 78 55.15 21.44 -30.12
CA LEU C 78 54.53 21.52 -28.80
C LEU C 78 53.42 20.50 -28.58
N LEU C 79 52.80 19.99 -29.64
CA LEU C 79 51.69 19.07 -29.53
C LEU C 79 52.00 17.79 -30.31
N PRO C 80 51.65 16.63 -29.77
CA PRO C 80 51.95 15.38 -30.48
C PRO C 80 51.18 15.28 -31.79
N GLU C 81 51.75 14.51 -32.73
CA GLU C 81 51.19 14.42 -34.07
C GLU C 81 49.74 13.96 -34.06
N HIS C 82 49.42 12.99 -33.20
CA HIS C 82 48.05 12.46 -33.14
C HIS C 82 47.05 13.57 -32.81
N LEU C 83 47.43 14.52 -31.96
CA LEU C 83 46.51 15.59 -31.62
C LEU C 83 46.34 16.57 -32.76
N ILE C 84 47.40 16.86 -33.51
CA ILE C 84 47.28 17.79 -34.63
C ILE C 84 46.43 17.16 -35.75
N SER C 85 46.76 15.94 -36.15
CA SER C 85 45.96 15.26 -37.14
C SER C 85 44.50 15.17 -36.68
N GLY C 86 44.29 14.80 -35.42
CA GLY C 86 42.93 14.69 -34.91
C GLY C 86 42.16 16.00 -34.93
N LEU C 87 42.83 17.10 -34.61
CA LEU C 87 42.14 18.38 -34.61
C LEU C 87 41.82 18.83 -36.03
N ALA C 88 42.75 18.64 -36.97
CA ALA C 88 42.47 18.94 -38.37
C ALA C 88 41.28 18.13 -38.86
N SER C 89 41.34 16.80 -38.70
CA SER C 89 40.30 15.92 -39.16
C SER C 89 39.01 16.05 -38.37
N ALA C 90 38.99 16.88 -37.33
CA ALA C 90 37.81 17.01 -36.49
C ALA C 90 36.75 17.85 -37.22
N ILE C 91 35.56 17.28 -37.38
CA ILE C 91 34.44 17.93 -38.06
C ILE C 91 33.52 18.64 -37.09
N ARG C 92 33.07 17.94 -36.04
CA ARG C 92 32.09 18.47 -35.11
C ARG C 92 32.78 19.26 -34.00
N GLU C 93 32.26 20.44 -33.70
CA GLU C 93 32.84 21.29 -32.68
C GLU C 93 32.60 20.71 -31.28
N ASN C 94 33.45 21.11 -30.34
CA ASN C 94 33.28 20.84 -28.91
C ASN C 94 33.27 19.35 -28.59
N GLU C 95 34.08 18.57 -29.32
CA GLU C 95 34.25 17.13 -29.10
C GLU C 95 35.72 16.85 -28.77
N PRO C 96 36.09 16.91 -27.48
CA PRO C 96 37.51 16.91 -27.14
C PRO C 96 38.21 15.59 -27.46
N ILE C 97 39.49 15.71 -27.85
CA ILE C 97 40.36 14.60 -28.19
C ILE C 97 41.40 14.46 -27.09
N TRP C 98 41.57 13.24 -26.60
CA TRP C 98 42.41 12.95 -25.44
C TRP C 98 43.63 12.19 -25.95
N VAL C 99 44.79 12.83 -25.87
CA VAL C 99 46.03 12.26 -26.37
C VAL C 99 47.07 12.34 -25.26
N GLU C 100 47.65 11.21 -24.89
CA GLU C 100 48.68 11.19 -23.86
C GLU C 100 50.04 10.90 -24.48
N THR C 101 51.10 11.45 -23.88
CA THR C 101 52.47 11.13 -24.21
C THR C 101 53.11 10.37 -23.04
N ASP C 102 54.44 10.40 -22.96
CA ASP C 102 55.12 9.83 -21.81
C ASP C 102 54.83 10.63 -20.55
N ARG C 103 54.85 11.96 -20.65
CA ARG C 103 54.80 12.83 -19.48
C ARG C 103 53.60 13.75 -19.44
N LEU C 104 52.87 13.93 -20.55
CA LEU C 104 51.83 14.93 -20.65
C LEU C 104 50.52 14.30 -21.10
N SER C 105 49.43 14.74 -20.49
CA SER C 105 48.10 14.35 -20.96
C SER C 105 47.40 15.56 -21.56
N PHE C 106 47.09 15.47 -22.85
CA PHE C 106 46.48 16.52 -23.65
C PHE C 106 45.00 16.26 -23.86
N LEU C 107 44.26 17.36 -24.01
CA LEU C 107 42.83 17.33 -24.34
C LEU C 107 42.55 18.56 -25.19
N GLY C 108 42.08 18.38 -26.41
CA GLY C 108 41.89 19.51 -27.30
C GLY C 108 40.60 19.38 -28.09
N TRP C 109 39.98 20.53 -28.37
CA TRP C 109 38.76 20.55 -29.16
C TRP C 109 38.78 21.78 -30.05
N ARG C 110 37.88 21.81 -31.01
CA ARG C 110 37.70 22.96 -31.87
C ARG C 110 36.44 23.70 -31.47
N HIS C 111 36.54 25.02 -31.38
CA HIS C 111 35.39 25.88 -31.15
C HIS C 111 35.45 26.99 -32.19
N GLU C 112 34.56 26.93 -33.18
CA GLU C 112 34.52 27.88 -34.30
C GLU C 112 35.88 27.89 -34.96
N ASN C 113 36.58 29.02 -35.03
CA ASN C 113 37.87 29.07 -35.72
C ASN C 113 39.05 28.82 -34.79
N TYR C 114 38.83 28.22 -33.63
CA TYR C 114 39.93 27.97 -32.71
C TYR C 114 40.07 26.49 -32.37
N TYR C 115 41.31 26.08 -32.16
CA TYR C 115 41.63 24.89 -31.40
C TYR C 115 41.99 25.33 -29.99
N ILE C 116 41.38 24.70 -29.00
CA ILE C 116 41.73 24.91 -27.60
C ILE C 116 42.36 23.63 -27.10
N ILE C 117 43.52 23.75 -26.45
CA ILE C 117 44.25 22.59 -25.96
C ILE C 117 44.57 22.81 -24.49
N GLU C 118 44.11 21.90 -23.65
CA GLU C 118 44.52 21.84 -22.26
C GLU C 118 45.54 20.71 -22.10
N VAL C 119 46.47 20.92 -21.19
CA VAL C 119 47.52 19.95 -20.94
C VAL C 119 47.71 19.83 -19.44
N GLU C 120 47.82 18.60 -18.96
CA GLU C 120 48.06 18.31 -17.54
C GLU C 120 49.27 17.39 -17.42
N ARG C 121 49.77 17.27 -16.19
CA ARG C 121 50.79 16.28 -15.92
C ARG C 121 50.14 14.93 -15.70
N TYR C 122 50.86 13.86 -16.08
CA TYR C 122 50.26 12.56 -16.31
C TYR C 122 51.01 11.48 -15.52
N HIS C 123 50.26 10.68 -14.74
CA HIS C 123 50.83 9.58 -13.96
C HIS C 123 50.33 8.23 -14.52
N VAL C 124 51.29 7.42 -15.00
CA VAL C 124 50.97 6.19 -15.73
C VAL C 124 50.32 5.16 -14.81
N GLN C 125 49.19 4.60 -15.26
CA GLN C 125 48.42 3.61 -14.51
C GLN C 125 48.65 2.24 -15.13
N THR C 126 49.13 1.29 -14.33
CA THR C 126 49.55 0.00 -14.87
C THR C 126 48.80 -1.18 -14.27
N SER C 127 47.69 -0.92 -13.60
CA SER C 127 46.93 -1.94 -12.88
C SER C 127 45.60 -2.21 -13.57
N ASN C 128 44.84 -3.15 -13.01
CA ASN C 128 43.48 -3.44 -13.43
C ASN C 128 42.43 -2.81 -12.51
N TRP C 129 42.84 -1.84 -11.69
CA TRP C 129 41.95 -1.22 -10.72
C TRP C 129 40.68 -0.69 -11.39
N PHE C 130 40.83 0.22 -12.36
CA PHE C 130 39.68 0.86 -13.00
C PHE C 130 38.70 -0.16 -13.57
N GLU C 131 39.19 -1.20 -14.23
CA GLU C 131 38.30 -2.21 -14.81
C GLU C 131 37.55 -2.98 -13.73
N ILE C 132 38.22 -3.27 -12.61
CA ILE C 132 37.56 -3.94 -11.50
C ILE C 132 36.48 -3.04 -10.89
N GLN C 133 36.79 -1.74 -10.73
CA GLN C 133 35.79 -0.77 -10.25
C GLN C 133 34.60 -0.67 -11.20
N PHE C 134 34.87 -0.62 -12.52
CA PHE C 134 33.78 -0.57 -13.48
C PHE C 134 32.91 -1.80 -13.35
N GLN C 135 33.52 -2.96 -13.16
CA GLN C 135 32.70 -4.16 -13.04
C GLN C 135 31.86 -4.12 -11.75
N ARG C 136 32.46 -3.72 -10.62
CA ARG C 136 31.74 -3.71 -9.36
C ARG C 136 30.62 -2.66 -9.37
N ALA C 137 30.91 -1.47 -9.89
CA ALA C 137 29.90 -0.43 -9.97
C ALA C 137 28.72 -0.90 -10.81
N PHE C 138 29.00 -1.50 -11.96
CA PHE C 138 27.88 -1.89 -12.80
C PHE C 138 27.10 -3.04 -12.16
N GLN C 139 27.78 -3.98 -11.51
CA GLN C 139 27.07 -5.05 -10.85
C GLN C 139 26.12 -4.50 -9.79
N LYS C 140 26.61 -3.55 -8.99
CA LYS C 140 25.78 -3.04 -7.91
C LYS C 140 24.61 -2.23 -8.45
N LEU C 141 24.86 -1.37 -9.44
CA LEU C 141 23.77 -0.60 -10.02
C LEU C 141 22.72 -1.50 -10.68
N ARG C 142 23.15 -2.55 -11.39
CA ARG C 142 22.20 -3.44 -12.05
C ARG C 142 21.28 -4.14 -11.05
N ASN C 143 21.76 -4.37 -9.82
CA ASN C 143 20.99 -5.04 -8.81
C ASN C 143 20.13 -4.10 -7.97
N CYS C 144 20.23 -2.79 -8.20
CA CYS C 144 19.37 -1.83 -7.54
C CYS C 144 18.00 -1.87 -8.21
N LYS C 145 16.97 -2.18 -7.43
CA LYS C 145 15.63 -2.32 -7.97
C LYS C 145 14.64 -1.30 -7.42
N THR C 146 15.05 -0.45 -6.50
CA THR C 146 14.19 0.62 -6.03
C THR C 146 14.91 1.95 -6.16
N HIS C 147 14.09 3.00 -6.14
CA HIS C 147 14.61 4.36 -6.14
C HIS C 147 15.61 4.60 -5.01
N ASN C 148 15.25 4.21 -3.78
CA ASN C 148 16.12 4.51 -2.64
C ASN C 148 17.44 3.74 -2.74
N ASP C 149 17.35 2.49 -3.18
CA ASP C 149 18.55 1.67 -3.35
C ASP C 149 19.49 2.28 -4.37
N LEU C 150 18.95 2.68 -5.52
CA LEU C 150 19.79 3.26 -6.57
C LEU C 150 20.57 4.46 -6.04
N ILE C 151 19.87 5.45 -5.50
CA ILE C 151 20.52 6.71 -5.15
C ILE C 151 21.52 6.51 -4.02
N ASN C 152 21.21 5.66 -3.04
CA ASN C 152 22.18 5.45 -1.96
C ASN C 152 23.41 4.68 -2.44
N THR C 153 23.19 3.67 -3.27
CA THR C 153 24.29 2.95 -3.90
C THR C 153 25.16 3.88 -4.75
N LEU C 154 24.53 4.81 -5.48
CA LEU C 154 25.29 5.76 -6.28
C LEU C 154 26.20 6.60 -5.40
N THR C 155 25.67 7.17 -4.31
CA THR C 155 26.56 8.02 -3.50
C THR C 155 27.68 7.19 -2.88
N ARG C 156 27.38 5.95 -2.47
CA ARG C 156 28.45 5.11 -1.94
C ARG C 156 29.54 4.86 -2.98
N LEU C 157 29.16 4.53 -4.22
CA LEU C 157 30.16 4.31 -5.27
C LEU C 157 30.94 5.58 -5.57
N ILE C 158 30.26 6.73 -5.75
CA ILE C 158 31.00 7.94 -6.08
C ILE C 158 32.00 8.27 -4.98
N GLN C 159 31.63 8.05 -3.72
CA GLN C 159 32.55 8.35 -2.63
C GLN C 159 33.71 7.35 -2.57
N GLU C 160 33.44 6.06 -2.79
CA GLU C 160 34.53 5.09 -2.77
C GLU C 160 35.49 5.33 -3.93
N ILE C 161 34.97 5.65 -5.10
CA ILE C 161 35.81 5.84 -6.26
C ILE C 161 36.63 7.12 -6.12
N SER C 162 35.98 8.22 -5.73
CA SER C 162 36.64 9.52 -5.75
C SER C 162 37.39 9.85 -4.47
N GLY C 163 37.03 9.24 -3.34
CA GLY C 163 37.65 9.59 -2.08
C GLY C 163 37.21 10.93 -1.51
N TYR C 164 36.28 11.61 -2.15
CA TYR C 164 35.77 12.86 -1.60
C TYR C 164 34.97 12.58 -0.33
N ASP C 165 35.15 13.44 0.67
CA ASP C 165 34.64 13.15 2.00
C ASP C 165 33.12 13.28 2.09
N ARG C 166 32.49 13.95 1.14
CA ARG C 166 31.05 14.12 1.18
C ARG C 166 30.50 14.04 -0.23
N VAL C 167 29.61 13.08 -0.49
CA VAL C 167 28.96 12.95 -1.78
C VAL C 167 27.46 13.06 -1.58
N MET C 168 26.80 13.78 -2.46
CA MET C 168 25.39 14.09 -2.32
C MET C 168 24.72 13.98 -3.67
N ILE C 169 23.50 13.49 -3.69
CA ILE C 169 22.65 13.64 -4.86
C ILE C 169 21.67 14.77 -4.60
N TYR C 170 21.66 15.75 -5.50
CA TYR C 170 20.93 17.00 -5.33
C TYR C 170 19.93 17.11 -6.47
N GLN C 171 18.65 16.92 -6.16
CA GLN C 171 17.61 16.90 -7.18
C GLN C 171 16.95 18.26 -7.30
N PHE C 172 16.72 18.69 -8.53
CA PHE C 172 16.09 19.97 -8.79
C PHE C 172 14.56 19.83 -8.76
N ASP C 173 13.90 20.89 -8.32
CA ASP C 173 12.45 21.04 -8.46
C ASP C 173 12.15 21.86 -9.71
N PRO C 174 10.88 21.98 -10.13
CA PRO C 174 10.61 22.63 -11.43
C PRO C 174 11.00 24.10 -11.46
N GLU C 175 11.29 24.69 -10.30
CA GLU C 175 11.75 26.06 -10.22
C GLU C 175 13.27 26.17 -10.04
N TRP C 176 13.97 25.04 -10.08
CA TRP C 176 15.42 24.90 -9.99
C TRP C 176 15.96 25.14 -8.58
N ASN C 177 15.10 25.25 -7.57
CA ASN C 177 15.55 24.91 -6.22
C ASN C 177 15.86 23.44 -6.17
N GLY C 178 16.46 22.99 -5.07
CA GLY C 178 16.85 21.60 -5.02
C GLY C 178 16.88 21.05 -3.60
N ARG C 179 17.01 19.74 -3.52
CA ARG C 179 17.11 19.11 -2.22
C ARG C 179 18.12 17.96 -2.29
N VAL C 180 18.86 17.77 -1.21
CA VAL C 180 19.75 16.61 -1.09
C VAL C 180 18.88 15.42 -0.74
N ILE C 181 18.86 14.42 -1.63
CA ILE C 181 17.98 13.26 -1.45
C ILE C 181 18.74 12.00 -1.06
N ALA C 182 20.07 12.01 -1.13
CA ALA C 182 20.88 10.88 -0.68
C ALA C 182 22.25 11.42 -0.34
N GLU C 183 22.97 10.71 0.55
CA GLU C 183 24.23 11.26 1.00
C GLU C 183 25.12 10.17 1.61
N SER C 184 26.41 10.25 1.31
CA SER C 184 27.46 9.47 1.97
C SER C 184 28.51 10.47 2.41
N VAL C 185 28.60 10.69 3.71
CA VAL C 185 29.45 11.74 4.23
C VAL C 185 30.31 11.14 5.33
N ARG C 186 31.61 11.43 5.28
CA ARG C 186 32.56 10.95 6.27
C ARG C 186 32.67 11.96 7.40
N GLN C 187 33.37 11.54 8.46
CA GLN C 187 33.22 12.16 9.78
C GLN C 187 33.47 13.67 9.75
N LEU C 188 34.25 14.16 8.80
CA LEU C 188 34.70 15.55 8.82
C LEU C 188 33.56 16.54 8.56
N PHE C 189 32.66 16.23 7.62
CA PHE C 189 31.65 17.18 7.15
C PHE C 189 30.33 17.02 7.91
N THR C 190 29.51 18.09 7.83
CA THR C 190 28.16 18.07 8.38
C THR C 190 27.20 17.44 7.38
N SER C 191 26.21 16.72 7.88
CA SER C 191 25.25 16.08 7.00
C SER C 191 24.31 17.12 6.40
N MET C 192 24.06 16.97 5.09
CA MET C 192 23.14 17.87 4.40
C MET C 192 21.91 17.12 3.89
N LEU C 193 21.74 15.87 4.29
CA LEU C 193 20.60 15.08 3.82
C LEU C 193 19.29 15.80 4.11
N ASN C 194 18.43 15.87 3.09
CA ASN C 194 17.11 16.48 3.12
C ASN C 194 17.14 17.99 3.28
N HIS C 195 18.31 18.62 3.14
CA HIS C 195 18.37 20.06 3.19
C HIS C 195 17.98 20.65 1.83
N HIS C 196 17.26 21.77 1.88
CA HIS C 196 16.81 22.49 0.69
C HIS C 196 17.79 23.61 0.36
N PHE C 197 18.12 23.73 -0.92
CA PHE C 197 18.96 24.82 -1.39
C PHE C 197 18.19 25.61 -2.44
N PRO C 198 18.37 26.93 -2.49
CA PRO C 198 17.62 27.74 -3.45
C PRO C 198 18.27 27.73 -4.83
N ALA C 199 17.47 28.11 -5.82
CA ALA C 199 17.91 28.12 -7.21
C ALA C 199 19.15 28.99 -7.39
N SER C 200 19.18 30.15 -6.73
CA SER C 200 20.29 31.09 -6.89
C SER C 200 21.64 30.44 -6.57
N ASP C 201 21.66 29.28 -5.90
CA ASP C 201 22.93 28.59 -5.67
C ASP C 201 23.59 28.16 -6.96
N ILE C 202 22.80 27.87 -8.00
CA ILE C 202 23.34 27.45 -9.30
C ILE C 202 22.64 28.21 -10.42
N PRO C 203 23.19 29.36 -10.85
CA PRO C 203 22.53 30.16 -11.89
C PRO C 203 22.34 29.34 -13.17
N ALA C 204 21.48 29.87 -14.05
CA ALA C 204 21.09 29.14 -15.25
C ALA C 204 22.29 28.85 -16.16
N GLN C 205 23.16 29.84 -16.34
CA GLN C 205 24.41 29.64 -17.08
C GLN C 205 25.22 28.49 -16.50
N ALA C 206 25.27 28.41 -15.16
CA ALA C 206 25.98 27.33 -14.49
C ALA C 206 25.30 25.99 -14.73
N ARG C 207 23.96 25.95 -14.67
CA ARG C 207 23.26 24.70 -14.95
C ARG C 207 23.47 24.27 -16.39
N ALA C 208 23.61 25.24 -17.29
CA ALA C 208 23.81 24.97 -18.71
C ALA C 208 25.16 24.33 -18.98
N MET C 209 26.19 24.65 -18.19
CA MET C 209 27.52 24.09 -18.44
C MET C 209 27.54 22.56 -18.38
N TYR C 210 26.66 21.94 -17.59
CA TYR C 210 26.66 20.48 -17.50
C TYR C 210 26.34 19.83 -18.84
N SER C 211 25.60 20.52 -19.71
CA SER C 211 25.30 20.03 -21.05
C SER C 211 26.50 20.11 -22.00
N ILE C 212 27.48 20.94 -21.70
CA ILE C 212 28.69 21.01 -22.51
C ILE C 212 29.77 20.11 -21.96
N ASN C 213 29.93 20.05 -20.64
CA ASN C 213 30.81 19.08 -20.04
C ASN C 213 30.11 18.58 -18.79
N PRO C 214 29.83 17.28 -18.72
CA PRO C 214 29.07 16.75 -17.58
C PRO C 214 29.82 16.82 -16.25
N ILE C 215 31.12 17.04 -16.22
CA ILE C 215 31.84 17.09 -14.96
C ILE C 215 32.47 18.46 -14.79
N ARG C 216 32.42 18.97 -13.57
CA ARG C 216 33.14 20.16 -13.15
C ARG C 216 34.06 19.79 -12.00
N ILE C 217 35.28 20.29 -12.06
CA ILE C 217 36.36 19.87 -11.17
C ILE C 217 37.04 21.13 -10.63
N ILE C 218 37.10 21.24 -9.32
CA ILE C 218 37.68 22.38 -8.62
C ILE C 218 38.58 21.74 -7.57
N PRO C 219 39.84 21.41 -7.91
CA PRO C 219 40.67 20.63 -6.98
C PRO C 219 41.16 21.44 -5.78
N ASP C 220 41.01 22.76 -5.79
CA ASP C 220 41.57 23.58 -4.74
C ASP C 220 40.90 24.94 -4.82
N VAL C 221 40.12 25.27 -3.79
CA VAL C 221 39.33 26.50 -3.79
C VAL C 221 40.23 27.73 -3.66
N ASN C 222 41.46 27.57 -3.19
CA ASN C 222 42.34 28.70 -2.96
C ASN C 222 43.47 28.78 -3.97
N ALA C 223 43.40 28.04 -5.07
CA ALA C 223 44.42 28.06 -6.10
C ALA C 223 44.27 29.29 -6.98
N GLU C 224 45.33 30.10 -7.05
CA GLU C 224 45.28 31.33 -7.83
C GLU C 224 45.06 31.02 -9.31
N PRO C 225 44.08 31.64 -9.96
CA PRO C 225 43.86 31.38 -11.39
C PRO C 225 44.92 32.05 -12.26
N GLN C 226 45.24 31.37 -13.38
CA GLN C 226 46.29 31.79 -14.31
C GLN C 226 45.68 32.48 -15.51
N PRO C 227 45.94 33.77 -15.73
CA PRO C 227 45.32 34.47 -16.87
C PRO C 227 45.88 33.99 -18.22
N LEU C 228 45.12 34.31 -19.26
CA LEU C 228 45.54 34.05 -20.64
C LEU C 228 46.38 35.22 -21.16
N HIS C 229 47.47 34.90 -21.84
CA HIS C 229 48.32 35.88 -22.49
C HIS C 229 48.11 35.80 -23.99
N MET C 230 47.98 36.96 -24.63
CA MET C 230 47.89 36.99 -26.08
C MET C 230 49.27 36.70 -26.65
N ILE C 231 49.35 35.76 -27.58
CA ILE C 231 50.64 35.44 -28.18
C ILE C 231 50.78 36.16 -29.51
N HIS C 232 50.13 35.66 -30.55
CA HIS C 232 49.97 36.42 -31.78
C HIS C 232 48.56 36.99 -31.84
N LYS C 233 48.44 38.14 -32.50
CA LYS C 233 47.16 38.83 -32.62
C LYS C 233 46.13 37.94 -33.33
N PRO C 234 44.97 37.71 -32.74
CA PRO C 234 43.91 36.99 -33.46
C PRO C 234 43.12 37.94 -34.37
N GLN C 235 42.45 37.34 -35.36
CA GLN C 235 41.57 38.12 -36.23
C GLN C 235 40.40 38.71 -35.46
N ASN C 236 39.88 37.97 -34.48
CA ASN C 236 38.73 38.38 -33.68
C ASN C 236 39.16 38.44 -32.23
N THR C 237 39.09 39.64 -31.64
CA THR C 237 39.58 39.88 -30.29
C THR C 237 38.62 39.43 -29.20
N GLU C 238 37.40 39.01 -29.55
CA GLU C 238 36.46 38.54 -28.55
C GLU C 238 37.07 37.41 -27.74
N ALA C 239 36.74 37.35 -26.45
CA ALA C 239 37.22 36.27 -25.61
C ALA C 239 36.72 34.94 -26.14
N VAL C 240 37.58 33.93 -26.03
CA VAL C 240 37.31 32.61 -26.59
C VAL C 240 36.54 31.78 -25.58
N ASN C 241 35.57 31.00 -26.06
CA ASN C 241 34.72 30.20 -25.19
C ASN C 241 35.49 28.97 -24.71
N LEU C 242 35.57 28.80 -23.38
CA LEU C 242 36.38 27.73 -22.79
C LEU C 242 35.55 26.56 -22.24
N SER C 243 34.28 26.44 -22.62
CA SER C 243 33.35 25.62 -21.86
C SER C 243 33.60 24.12 -21.99
N SER C 244 34.21 23.67 -23.08
CA SER C 244 34.25 22.23 -23.29
C SER C 244 35.27 21.50 -22.40
N GLY C 245 36.23 22.22 -21.83
CA GLY C 245 37.31 21.62 -21.08
C GLY C 245 36.98 21.49 -19.61
N VAL C 246 38.04 21.30 -18.82
CA VAL C 246 37.92 21.27 -17.36
C VAL C 246 38.77 22.33 -16.67
N LEU C 247 39.59 23.08 -17.40
CA LEU C 247 40.51 24.02 -16.76
C LEU C 247 39.92 25.40 -16.59
N ARG C 248 38.81 25.68 -17.27
CA ARG C 248 38.08 26.93 -17.16
C ARG C 248 38.05 27.45 -15.73
N ALA C 249 38.53 28.67 -15.53
CA ALA C 249 38.57 29.28 -14.19
C ALA C 249 37.18 29.40 -13.60
N VAL C 250 37.13 29.42 -12.27
CA VAL C 250 35.87 29.40 -11.54
C VAL C 250 35.47 30.81 -11.13
N SER C 251 34.19 31.10 -11.23
CA SER C 251 33.65 32.36 -10.72
C SER C 251 34.11 32.60 -9.27
N PRO C 252 34.58 33.80 -8.94
CA PRO C 252 34.97 34.05 -7.55
C PRO C 252 33.79 34.01 -6.60
N LEU C 253 32.58 34.28 -7.07
CA LEU C 253 31.41 34.13 -6.22
C LEU C 253 31.25 32.68 -5.78
N HIS C 254 31.46 31.73 -6.70
CA HIS C 254 31.28 30.35 -6.29
C HIS C 254 32.44 29.85 -5.44
N MET C 255 33.65 30.38 -5.63
CA MET C 255 34.75 29.98 -4.75
C MET C 255 34.46 30.40 -3.32
N GLN C 256 34.01 31.65 -3.13
CA GLN C 256 33.61 32.13 -1.81
C GLN C 256 32.43 31.34 -1.26
N TYR C 257 31.49 30.96 -2.12
CA TYR C 257 30.42 30.05 -1.72
C TYR C 257 31.00 28.79 -1.10
N LEU C 258 31.92 28.14 -1.82
CA LEU C 258 32.52 26.90 -1.30
C LEU C 258 33.26 27.15 0.02
N ARG C 259 33.96 28.29 0.15
CA ARG C 259 34.62 28.62 1.42
C ARG C 259 33.60 28.73 2.56
N ASN C 260 32.50 29.45 2.31
CA ASN C 260 31.42 29.54 3.28
C ASN C 260 30.80 28.18 3.56
N PHE C 261 30.73 27.30 2.56
CA PHE C 261 30.27 25.94 2.78
C PHE C 261 31.32 25.10 3.50
N GLY C 262 32.51 25.65 3.75
CA GLY C 262 33.59 24.91 4.37
C GLY C 262 34.25 23.89 3.47
N VAL C 263 34.37 24.20 2.18
CA VAL C 263 34.79 23.23 1.17
C VAL C 263 36.09 23.72 0.55
N SER C 264 37.10 22.84 0.51
CA SER C 264 38.36 23.16 -0.15
C SER C 264 38.43 22.66 -1.58
N ALA C 265 37.62 21.67 -1.94
CA ALA C 265 37.65 21.10 -3.28
C ALA C 265 36.29 20.48 -3.57
N SER C 266 35.87 20.55 -4.83
CA SER C 266 34.61 19.94 -5.18
C SER C 266 34.69 19.42 -6.61
N THR C 267 33.76 18.53 -6.91
CA THR C 267 33.59 17.98 -8.24
C THR C 267 32.12 17.66 -8.31
N SER C 268 31.45 18.04 -9.38
CA SER C 268 30.06 17.63 -9.54
C SER C 268 29.82 17.11 -10.95
N ILE C 269 28.88 16.16 -11.05
CA ILE C 269 28.54 15.50 -12.31
C ILE C 269 27.04 15.64 -12.53
N GLY C 270 26.65 16.20 -13.66
CA GLY C 270 25.24 16.40 -13.93
C GLY C 270 24.54 15.09 -14.18
N ILE C 271 23.32 14.99 -13.67
CA ILE C 271 22.48 13.82 -13.86
C ILE C 271 21.43 14.18 -14.88
N PHE C 272 21.45 13.50 -16.03
CA PHE C 272 20.58 13.88 -17.13
C PHE C 272 19.51 12.83 -17.35
N ASN C 273 18.29 13.29 -17.54
CA ASN C 273 17.20 12.46 -18.02
C ASN C 273 16.92 12.94 -19.43
N GLU C 274 17.36 12.14 -20.40
CA GLU C 274 17.48 12.56 -21.79
C GLU C 274 18.29 13.85 -21.85
N ASP C 275 17.65 14.95 -22.23
CA ASP C 275 18.39 16.19 -22.40
C ASP C 275 18.13 17.18 -21.28
N GLU C 276 17.34 16.81 -20.28
CA GLU C 276 17.01 17.67 -19.16
C GLU C 276 17.88 17.34 -17.96
N LEU C 277 18.36 18.39 -17.30
CA LEU C 277 19.19 18.25 -16.11
C LEU C 277 18.26 18.00 -14.93
N TRP C 278 18.25 16.76 -14.44
CA TRP C 278 17.37 16.35 -13.34
C TRP C 278 18.00 16.58 -11.97
N GLY C 279 19.31 16.46 -11.86
CA GLY C 279 20.00 16.88 -10.66
C GLY C 279 21.51 16.86 -10.88
N ILE C 280 22.26 16.86 -9.77
CA ILE C 280 23.71 16.74 -9.84
C ILE C 280 24.21 15.87 -8.69
N VAL C 281 25.32 15.17 -8.95
CA VAL C 281 26.10 14.51 -7.92
C VAL C 281 27.17 15.52 -7.50
N ALA C 282 27.05 16.03 -6.28
CA ALA C 282 27.95 17.04 -5.73
C ALA C 282 28.89 16.40 -4.72
N CYS C 283 30.20 16.59 -4.90
CA CYS C 283 31.20 16.00 -4.03
C CYS C 283 32.13 17.08 -3.49
N HIS C 284 32.41 16.98 -2.20
CA HIS C 284 33.21 17.95 -1.47
C HIS C 284 34.32 17.24 -0.70
N HIS C 285 35.41 17.99 -0.51
CA HIS C 285 36.53 17.55 0.31
C HIS C 285 37.00 18.73 1.16
N THR C 286 37.54 18.41 2.35
CA THR C 286 38.01 19.44 3.27
C THR C 286 39.45 19.83 3.03
N LYS C 287 40.11 19.23 2.04
CA LYS C 287 41.46 19.57 1.63
C LYS C 287 41.48 19.55 0.11
N PRO C 288 42.50 20.14 -0.51
CA PRO C 288 42.61 20.05 -1.97
C PRO C 288 42.64 18.60 -2.44
N ARG C 289 42.13 18.36 -3.64
CA ARG C 289 42.09 17.00 -4.18
C ARG C 289 41.92 17.03 -5.68
N ALA C 290 42.96 16.66 -6.41
CA ALA C 290 42.85 16.47 -7.85
C ALA C 290 42.40 15.05 -8.17
N ILE C 291 41.68 14.90 -9.29
CA ILE C 291 41.37 13.58 -9.83
C ILE C 291 41.80 13.54 -11.29
N GLY C 292 42.54 12.50 -11.66
CA GLY C 292 43.03 12.34 -13.01
C GLY C 292 41.91 12.11 -14.01
N ARG C 293 42.28 12.12 -15.29
CA ARG C 293 41.30 11.93 -16.36
C ARG C 293 40.58 10.59 -16.26
N ARG C 294 41.25 9.55 -15.78
CA ARG C 294 40.64 8.23 -15.74
C ARG C 294 39.58 8.15 -14.65
N ILE C 295 39.84 8.77 -13.51
CA ILE C 295 38.85 8.83 -12.44
C ILE C 295 37.68 9.70 -12.86
N ARG C 296 37.96 10.79 -13.58
CA ARG C 296 36.88 11.60 -14.13
C ARG C 296 35.97 10.74 -15.00
N ARG C 297 36.55 9.98 -15.93
CA ARG C 297 35.73 9.16 -16.82
C ARG C 297 34.97 8.09 -16.04
N LEU C 298 35.63 7.42 -15.09
CA LEU C 298 34.95 6.39 -14.32
C LEU C 298 33.76 6.98 -13.56
N LEU C 299 33.91 8.18 -13.01
CA LEU C 299 32.80 8.88 -12.36
C LEU C 299 31.65 9.13 -13.34
N VAL C 300 31.93 9.82 -14.44
CA VAL C 300 30.85 10.18 -15.36
C VAL C 300 30.17 8.94 -15.92
N ARG C 301 30.96 7.89 -16.22
CA ARG C 301 30.36 6.67 -16.73
C ARG C 301 29.46 6.03 -15.69
N THR C 302 29.87 6.05 -14.41
CA THR C 302 29.05 5.45 -13.37
C THR C 302 27.75 6.21 -13.18
N VAL C 303 27.84 7.55 -13.11
CA VAL C 303 26.63 8.36 -13.00
C VAL C 303 25.71 8.14 -14.20
N GLU C 304 26.30 7.96 -15.41
CA GLU C 304 25.47 7.74 -16.59
C GLU C 304 24.78 6.38 -16.55
N PHE C 305 25.50 5.34 -16.13
CA PHE C 305 24.85 4.03 -16.01
C PHE C 305 23.80 4.06 -14.90
N ALA C 306 24.06 4.82 -13.83
CA ALA C 306 23.11 4.86 -12.72
C ALA C 306 21.82 5.60 -13.09
N ALA C 307 21.93 6.68 -13.88
CA ALA C 307 20.74 7.44 -14.27
C ALA C 307 19.80 6.61 -15.16
N GLU C 308 20.33 6.01 -16.24
CA GLU C 308 19.52 5.08 -17.04
C GLU C 308 18.88 4.02 -16.17
N ARG C 309 19.61 3.56 -15.16
CA ARG C 309 19.02 2.60 -14.23
C ARG C 309 17.83 3.21 -13.48
N LEU C 310 18.01 4.42 -12.93
CA LEU C 310 16.96 5.10 -12.15
C LEU C 310 15.71 5.38 -13.00
N TRP C 311 15.92 5.85 -14.24
CA TRP C 311 14.79 6.08 -15.15
C TRP C 311 14.10 4.78 -15.50
N LEU C 312 14.87 3.72 -15.70
CA LEU C 312 14.25 2.42 -15.91
C LEU C 312 13.43 2.01 -14.69
N ILE C 313 13.88 2.34 -13.48
CA ILE C 313 13.16 1.92 -12.29
C ILE C 313 11.86 2.68 -12.16
N HIS C 314 11.90 3.99 -12.42
CA HIS C 314 10.68 4.80 -12.41
C HIS C 314 9.70 4.31 -13.48
N SER C 315 10.18 4.09 -14.70
CA SER C 315 9.31 3.69 -15.79
C SER C 315 8.64 2.35 -15.50
N ARG C 316 9.36 1.43 -14.88
CA ARG C 316 8.73 0.17 -14.53
C ARG C 316 7.74 0.33 -13.39
N ASN C 317 7.91 1.37 -12.55
CA ASN C 317 6.94 1.61 -11.47
C ASN C 317 5.59 2.04 -12.04
N VAL C 318 5.59 2.85 -13.11
CA VAL C 318 4.35 3.19 -13.81
C VAL C 318 3.68 1.94 -14.37
N GLU C 319 4.45 1.05 -14.97
CA GLU C 319 3.89 -0.20 -15.49
C GLU C 319 3.27 -1.03 -14.37
N ARG C 320 4.00 -1.19 -13.26
CA ARG C 320 3.48 -1.95 -12.14
CA ARG C 320 3.51 -1.93 -12.11
C ARG C 320 2.24 -1.29 -11.55
N TYR C 321 2.18 0.04 -11.54
CA TYR C 321 1.03 0.74 -11.01
C TYR C 321 -0.21 0.48 -11.88
N MET C 322 -0.03 0.46 -13.21
CA MET C 322 -1.13 0.15 -14.11
C MET C 322 -1.59 -1.30 -13.99
N VAL C 323 -0.67 -2.24 -13.76
CA VAL C 323 -1.08 -3.62 -13.45
C VAL C 323 -1.92 -3.67 -12.18
N THR C 324 -1.52 -2.92 -11.15
CA THR C 324 -2.31 -2.85 -9.91
C THR C 324 -3.70 -2.27 -10.16
N VAL C 325 -3.78 -1.18 -10.94
CA VAL C 325 -5.05 -0.56 -11.28
C VAL C 325 -5.95 -1.54 -12.02
N GLN C 326 -5.37 -2.34 -12.92
CA GLN C 326 -6.21 -3.28 -13.65
C GLN C 326 -6.65 -4.45 -12.77
N ALA C 327 -5.84 -4.81 -11.78
CA ALA C 327 -6.26 -5.85 -10.84
C ALA C 327 -7.41 -5.36 -9.96
N ALA C 328 -7.37 -4.07 -9.59
CA ALA C 328 -8.49 -3.48 -8.86
C ALA C 328 -9.75 -3.43 -9.71
N ARG C 329 -9.63 -2.98 -10.95
CA ARG C 329 -10.80 -2.89 -11.82
C ARG C 329 -11.38 -4.26 -12.10
N GLU C 330 -10.56 -5.29 -12.07
CA GLU C 330 -11.09 -6.63 -12.24
C GLU C 330 -11.81 -7.07 -10.99
N GLN C 331 -11.30 -6.70 -9.80
CA GLN C 331 -12.01 -6.98 -8.57
C GLN C 331 -13.38 -6.31 -8.57
N LEU C 332 -13.42 -5.03 -8.96
CA LEU C 332 -14.66 -4.29 -9.09
C LEU C 332 -15.64 -5.02 -10.00
N SER C 333 -15.16 -5.50 -11.14
CA SER C 333 -15.99 -6.23 -12.09
C SER C 333 -16.54 -7.52 -11.49
N THR C 334 -15.74 -8.20 -10.67
CA THR C 334 -16.21 -9.41 -10.01
C THR C 334 -17.30 -9.09 -9.02
N THR C 335 -17.17 -7.98 -8.30
CA THR C 335 -18.22 -7.62 -7.35
C THR C 335 -19.49 -7.22 -8.07
N ALA C 336 -19.37 -6.41 -9.12
CA ALA C 336 -20.54 -5.96 -9.87
C ALA C 336 -21.32 -7.11 -10.50
N ASP C 337 -20.63 -8.16 -10.93
CA ASP C 337 -21.33 -9.29 -11.52
C ASP C 337 -22.12 -10.12 -10.51
N ASP C 338 -21.83 -9.97 -9.21
CA ASP C 338 -22.73 -10.43 -8.17
C ASP C 338 -23.92 -9.51 -7.98
N LYS C 339 -24.26 -8.71 -8.99
CA LYS C 339 -25.44 -7.84 -9.00
C LYS C 339 -25.44 -6.87 -7.82
N HIS C 340 -24.27 -6.42 -7.40
CA HIS C 340 -24.18 -5.40 -6.38
C HIS C 340 -24.39 -4.01 -6.98
N SER C 341 -25.00 -3.14 -6.19
CA SER C 341 -25.14 -1.74 -6.58
C SER C 341 -23.79 -1.03 -6.54
N SER C 342 -23.75 0.17 -7.10
CA SER C 342 -22.52 0.95 -7.07
C SER C 342 -22.15 1.34 -5.65
N HIS C 343 -23.15 1.68 -4.84
CA HIS C 343 -22.86 2.02 -3.46
CA HIS C 343 -22.91 2.00 -3.43
C HIS C 343 -22.32 0.80 -2.69
N GLU C 344 -22.82 -0.40 -2.98
CA GLU C 344 -22.25 -1.58 -2.33
C GLU C 344 -20.81 -1.79 -2.77
N ILE C 345 -20.52 -1.57 -4.06
CA ILE C 345 -19.16 -1.76 -4.56
C ILE C 345 -18.20 -0.76 -3.90
N VAL C 346 -18.63 0.49 -3.77
CA VAL C 346 -17.81 1.50 -3.09
C VAL C 346 -17.52 1.08 -1.65
N ILE C 347 -18.52 0.58 -0.94
CA ILE C 347 -18.28 0.13 0.43
C ILE C 347 -17.35 -1.08 0.45
N GLU C 348 -17.41 -1.93 -0.57
CA GLU C 348 -16.59 -3.13 -0.56
C GLU C 348 -15.13 -2.81 -0.87
N HIS C 349 -14.86 -1.85 -1.75
CA HIS C 349 -13.51 -1.68 -2.30
C HIS C 349 -12.82 -0.35 -1.96
N ALA C 350 -13.47 0.54 -1.22
CA ALA C 350 -12.90 1.89 -1.09
C ALA C 350 -11.64 1.93 -0.23
N ALA C 351 -11.48 1.01 0.71
CA ALA C 351 -10.22 0.95 1.45
C ALA C 351 -9.06 0.60 0.53
N ASP C 352 -9.28 -0.33 -0.41
CA ASP C 352 -8.28 -0.56 -1.45
C ASP C 352 -8.07 0.67 -2.32
N TRP C 353 -9.15 1.35 -2.72
CA TRP C 353 -9.00 2.53 -3.57
C TRP C 353 -8.21 3.62 -2.87
N CYS C 354 -8.34 3.73 -1.55
CA CYS C 354 -7.58 4.74 -0.82
C CYS C 354 -6.09 4.50 -0.91
N LYS C 355 -5.66 3.23 -0.88
CA LYS C 355 -4.24 2.91 -1.09
C LYS C 355 -3.84 3.18 -2.54
N LEU C 356 -4.61 2.63 -3.47
CA LEU C 356 -4.37 2.83 -4.90
C LEU C 356 -4.17 4.30 -5.24
N PHE C 357 -4.93 5.19 -4.57
CA PHE C 357 -4.94 6.59 -4.91
C PHE C 357 -4.27 7.45 -3.85
N ARG C 358 -3.73 6.83 -2.80
CA ARG C 358 -3.06 7.51 -1.70
C ARG C 358 -3.88 8.70 -1.20
N CYS C 359 -5.14 8.42 -0.84
CA CYS C 359 -6.01 9.46 -0.35
C CYS C 359 -6.67 9.05 0.97
N ASP C 360 -7.12 10.04 1.71
CA ASP C 360 -7.70 9.82 3.01
C ASP C 360 -9.19 9.49 2.97
N GLY C 361 -9.87 9.75 1.86
CA GLY C 361 -11.30 9.52 1.80
C GLY C 361 -11.83 9.55 0.38
N ILE C 362 -12.98 8.90 0.21
CA ILE C 362 -13.66 8.79 -1.07
C ILE C 362 -15.16 9.02 -0.87
N GLY C 363 -15.78 9.70 -1.83
CA GLY C 363 -17.23 9.82 -1.88
C GLY C 363 -17.76 9.54 -3.26
N TYR C 364 -18.83 8.74 -3.31
CA TYR C 364 -19.55 8.45 -4.53
C TYR C 364 -20.94 9.06 -4.41
N LEU C 365 -21.25 9.96 -5.33
CA LEU C 365 -22.48 10.73 -5.35
C LEU C 365 -23.25 10.37 -6.61
N ARG C 366 -24.56 10.13 -6.48
CA ARG C 366 -25.41 9.79 -7.63
C ARG C 366 -26.82 10.30 -7.32
N GLY C 367 -27.14 11.47 -7.85
CA GLY C 367 -28.40 12.11 -7.52
C GLY C 367 -28.47 12.46 -6.06
N GLU C 368 -29.43 11.85 -5.36
CA GLU C 368 -29.62 12.10 -3.93
C GLU C 368 -28.80 11.18 -3.05
N GLU C 369 -28.12 10.18 -3.63
CA GLU C 369 -27.41 9.21 -2.81
C GLU C 369 -25.94 9.60 -2.67
N LEU C 370 -25.42 9.43 -1.47
CA LEU C 370 -24.01 9.69 -1.18
C LEU C 370 -23.48 8.56 -0.33
N THR C 371 -22.36 7.99 -0.77
CA THR C 371 -21.62 6.97 -0.04
C THR C 371 -20.22 7.51 0.20
N THR C 372 -19.73 7.41 1.42
CA THR C 372 -18.42 7.92 1.79
C THR C 372 -17.64 6.81 2.48
N TYR C 373 -16.31 6.84 2.30
CA TYR C 373 -15.40 5.99 3.05
C TYR C 373 -14.22 6.85 3.46
N GLY C 374 -13.81 6.73 4.70
CA GLY C 374 -12.68 7.52 5.16
C GLY C 374 -13.05 8.98 5.40
N GLU C 375 -12.02 9.81 5.50
CA GLU C 375 -12.20 11.22 5.85
C GLU C 375 -12.71 11.99 4.65
N THR C 376 -13.90 12.59 4.76
CA THR C 376 -14.47 13.39 3.69
C THR C 376 -15.15 14.60 4.32
N PRO C 377 -15.36 15.67 3.55
CA PRO C 377 -16.20 16.77 4.03
C PRO C 377 -17.63 16.31 4.23
N ASP C 378 -18.42 17.14 4.92
CA ASP C 378 -19.78 16.74 5.21
C ASP C 378 -20.66 16.92 3.97
N GLN C 379 -21.87 16.36 4.05
CA GLN C 379 -22.77 16.32 2.90
C GLN C 379 -22.97 17.71 2.29
N THR C 380 -23.15 18.73 3.15
CA THR C 380 -23.38 20.08 2.66
C THR C 380 -22.20 20.58 1.85
N THR C 381 -21.00 20.42 2.40
CA THR C 381 -19.81 20.82 1.67
C THR C 381 -19.67 20.02 0.38
N ILE C 382 -19.99 18.72 0.40
CA ILE C 382 -19.89 17.92 -0.84
C ILE C 382 -20.83 18.48 -1.92
N ASN C 383 -22.01 18.98 -1.50
CA ASN C 383 -22.92 19.57 -2.48
C ASN C 383 -22.45 20.94 -2.94
N LYS C 384 -21.84 21.71 -2.05
CA LYS C 384 -21.20 22.94 -2.51
C LYS C 384 -20.10 22.65 -3.53
N LEU C 385 -19.32 21.58 -3.32
CA LEU C 385 -18.28 21.19 -4.27
C LEU C 385 -18.89 20.80 -5.61
N VAL C 386 -19.79 19.81 -5.58
CA VAL C 386 -20.45 19.34 -6.80
C VAL C 386 -21.04 20.50 -7.58
N GLU C 387 -21.93 21.28 -6.94
CA GLU C 387 -22.52 22.42 -7.63
C GLU C 387 -21.45 23.35 -8.18
N TRP C 388 -20.45 23.69 -7.36
CA TRP C 388 -19.39 24.57 -7.84
C TRP C 388 -18.59 23.95 -8.97
N LEU C 389 -18.46 22.63 -8.98
CA LEU C 389 -17.71 22.00 -10.06
C LEU C 389 -18.43 22.16 -11.39
N GLU C 390 -19.77 22.05 -11.38
CA GLU C 390 -20.52 22.21 -12.62
C GLU C 390 -20.27 23.57 -13.24
N GLU C 391 -20.10 24.60 -12.42
CA GLU C 391 -19.81 25.93 -12.96
C GLU C 391 -18.44 25.97 -13.62
N ASN C 392 -17.45 25.27 -13.05
CA ASN C 392 -16.06 25.45 -13.43
C ASN C 392 -15.31 24.19 -13.85
N GLY C 393 -15.91 23.01 -13.72
CA GLY C 393 -15.23 21.78 -14.10
C GLY C 393 -15.87 21.11 -15.29
N LYS C 394 -16.64 21.86 -16.07
CA LYS C 394 -17.36 21.29 -17.21
C LYS C 394 -16.44 20.99 -18.38
N LYS C 395 -15.35 21.76 -18.51
CA LYS C 395 -14.45 21.65 -19.66
C LYS C 395 -13.40 20.55 -19.53
N SER C 396 -13.52 19.65 -18.55
CA SER C 396 -12.40 18.77 -18.22
C SER C 396 -12.85 17.33 -18.05
N LEU C 397 -11.87 16.41 -18.18
CA LEU C 397 -12.11 15.00 -17.94
C LEU C 397 -12.13 14.68 -16.45
N PHE C 398 -11.30 15.36 -15.68
CA PHE C 398 -11.28 15.32 -14.22
C PHE C 398 -10.97 16.73 -13.75
N TRP C 399 -11.07 16.94 -12.45
CA TRP C 399 -10.64 18.21 -11.88
C TRP C 399 -9.86 17.91 -10.62
N HIS C 400 -8.75 18.60 -10.42
CA HIS C 400 -7.92 18.20 -9.30
C HIS C 400 -7.12 19.37 -8.76
N SER C 401 -6.86 19.31 -7.46
CA SER C 401 -6.11 20.34 -6.75
C SER C 401 -5.44 19.72 -5.54
N HIS C 402 -4.21 20.15 -5.26
CA HIS C 402 -3.55 19.80 -4.01
C HIS C 402 -3.43 21.00 -3.08
N MET C 403 -4.22 22.05 -3.30
CA MET C 403 -4.34 23.21 -2.44
C MET C 403 -5.67 23.90 -2.77
N LEU C 404 -6.76 23.27 -2.31
CA LEU C 404 -8.10 23.79 -2.54
C LEU C 404 -8.25 25.23 -2.09
N LYS C 405 -7.68 25.58 -0.93
CA LYS C 405 -7.92 26.92 -0.39
C LYS C 405 -7.30 28.01 -1.26
N GLU C 406 -6.41 27.66 -2.18
CA GLU C 406 -5.94 28.57 -3.22
C GLU C 406 -6.61 28.30 -4.57
N ASP C 407 -6.65 27.04 -5.00
CA ASP C 407 -7.25 26.71 -6.30
C ASP C 407 -8.77 26.88 -6.32
N ALA C 408 -9.45 26.93 -5.17
CA ALA C 408 -10.89 27.13 -5.13
C ALA C 408 -11.24 28.01 -3.95
N PRO C 409 -10.75 29.25 -3.94
CA PRO C 409 -10.93 30.10 -2.75
C PRO C 409 -12.39 30.23 -2.39
N GLY C 410 -12.65 30.29 -1.08
CA GLY C 410 -13.99 30.41 -0.58
C GLY C 410 -14.85 29.18 -0.68
N LEU C 411 -14.39 28.11 -1.31
CA LEU C 411 -15.22 26.92 -1.44
C LEU C 411 -15.38 26.22 -0.09
N LEU C 412 -14.26 25.74 0.49
CA LEU C 412 -14.30 24.94 1.71
C LEU C 412 -14.56 25.82 2.94
N PRO C 413 -15.24 25.26 3.94
CA PRO C 413 -15.44 25.98 5.20
C PRO C 413 -14.13 26.43 5.83
N ASP C 414 -14.23 27.49 6.65
CA ASP C 414 -13.09 27.95 7.43
C ASP C 414 -12.70 26.89 8.45
N GLY C 415 -11.43 26.47 8.40
CA GLY C 415 -10.94 25.42 9.27
C GLY C 415 -10.92 24.02 8.68
N SER C 416 -11.25 23.87 7.40
CA SER C 416 -11.31 22.55 6.81
C SER C 416 -9.95 21.88 6.79
N ARG C 417 -9.93 20.59 7.14
CA ARG C 417 -8.72 19.78 7.08
C ARG C 417 -8.28 19.47 5.66
N PHE C 418 -9.11 19.75 4.66
CA PHE C 418 -8.91 19.20 3.33
C PHE C 418 -8.14 20.16 2.43
N ALA C 419 -7.14 19.61 1.74
CA ALA C 419 -6.32 20.36 0.80
C ALA C 419 -6.30 19.74 -0.59
N GLY C 420 -6.57 18.46 -0.73
CA GLY C 420 -6.53 17.78 -2.03
C GLY C 420 -7.90 17.28 -2.44
N LEU C 421 -8.22 17.43 -3.72
CA LEU C 421 -9.48 16.99 -4.29
C LEU C 421 -9.23 16.49 -5.71
N LEU C 422 -9.70 15.28 -6.00
CA LEU C 422 -9.75 14.76 -7.36
C LEU C 422 -11.21 14.36 -7.63
N ALA C 423 -11.83 15.02 -8.60
CA ALA C 423 -13.27 14.88 -8.86
C ALA C 423 -13.50 14.43 -10.30
N ILE C 424 -14.11 13.26 -10.45
CA ILE C 424 -14.42 12.70 -11.77
C ILE C 424 -15.91 12.93 -12.03
N PRO C 425 -16.28 13.73 -13.01
CA PRO C 425 -17.70 13.90 -13.32
C PRO C 425 -18.23 12.67 -14.05
N LEU C 426 -19.45 12.28 -13.70
CA LEU C 426 -20.07 11.12 -14.34
C LEU C 426 -21.40 11.42 -15.04
N LYS C 427 -21.98 12.61 -14.85
CA LYS C 427 -23.22 12.96 -15.58
C LYS C 427 -23.16 14.32 -16.26
N LEU C 432 -29.57 15.65 -12.24
CA LEU C 432 -29.13 14.32 -11.78
C LEU C 432 -27.61 14.19 -11.87
N PHE C 433 -26.89 14.70 -10.88
CA PHE C 433 -25.43 14.67 -10.90
C PHE C 433 -24.87 13.35 -10.39
N SER C 434 -23.68 13.02 -10.87
CA SER C 434 -22.92 11.92 -10.31
C SER C 434 -21.44 12.24 -10.40
N TYR C 435 -20.70 11.88 -9.34
CA TYR C 435 -19.28 12.18 -9.19
C TYR C 435 -18.63 11.10 -8.35
N LEU C 436 -17.37 10.81 -8.67
CA LEU C 436 -16.45 10.21 -7.71
C LEU C 436 -15.55 11.33 -7.19
N LEU C 437 -15.43 11.42 -5.89
CA LEU C 437 -14.65 12.46 -5.23
C LEU C 437 -13.59 11.77 -4.39
N LEU C 438 -12.36 12.22 -4.50
CA LEU C 438 -11.23 11.64 -3.77
C LEU C 438 -10.58 12.76 -2.97
N PHE C 439 -10.41 12.54 -1.67
CA PHE C 439 -10.09 13.63 -0.75
C PHE C 439 -8.74 13.39 -0.10
N ARG C 440 -7.97 14.48 0.05
CA ARG C 440 -6.66 14.45 0.69
C ARG C 440 -6.59 15.49 1.79
N VAL C 441 -6.32 15.05 3.01
CA VAL C 441 -6.11 15.96 4.12
C VAL C 441 -4.81 16.73 3.91
N ALA C 442 -4.80 17.97 4.38
CA ALA C 442 -3.57 18.75 4.37
C ALA C 442 -2.52 18.07 5.24
N GLN C 443 -1.29 18.02 4.76
CA GLN C 443 -0.19 17.41 5.50
C GLN C 443 0.93 18.44 5.51
N ASN C 444 0.94 19.28 6.54
CA ASN C 444 1.88 20.39 6.64
C ASN C 444 3.31 19.88 6.64
N GLU C 445 4.15 20.50 5.82
CA GLU C 445 5.47 19.97 5.50
C GLU C 445 6.55 20.95 5.92
N VAL C 446 7.36 20.55 6.90
CA VAL C 446 8.47 21.36 7.38
C VAL C 446 9.66 21.10 6.48
N ARG C 447 10.30 22.17 6.02
CA ARG C 447 11.46 22.07 5.14
C ARG C 447 12.65 22.62 5.89
N THR C 448 13.76 21.89 5.87
CA THR C 448 15.01 22.41 6.42
C THR C 448 15.84 22.95 5.26
N TRP C 449 16.25 24.21 5.37
CA TRP C 449 17.08 24.87 4.39
C TRP C 449 18.53 24.96 4.86
N ALA C 450 19.44 24.97 3.89
CA ALA C 450 20.87 25.10 4.17
C ALA C 450 21.22 26.58 4.28
N GLY C 451 20.97 27.14 5.46
CA GLY C 451 21.23 28.54 5.70
C GLY C 451 20.00 29.44 5.63
N LYS C 452 19.97 30.46 6.49
CA LYS C 452 18.95 31.49 6.39
C LYS C 452 19.11 32.26 5.08
N PRO C 453 17.99 32.72 4.47
CA PRO C 453 18.11 33.57 3.27
C PRO C 453 18.71 34.94 3.57
N GLU C 454 20.00 35.11 3.27
CA GLU C 454 20.67 36.38 3.42
C GLU C 454 20.55 37.19 2.13
N LYS C 455 20.29 38.48 2.27
CA LYS C 455 20.12 39.37 1.12
C LYS C 455 21.41 40.16 0.88
N LEU C 456 22.47 39.43 0.54
CA LEU C 456 23.73 40.09 0.28
C LEU C 456 23.70 40.82 -1.05
N SER C 457 24.40 41.94 -1.10
CA SER C 457 24.74 42.60 -2.34
C SER C 457 26.25 42.54 -2.52
N VAL C 458 26.69 42.35 -3.76
CA VAL C 458 28.11 42.25 -4.08
C VAL C 458 28.35 42.97 -5.40
N GLU C 459 29.40 43.79 -5.43
CA GLU C 459 29.75 44.56 -6.63
C GLU C 459 30.82 43.79 -7.40
N THR C 460 30.41 43.12 -8.47
CA THR C 460 31.31 42.38 -9.33
C THR C 460 31.66 43.20 -10.56
N SER C 461 32.53 42.64 -11.40
CA SER C 461 32.88 43.28 -12.66
C SER C 461 31.67 43.38 -13.59
N THR C 462 30.89 42.30 -13.67
CA THR C 462 29.76 42.25 -14.58
C THR C 462 28.54 43.03 -14.10
N GLY C 463 28.63 43.71 -12.94
CA GLY C 463 27.54 44.46 -12.35
C GLY C 463 27.39 44.13 -10.88
N THR C 464 26.23 44.52 -10.32
CA THR C 464 25.91 44.26 -8.92
C THR C 464 24.91 43.11 -8.85
N MET C 465 25.22 42.11 -8.01
CA MET C 465 24.43 40.89 -7.97
C MET C 465 24.48 40.29 -6.57
N LEU C 466 23.75 39.20 -6.39
CA LEU C 466 23.66 38.55 -5.10
C LEU C 466 25.00 37.95 -4.68
N GLY C 467 25.44 38.30 -3.47
CA GLY C 467 26.59 37.67 -2.87
C GLY C 467 26.25 36.36 -2.19
N PRO C 468 27.22 35.46 -2.05
CA PRO C 468 26.94 34.16 -1.47
C PRO C 468 26.62 34.25 0.02
N ARG C 469 25.65 33.43 0.43
CA ARG C 469 25.36 33.14 1.83
C ARG C 469 26.63 32.93 2.62
N LYS C 470 26.67 33.47 3.84
CA LYS C 470 27.81 33.18 4.70
C LYS C 470 27.61 31.97 5.59
N SER C 471 26.35 31.57 5.85
CA SER C 471 26.05 30.44 6.71
C SER C 471 25.11 29.45 6.02
N PHE C 472 25.37 28.17 6.24
CA PHE C 472 24.57 27.07 5.72
C PHE C 472 23.87 26.29 6.83
N GLU C 473 23.75 26.87 8.02
CA GLU C 473 23.12 26.16 9.13
C GLU C 473 21.65 25.90 8.83
N ALA C 474 21.09 24.89 9.50
CA ALA C 474 19.72 24.49 9.26
C ALA C 474 18.73 25.60 9.61
N TRP C 475 17.86 25.92 8.66
CA TRP C 475 16.86 26.98 8.84
C TRP C 475 15.53 26.45 8.32
N GLN C 476 14.54 26.39 9.20
CA GLN C 476 13.28 25.78 8.84
C GLN C 476 12.30 26.82 8.35
N ASP C 477 11.40 26.39 7.48
CA ASP C 477 10.19 27.12 7.16
C ASP C 477 9.10 26.07 6.97
N GLU C 478 7.92 26.50 6.54
CA GLU C 478 6.78 25.58 6.58
C GLU C 478 5.79 25.92 5.50
N VAL C 479 5.28 24.87 4.85
CA VAL C 479 4.27 24.98 3.81
C VAL C 479 3.02 24.29 4.33
N SER C 480 1.94 25.05 4.47
CA SER C 480 0.69 24.54 4.98
C SER C 480 -0.36 24.55 3.89
N GLY C 481 -1.51 23.97 4.18
CA GLY C 481 -2.63 24.00 3.28
C GLY C 481 -2.44 23.27 1.96
N LYS C 482 -1.50 22.34 1.90
CA LYS C 482 -1.23 21.57 0.70
C LYS C 482 -1.24 20.10 1.04
N SER C 483 -1.56 19.28 0.06
CA SER C 483 -1.44 17.83 0.14
C SER C 483 -0.39 17.38 -0.88
N GLN C 484 -0.11 16.07 -0.90
CA GLN C 484 0.67 15.53 -2.00
C GLN C 484 0.00 15.89 -3.31
N PRO C 485 0.76 16.15 -4.36
CA PRO C 485 0.12 16.44 -5.65
C PRO C 485 -0.34 15.14 -6.30
N TRP C 486 -1.37 15.28 -7.14
CA TRP C 486 -1.96 14.12 -7.82
C TRP C 486 -1.11 13.73 -9.02
N ARG C 487 -0.64 12.49 -9.03
CA ARG C 487 0.10 12.00 -10.18
CA ARG C 487 0.11 12.04 -10.19
C ARG C 487 -0.85 11.76 -11.34
N THR C 488 -0.31 11.87 -12.56
CA THR C 488 -1.10 11.65 -13.75
C THR C 488 -1.67 10.24 -13.80
N ALA C 489 -0.89 9.26 -13.35
CA ALA C 489 -1.38 7.88 -13.38
C ALA C 489 -2.62 7.73 -12.51
N GLN C 490 -2.70 8.50 -11.42
CA GLN C 490 -3.86 8.43 -10.53
C GLN C 490 -5.09 9.13 -11.13
N LEU C 491 -4.89 10.24 -11.83
CA LEU C 491 -6.03 10.93 -12.43
C LEU C 491 -6.82 9.98 -13.31
N TYR C 492 -6.11 9.28 -14.20
CA TYR C 492 -6.75 8.43 -15.20
C TYR C 492 -7.27 7.12 -14.59
N ALA C 493 -6.54 6.56 -13.64
CA ALA C 493 -7.01 5.38 -12.91
C ALA C 493 -8.29 5.68 -12.15
N ALA C 494 -8.32 6.78 -11.40
CA ALA C 494 -9.53 7.20 -10.69
C ALA C 494 -10.68 7.43 -11.67
N ARG C 495 -10.40 8.07 -12.82
CA ARG C 495 -11.46 8.28 -13.80
C ARG C 495 -12.04 6.94 -14.26
N ASP C 496 -11.17 5.93 -14.44
CA ASP C 496 -11.64 4.64 -14.94
C ASP C 496 -12.44 3.88 -13.89
N ILE C 497 -12.00 3.90 -12.63
CA ILE C 497 -12.79 3.34 -11.53
C ILE C 497 -14.15 4.02 -11.46
N ALA C 498 -14.15 5.35 -11.50
CA ALA C 498 -15.39 6.11 -11.39
C ALA C 498 -16.37 5.73 -12.48
N ARG C 499 -15.88 5.63 -13.72
CA ARG C 499 -16.76 5.27 -14.82
C ARG C 499 -17.18 3.81 -14.75
N ASP C 500 -16.36 2.95 -14.14
CA ASP C 500 -16.83 1.60 -13.83
C ASP C 500 -18.04 1.65 -12.91
N LEU C 501 -18.03 2.56 -11.93
CA LEU C 501 -19.20 2.66 -11.05
C LEU C 501 -20.40 3.24 -11.79
N LEU C 502 -20.17 4.23 -12.65
CA LEU C 502 -21.23 4.77 -13.49
C LEU C 502 -21.92 3.67 -14.31
N ILE C 503 -21.14 2.73 -14.84
CA ILE C 503 -21.69 1.72 -15.74
C ILE C 503 -22.61 0.77 -14.97
N VAL C 504 -22.23 0.40 -13.74
CA VAL C 504 -23.10 -0.44 -12.92
C VAL C 504 -24.39 0.30 -12.58
N ALA C 505 -24.26 1.54 -12.10
CA ALA C 505 -25.44 2.32 -11.72
C ALA C 505 -26.38 2.52 -12.89
N ASP C 506 -25.84 2.82 -14.07
CA ASP C 506 -26.66 2.94 -15.26
C ASP C 506 -27.36 1.63 -15.59
N SER C 507 -26.64 0.50 -15.51
CA SER C 507 -27.24 -0.79 -15.82
C SER C 507 -28.48 -1.04 -14.97
N MET C 508 -28.39 -0.76 -13.67
CA MET C 508 -29.50 -0.99 -12.76
C MET C 508 -30.64 -0.02 -13.03
N GLN C 509 -30.33 1.26 -13.32
CA GLN C 509 -31.41 2.17 -13.67
C GLN C 509 -32.10 1.75 -14.96
N LEU C 510 -31.34 1.21 -15.92
CA LEU C 510 -31.93 0.72 -17.16
C LEU C 510 -32.83 -0.48 -16.89
N ASN C 511 -32.39 -1.39 -16.03
CA ASN C 511 -33.19 -2.56 -15.69
C ASN C 511 -34.50 -2.13 -15.02
N LEU C 512 -34.40 -1.29 -13.99
CA LEU C 512 -35.59 -0.77 -13.32
C LEU C 512 -36.50 -0.04 -14.30
N LEU C 513 -35.93 0.73 -15.21
CA LEU C 513 -36.78 1.45 -16.16
C LEU C 513 -37.50 0.51 -17.10
N ASN C 514 -36.81 -0.50 -17.63
CA ASN C 514 -37.48 -1.46 -18.52
C ASN C 514 -38.55 -2.26 -17.79
N ASP C 515 -38.34 -2.55 -16.50
CA ASP C 515 -39.37 -3.24 -15.72
C ASP C 515 -40.59 -2.36 -15.53
N GLN C 516 -40.40 -1.11 -15.10
CA GLN C 516 -41.53 -0.21 -14.94
C GLN C 516 -42.23 0.05 -16.27
N LEU C 517 -41.49 -0.02 -17.39
CA LEU C 517 -42.11 0.22 -18.68
C LEU C 517 -42.94 -0.98 -19.12
N ALA C 518 -42.41 -2.20 -18.90
CA ALA C 518 -43.15 -3.40 -19.25
C ALA C 518 -44.39 -3.56 -18.39
N ASP C 519 -44.29 -3.20 -17.10
CA ASP C 519 -45.48 -3.17 -16.25
C ASP C 519 -46.45 -2.09 -16.69
N ALA C 520 -45.94 -0.94 -17.10
CA ALA C 520 -46.83 0.15 -17.55
C ALA C 520 -47.64 -0.27 -18.76
N ASN C 521 -46.95 -0.83 -19.77
CA ASN C 521 -47.66 -1.31 -20.95
C ASN C 521 -48.56 -2.49 -20.65
N GLU C 522 -48.19 -3.30 -19.64
CA GLU C 522 -49.08 -4.39 -19.22
C GLU C 522 -50.38 -3.85 -18.64
N ASN C 523 -50.27 -2.89 -17.71
CA ASN C 523 -51.46 -2.25 -17.16
C ASN C 523 -52.23 -1.44 -18.22
N LEU C 524 -51.58 -1.09 -19.33
CA LEU C 524 -52.24 -0.34 -20.38
C LEU C 524 -52.58 -1.24 -21.58
N ASP D 11 -48.22 -23.47 -6.82
CA ASP D 11 -46.81 -23.72 -6.51
C ASP D 11 -46.35 -22.85 -5.34
N ILE D 12 -45.65 -23.49 -4.38
CA ILE D 12 -45.31 -22.80 -3.14
C ILE D 12 -44.28 -21.71 -3.40
N SER D 13 -43.32 -21.97 -4.30
CA SER D 13 -42.31 -20.96 -4.60
C SER D 13 -42.95 -19.73 -5.22
N LYS D 14 -43.86 -19.95 -6.18
CA LYS D 14 -44.64 -18.85 -6.75
C LYS D 14 -45.36 -18.07 -5.66
N LEU D 15 -45.99 -18.78 -4.72
CA LEU D 15 -46.72 -18.10 -3.64
C LEU D 15 -45.78 -17.24 -2.80
N ILE D 16 -44.62 -17.80 -2.42
CA ILE D 16 -43.70 -17.07 -1.55
C ILE D 16 -43.14 -15.85 -2.25
N ALA D 17 -42.66 -16.03 -3.49
CA ALA D 17 -42.13 -14.91 -4.28
C ALA D 17 -43.18 -13.86 -4.56
N ALA D 18 -44.46 -14.26 -4.59
CA ALA D 18 -45.50 -13.28 -4.85
C ALA D 18 -45.72 -12.34 -3.66
N CYS D 19 -45.23 -12.67 -2.48
CA CYS D 19 -45.36 -11.74 -1.35
C CYS D 19 -44.67 -10.42 -1.64
N ASP D 20 -43.68 -10.43 -2.54
CA ASP D 20 -43.00 -9.20 -2.97
CA ASP D 20 -43.01 -9.19 -2.94
C ASP D 20 -43.91 -8.31 -3.80
N GLN D 21 -45.01 -8.84 -4.33
CA GLN D 21 -45.92 -8.01 -5.13
C GLN D 21 -46.47 -6.83 -4.34
N GLU D 22 -46.67 -6.99 -3.05
CA GLU D 22 -47.42 -5.98 -2.31
C GLU D 22 -46.55 -4.76 -2.04
N PRO D 23 -46.87 -3.65 -2.56
CA PRO D 23 -46.01 -2.46 -2.48
C PRO D 23 -46.22 -1.72 -1.15
N ILE D 24 -45.62 -2.29 -0.10
CA ILE D 24 -45.87 -1.85 1.26
C ILE D 24 -45.32 -0.46 1.54
N HIS D 25 -44.59 0.12 0.60
CA HIS D 25 -44.11 1.48 0.77
C HIS D 25 -45.17 2.51 0.41
N ILE D 26 -46.22 2.11 -0.30
CA ILE D 26 -47.24 3.03 -0.78
C ILE D 26 -48.64 2.55 -0.42
N PRO D 27 -48.93 2.27 0.86
CA PRO D 27 -50.27 1.81 1.24
C PRO D 27 -51.36 2.87 1.15
N ASN D 28 -51.01 4.16 1.01
CA ASN D 28 -51.99 5.24 0.94
C ASN D 28 -52.90 5.28 2.17
N ALA D 29 -52.38 4.85 3.31
CA ALA D 29 -53.12 4.77 4.56
C ALA D 29 -52.10 4.69 5.69
N ILE D 30 -52.53 4.99 6.92
CA ILE D 30 -51.63 5.02 8.06
C ILE D 30 -52.29 4.34 9.25
N GLN D 31 -51.45 3.95 10.21
CA GLN D 31 -51.95 3.51 11.50
C GLN D 31 -52.46 4.72 12.24
N PRO D 32 -53.53 4.56 13.02
CA PRO D 32 -54.26 5.72 13.56
C PRO D 32 -53.64 6.37 14.79
N PHE D 33 -52.40 6.06 15.17
CA PHE D 33 -51.83 6.69 16.34
C PHE D 33 -51.16 8.03 16.02
N GLY D 34 -51.33 8.52 14.80
CA GLY D 34 -51.00 9.89 14.47
C GLY D 34 -51.73 10.27 13.20
N ALA D 35 -51.35 11.40 12.63
CA ALA D 35 -51.92 11.80 11.35
C ALA D 35 -50.79 12.25 10.42
N MET D 36 -51.13 12.39 9.14
CA MET D 36 -50.14 12.65 8.11
C MET D 36 -50.66 13.68 7.13
N LEU D 37 -49.82 14.66 6.81
CA LEU D 37 -50.02 15.57 5.70
C LEU D 37 -48.93 15.33 4.66
N ILE D 38 -49.30 15.47 3.39
CA ILE D 38 -48.37 15.42 2.28
C ILE D 38 -48.54 16.70 1.48
N VAL D 39 -47.40 17.37 1.24
CA VAL D 39 -47.31 18.71 0.66
C VAL D 39 -46.43 18.66 -0.60
N GLU D 40 -46.90 19.24 -1.69
CA GLU D 40 -46.02 19.40 -2.83
C GLU D 40 -44.97 20.46 -2.52
N LYS D 41 -43.70 20.12 -2.71
CA LYS D 41 -42.64 21.05 -2.37
C LYS D 41 -42.75 22.35 -3.16
N ASP D 42 -42.94 22.26 -4.48
CA ASP D 42 -42.83 23.49 -5.27
C ASP D 42 -44.07 24.35 -5.13
N THR D 43 -45.27 23.76 -5.26
CA THR D 43 -46.48 24.55 -5.13
C THR D 43 -46.81 24.87 -3.68
N GLN D 44 -46.23 24.15 -2.73
CA GLN D 44 -46.50 24.28 -1.30
C GLN D 44 -47.93 23.92 -0.93
N GLN D 45 -48.67 23.27 -1.83
CA GLN D 45 -50.04 22.88 -1.55
C GLN D 45 -50.11 21.54 -0.80
N ILE D 46 -50.97 21.49 0.20
CA ILE D 46 -51.31 20.23 0.88
C ILE D 46 -52.10 19.36 -0.08
N VAL D 47 -51.52 18.26 -0.51
CA VAL D 47 -52.15 17.41 -1.52
C VAL D 47 -52.72 16.12 -0.94
N TYR D 48 -52.23 15.65 0.21
CA TYR D 48 -52.91 14.54 0.88
C TYR D 48 -52.96 14.79 2.37
N ALA D 49 -53.99 14.24 3.01
CA ALA D 49 -54.10 14.26 4.47
C ALA D 49 -54.81 12.99 4.91
N SER D 50 -54.39 12.45 6.05
CA SER D 50 -55.05 11.28 6.59
C SER D 50 -56.45 11.64 7.09
N ALA D 51 -57.35 10.64 7.07
CA ALA D 51 -58.76 10.89 7.38
C ALA D 51 -58.94 11.47 8.78
N ASN D 52 -58.08 11.09 9.73
CA ASN D 52 -58.15 11.53 11.12
C ASN D 52 -57.40 12.85 11.36
N SER D 53 -57.13 13.62 10.30
CA SER D 53 -56.26 14.81 10.45
C SER D 53 -56.91 15.92 11.27
N ALA D 54 -58.24 16.05 11.20
CA ALA D 54 -58.89 17.16 11.90
C ALA D 54 -58.72 17.04 13.40
N GLU D 55 -58.74 15.82 13.91
CA GLU D 55 -58.71 15.66 15.36
C GLU D 55 -57.30 15.81 15.93
N TYR D 56 -56.28 15.91 15.08
CA TYR D 56 -54.94 16.24 15.51
C TYR D 56 -54.65 17.74 15.38
N PHE D 57 -54.98 18.33 14.23
CA PHE D 57 -54.63 19.73 14.06
C PHE D 57 -55.60 20.67 14.79
N SER D 58 -56.83 20.23 15.08
CA SER D 58 -57.72 21.05 15.92
C SER D 58 -57.13 21.30 17.31
N VAL D 59 -56.15 20.51 17.74
CA VAL D 59 -55.49 20.73 19.03
C VAL D 59 -54.78 22.08 19.06
N ALA D 60 -54.47 22.65 17.91
CA ALA D 60 -53.84 23.96 17.83
C ALA D 60 -54.66 24.99 17.09
N ASP D 61 -55.86 24.65 16.62
CA ASP D 61 -56.71 25.61 15.94
C ASP D 61 -58.17 25.33 16.26
N ASN D 62 -58.87 26.36 16.73
CA ASN D 62 -60.29 26.26 17.02
C ASN D 62 -61.10 25.97 15.76
N THR D 63 -60.77 26.65 14.66
CA THR D 63 -61.62 26.67 13.48
C THR D 63 -61.65 25.35 12.71
N ILE D 64 -60.92 24.34 13.16
CA ILE D 64 -60.78 23.10 12.41
C ILE D 64 -61.70 22.06 13.05
N HIS D 65 -62.73 21.64 12.32
CA HIS D 65 -63.72 20.72 12.84
C HIS D 65 -63.94 19.51 11.97
N GLU D 66 -63.54 19.54 10.71
CA GLU D 66 -63.70 18.42 9.80
C GLU D 66 -62.54 18.41 8.82
N LEU D 67 -62.37 17.25 8.16
CA LEU D 67 -61.25 17.06 7.23
C LEU D 67 -61.21 18.18 6.19
N SER D 68 -62.38 18.62 5.73
CA SER D 68 -62.45 19.62 4.68
C SER D 68 -61.85 20.94 5.10
N ASP D 69 -61.74 21.20 6.40
CA ASP D 69 -61.08 22.42 6.83
C ASP D 69 -59.59 22.40 6.45
N ILE D 70 -58.97 21.20 6.37
CA ILE D 70 -57.58 21.15 5.97
C ILE D 70 -57.39 21.77 4.59
N LYS D 71 -58.39 21.61 3.71
CA LYS D 71 -58.28 22.17 2.36
C LYS D 71 -58.30 23.70 2.37
N GLN D 72 -58.95 24.31 3.35
CA GLN D 72 -58.96 25.76 3.39
C GLN D 72 -57.75 26.32 4.12
N ALA D 73 -57.00 25.47 4.80
CA ALA D 73 -55.89 25.89 5.64
C ALA D 73 -54.64 26.11 4.80
N ASN D 74 -53.81 27.04 5.27
CA ASN D 74 -52.48 27.26 4.71
C ASN D 74 -51.43 26.53 5.52
N ILE D 75 -50.51 25.86 4.82
CA ILE D 75 -49.50 25.03 5.46
C ILE D 75 -48.76 25.76 6.58
N ASN D 76 -48.53 27.06 6.42
CA ASN D 76 -47.85 27.83 7.46
C ASN D 76 -48.75 28.10 8.68
N SER D 77 -49.99 27.61 8.69
CA SER D 77 -50.85 27.72 9.85
C SER D 77 -50.92 26.45 10.68
N LEU D 78 -50.61 25.29 10.08
CA LEU D 78 -50.70 24.03 10.81
C LEU D 78 -49.37 23.53 11.30
N LEU D 79 -48.26 23.98 10.71
CA LEU D 79 -46.94 23.46 11.01
C LEU D 79 -46.09 24.51 11.71
N PRO D 80 -45.26 24.08 12.65
CA PRO D 80 -44.30 24.99 13.28
C PRO D 80 -43.40 25.69 12.27
N GLU D 81 -42.90 26.85 12.70
CA GLU D 81 -41.94 27.63 11.92
C GLU D 81 -40.65 26.85 11.67
N HIS D 82 -40.09 26.25 12.74
CA HIS D 82 -38.86 25.48 12.64
C HIS D 82 -39.01 24.29 11.70
N LEU D 83 -40.19 23.69 11.66
CA LEU D 83 -40.42 22.58 10.75
C LEU D 83 -40.36 23.06 9.30
N ILE D 84 -41.00 24.20 9.01
CA ILE D 84 -41.05 24.66 7.64
C ILE D 84 -39.66 25.04 7.13
N SER D 85 -38.90 25.79 7.95
CA SER D 85 -37.57 26.19 7.48
C SER D 85 -36.62 24.99 7.45
N GLY D 86 -36.82 24.03 8.36
CA GLY D 86 -35.99 22.83 8.32
C GLY D 86 -36.22 22.01 7.07
N LEU D 87 -37.48 21.71 6.76
CA LEU D 87 -37.79 21.04 5.50
C LEU D 87 -37.23 21.81 4.31
N ALA D 88 -37.34 23.14 4.35
CA ALA D 88 -36.92 23.95 3.21
C ALA D 88 -35.41 23.90 2.99
N SER D 89 -34.64 23.76 4.07
CA SER D 89 -33.19 23.75 3.94
C SER D 89 -32.62 22.33 3.79
N ALA D 90 -33.44 21.29 3.91
CA ALA D 90 -32.93 19.92 3.89
C ALA D 90 -32.37 19.58 2.52
N ILE D 91 -31.11 19.15 2.49
CA ILE D 91 -30.54 18.74 1.22
C ILE D 91 -30.88 17.28 0.93
N ARG D 92 -30.78 16.41 1.94
CA ARG D 92 -30.96 14.99 1.76
C ARG D 92 -32.43 14.59 1.84
N GLU D 93 -32.82 13.65 0.99
CA GLU D 93 -34.13 13.05 1.05
C GLU D 93 -34.21 12.08 2.22
N ASN D 94 -35.42 11.95 2.76
CA ASN D 94 -35.76 10.87 3.68
C ASN D 94 -34.94 10.96 4.97
N GLU D 95 -34.68 12.19 5.41
CA GLU D 95 -33.93 12.48 6.63
C GLU D 95 -34.86 13.25 7.58
N PRO D 96 -35.60 12.56 8.42
CA PRO D 96 -36.69 13.22 9.16
C PRO D 96 -36.19 14.26 10.17
N ILE D 97 -36.89 15.39 10.16
CA ILE D 97 -36.75 16.47 11.14
C ILE D 97 -37.80 16.27 12.22
N TRP D 98 -37.38 16.39 13.48
CA TRP D 98 -38.25 16.17 14.64
C TRP D 98 -38.48 17.52 15.31
N VAL D 99 -39.71 18.02 15.26
CA VAL D 99 -40.03 19.34 15.84
C VAL D 99 -41.21 19.23 16.78
N GLU D 100 -41.06 19.71 18.01
CA GLU D 100 -42.12 19.61 19.01
C GLU D 100 -42.69 20.98 19.38
N THR D 101 -44.00 21.02 19.59
CA THR D 101 -44.73 22.11 20.23
C THR D 101 -45.19 21.68 21.63
N ASP D 102 -46.07 22.47 22.23
CA ASP D 102 -46.68 22.14 23.52
C ASP D 102 -47.46 20.85 23.46
N ARG D 103 -48.07 20.56 22.32
CA ARG D 103 -49.09 19.54 22.22
C ARG D 103 -48.83 18.51 21.15
N LEU D 104 -47.96 18.80 20.20
CA LEU D 104 -47.77 18.03 19.00
C LEU D 104 -46.30 17.81 18.74
N SER D 105 -46.00 16.61 18.25
CA SER D 105 -44.65 16.16 17.92
C SER D 105 -44.66 15.79 16.44
N PHE D 106 -44.00 16.62 15.61
CA PHE D 106 -43.92 16.43 14.16
C PHE D 106 -42.63 15.73 13.75
N LEU D 107 -42.78 14.84 12.79
CA LEU D 107 -41.66 14.16 12.13
C LEU D 107 -41.85 14.39 10.64
N GLY D 108 -41.01 15.23 10.01
CA GLY D 108 -41.18 15.57 8.60
C GLY D 108 -39.95 15.34 7.76
N TRP D 109 -40.17 14.96 6.50
CA TRP D 109 -39.03 14.74 5.61
C TRP D 109 -39.42 14.93 4.15
N ARG D 110 -38.41 15.07 3.31
CA ARG D 110 -38.58 15.22 1.88
C ARG D 110 -38.43 13.89 1.16
N HIS D 111 -39.42 13.54 0.34
CA HIS D 111 -39.31 12.47 -0.64
C HIS D 111 -39.71 13.04 -2.00
N GLU D 112 -38.73 13.14 -2.89
CA GLU D 112 -38.94 13.57 -4.27
C GLU D 112 -39.50 14.99 -4.23
N ASN D 113 -40.66 15.25 -4.80
CA ASN D 113 -41.27 16.56 -4.82
C ASN D 113 -42.19 16.80 -3.64
N TYR D 114 -42.10 15.99 -2.58
CA TYR D 114 -43.06 16.07 -1.49
C TYR D 114 -42.36 16.27 -0.16
N TYR D 115 -43.00 17.04 0.73
CA TYR D 115 -42.78 16.94 2.16
C TYR D 115 -43.87 16.03 2.72
N ILE D 116 -43.45 15.01 3.46
CA ILE D 116 -44.35 14.13 4.19
C ILE D 116 -44.17 14.43 5.67
N ILE D 117 -45.28 14.74 6.33
CA ILE D 117 -45.25 15.19 7.71
C ILE D 117 -46.16 14.29 8.52
N GLU D 118 -45.59 13.61 9.50
CA GLU D 118 -46.34 12.87 10.49
C GLU D 118 -46.43 13.71 11.76
N VAL D 119 -47.51 13.52 12.50
CA VAL D 119 -47.69 14.24 13.76
C VAL D 119 -48.37 13.31 14.75
N GLU D 120 -47.90 13.38 15.99
CA GLU D 120 -48.48 12.64 17.11
C GLU D 120 -48.64 13.60 18.26
N ARG D 121 -49.49 13.21 19.21
CA ARG D 121 -49.74 14.05 20.36
C ARG D 121 -48.53 14.03 21.29
N TYR D 122 -48.33 15.13 22.00
CA TYR D 122 -47.12 15.27 22.81
C TYR D 122 -47.42 16.19 23.98
N HIS D 123 -46.62 16.05 25.03
CA HIS D 123 -46.60 17.08 26.04
C HIS D 123 -45.27 16.97 26.77
N VAL D 124 -44.82 18.11 27.28
CA VAL D 124 -43.59 18.17 28.04
C VAL D 124 -43.81 17.48 29.38
N GLN D 125 -42.93 16.54 29.72
CA GLN D 125 -42.89 15.99 31.07
C GLN D 125 -41.46 15.52 31.32
N THR D 126 -40.71 16.31 32.08
CA THR D 126 -39.27 16.16 32.15
C THR D 126 -38.85 15.24 33.30
N SER D 127 -37.92 14.33 33.02
CA SER D 127 -37.27 13.52 34.04
C SER D 127 -35.89 13.10 33.54
N ASN D 128 -35.14 12.44 34.41
CA ASN D 128 -33.88 11.82 34.05
C ASN D 128 -34.00 10.32 33.79
N TRP D 129 -35.22 9.83 33.53
CA TRP D 129 -35.42 8.38 33.38
C TRP D 129 -34.70 7.83 32.16
N PHE D 130 -34.76 8.55 31.04
CA PHE D 130 -34.07 8.12 29.83
C PHE D 130 -32.55 8.09 30.05
N GLU D 131 -31.99 9.13 30.69
CA GLU D 131 -30.54 9.14 30.87
C GLU D 131 -30.08 8.06 31.85
N ILE D 132 -30.90 7.73 32.84
CA ILE D 132 -30.53 6.66 33.77
C ILE D 132 -30.61 5.30 33.07
N GLN D 133 -31.72 5.04 32.36
CA GLN D 133 -31.80 3.82 31.57
C GLN D 133 -30.61 3.70 30.61
N PHE D 134 -30.21 4.82 30.01
CA PHE D 134 -29.18 4.76 28.99
C PHE D 134 -27.82 4.48 29.62
N GLN D 135 -27.55 5.10 30.77
CA GLN D 135 -26.30 4.82 31.48
C GLN D 135 -26.23 3.35 31.93
N ARG D 136 -27.33 2.80 32.45
CA ARG D 136 -27.28 1.41 32.88
C ARG D 136 -27.13 0.48 31.68
N ALA D 137 -27.81 0.80 30.58
CA ALA D 137 -27.66 0.03 29.35
C ALA D 137 -26.21 0.01 28.90
N PHE D 138 -25.55 1.17 28.85
CA PHE D 138 -24.16 1.18 28.40
C PHE D 138 -23.28 0.38 29.36
N GLN D 139 -23.44 0.59 30.66
CA GLN D 139 -22.61 -0.13 31.62
C GLN D 139 -22.82 -1.63 31.47
N LYS D 140 -24.06 -2.08 31.33
CA LYS D 140 -24.30 -3.51 31.24
C LYS D 140 -23.77 -4.08 29.93
N LEU D 141 -23.97 -3.37 28.82
CA LEU D 141 -23.46 -3.84 27.54
C LEU D 141 -21.92 -3.88 27.52
N ARG D 142 -21.26 -2.83 28.03
CA ARG D 142 -19.79 -2.84 28.05
C ARG D 142 -19.26 -4.02 28.84
N ASN D 143 -19.97 -4.46 29.88
CA ASN D 143 -19.56 -5.59 30.71
C ASN D 143 -19.75 -6.93 30.04
N CYS D 144 -20.47 -7.01 28.92
CA CYS D 144 -20.59 -8.28 28.24
C CYS D 144 -19.27 -8.64 27.58
N LYS D 145 -18.79 -9.84 27.84
CA LYS D 145 -17.54 -10.30 27.25
C LYS D 145 -17.73 -11.41 26.23
N THR D 146 -18.91 -12.01 26.14
CA THR D 146 -19.15 -13.07 25.18
C THR D 146 -20.34 -12.74 24.30
N HIS D 147 -20.40 -13.44 23.16
CA HIS D 147 -21.56 -13.37 22.29
C HIS D 147 -22.84 -13.64 23.07
N ASN D 148 -22.82 -14.65 23.94
CA ASN D 148 -24.04 -15.06 24.63
C ASN D 148 -24.49 -14.04 25.67
N ASP D 149 -23.55 -13.44 26.41
CA ASP D 149 -23.92 -12.36 27.34
C ASP D 149 -24.50 -11.16 26.61
N LEU D 150 -23.94 -10.84 25.45
CA LEU D 150 -24.36 -9.61 24.78
C LEU D 150 -25.82 -9.69 24.36
N ILE D 151 -26.21 -10.81 23.73
CA ILE D 151 -27.54 -10.91 23.15
C ILE D 151 -28.59 -11.01 24.27
N ASN D 152 -28.26 -11.72 25.34
CA ASN D 152 -29.21 -11.86 26.44
C ASN D 152 -29.36 -10.55 27.21
N THR D 153 -28.24 -9.88 27.49
CA THR D 153 -28.30 -8.55 28.08
C THR D 153 -29.11 -7.61 27.21
N LEU D 154 -28.95 -7.73 25.88
CA LEU D 154 -29.72 -6.90 24.95
C LEU D 154 -31.23 -7.15 25.09
N THR D 155 -31.65 -8.43 25.06
CA THR D 155 -33.10 -8.66 25.17
C THR D 155 -33.63 -8.11 26.49
N ARG D 156 -32.84 -8.23 27.57
CA ARG D 156 -33.31 -7.74 28.88
C ARG D 156 -33.40 -6.22 28.92
N LEU D 157 -32.41 -5.51 28.38
CA LEU D 157 -32.49 -4.05 28.34
C LEU D 157 -33.67 -3.59 27.49
N ILE D 158 -33.83 -4.17 26.31
CA ILE D 158 -34.89 -3.70 25.42
C ILE D 158 -36.25 -3.97 26.05
N GLN D 159 -36.38 -5.10 26.75
CA GLN D 159 -37.58 -5.37 27.52
C GLN D 159 -37.80 -4.32 28.60
N GLU D 160 -36.77 -3.98 29.38
CA GLU D 160 -36.96 -2.97 30.42
C GLU D 160 -37.40 -1.65 29.83
N ILE D 161 -36.79 -1.25 28.72
CA ILE D 161 -37.04 0.10 28.25
C ILE D 161 -38.41 0.19 27.57
N SER D 162 -38.82 -0.86 26.84
CA SER D 162 -40.04 -0.83 26.03
C SER D 162 -41.26 -1.36 26.76
N GLY D 163 -41.10 -2.14 27.84
CA GLY D 163 -42.21 -2.75 28.53
C GLY D 163 -42.90 -3.88 27.79
N TYR D 164 -42.42 -4.29 26.63
CA TYR D 164 -43.04 -5.40 25.90
C TYR D 164 -42.80 -6.74 26.62
N ASP D 165 -43.84 -7.57 26.70
CA ASP D 165 -43.71 -8.82 27.45
C ASP D 165 -42.78 -9.85 26.80
N ARG D 166 -42.50 -9.73 25.50
CA ARG D 166 -41.60 -10.71 24.92
C ARG D 166 -40.62 -10.02 23.99
N VAL D 167 -39.32 -10.26 24.20
CA VAL D 167 -38.25 -9.65 23.42
C VAL D 167 -37.31 -10.75 22.96
N MET D 168 -37.03 -10.79 21.66
CA MET D 168 -36.23 -11.83 21.02
C MET D 168 -35.15 -11.23 20.10
N ILE D 169 -34.00 -11.88 20.06
CA ILE D 169 -33.03 -11.63 19.01
C ILE D 169 -33.27 -12.68 17.93
N TYR D 170 -33.57 -12.21 16.73
CA TYR D 170 -33.85 -13.07 15.57
C TYR D 170 -32.71 -12.91 14.57
N GLN D 171 -31.93 -13.96 14.38
CA GLN D 171 -30.74 -13.89 13.53
C GLN D 171 -31.00 -14.54 12.19
N PHE D 172 -30.60 -13.85 11.13
CA PHE D 172 -30.79 -14.32 9.76
C PHE D 172 -29.67 -15.25 9.34
N ASP D 173 -30.04 -16.28 8.60
CA ASP D 173 -29.11 -17.13 7.90
C ASP D 173 -28.97 -16.63 6.46
N PRO D 174 -28.05 -17.20 5.66
CA PRO D 174 -27.78 -16.60 4.34
C PRO D 174 -28.97 -16.62 3.39
N GLU D 175 -29.94 -17.49 3.60
CA GLU D 175 -31.13 -17.51 2.78
C GLU D 175 -32.26 -16.68 3.36
N TRP D 176 -32.00 -15.93 4.44
CA TRP D 176 -32.98 -15.10 5.14
C TRP D 176 -34.04 -15.93 5.84
N ASN D 177 -33.81 -17.23 6.03
CA ASN D 177 -34.49 -17.90 7.12
C ASN D 177 -33.96 -17.30 8.42
N GLY D 178 -34.50 -17.68 9.56
CA GLY D 178 -34.00 -17.10 10.78
C GLY D 178 -34.18 -18.01 11.96
N ARG D 179 -33.48 -17.66 13.04
CA ARG D 179 -33.62 -18.40 14.27
C ARG D 179 -33.68 -17.41 15.44
N VAL D 180 -34.49 -17.72 16.44
CA VAL D 180 -34.47 -17.00 17.70
C VAL D 180 -33.24 -17.48 18.49
N ILE D 181 -32.26 -16.59 18.70
CA ILE D 181 -31.07 -17.01 19.42
C ILE D 181 -31.04 -16.52 20.85
N ALA D 182 -31.92 -15.58 21.22
CA ALA D 182 -31.98 -15.10 22.59
C ALA D 182 -33.39 -14.57 22.85
N GLU D 183 -33.80 -14.63 24.10
CA GLU D 183 -35.19 -14.30 24.42
C GLU D 183 -35.33 -13.91 25.87
N SER D 184 -36.15 -12.89 26.13
CA SER D 184 -36.62 -12.54 27.47
C SER D 184 -38.14 -12.46 27.45
N VAL D 185 -38.79 -13.29 28.24
CA VAL D 185 -40.24 -13.18 28.41
C VAL D 185 -40.52 -12.68 29.82
N ARG D 186 -41.18 -11.52 29.91
CA ARG D 186 -41.58 -11.02 31.23
C ARG D 186 -42.78 -11.78 31.79
N GLN D 187 -43.77 -12.06 30.94
CA GLN D 187 -44.95 -12.79 31.41
C GLN D 187 -45.69 -13.37 30.21
N LEU D 188 -46.61 -14.29 30.53
CA LEU D 188 -47.70 -14.70 29.66
C LEU D 188 -47.27 -15.50 28.44
N PHE D 189 -46.25 -15.04 27.71
CA PHE D 189 -45.89 -15.66 26.44
C PHE D 189 -45.20 -17.01 26.61
N THR D 190 -45.40 -17.86 25.61
CA THR D 190 -44.60 -19.07 25.46
C THR D 190 -43.22 -18.72 24.91
N SER D 191 -42.20 -19.45 25.36
CA SER D 191 -40.84 -19.20 24.91
C SER D 191 -40.61 -19.68 23.47
N MET D 192 -40.09 -18.80 22.62
CA MET D 192 -39.72 -19.13 21.25
C MET D 192 -38.23 -19.43 21.09
N LEU D 193 -37.45 -19.40 22.17
CA LEU D 193 -36.00 -19.53 22.07
C LEU D 193 -35.60 -20.76 21.25
N ASN D 194 -34.69 -20.54 20.30
CA ASN D 194 -34.11 -21.57 19.45
C ASN D 194 -35.07 -22.09 18.39
N HIS D 195 -36.20 -21.42 18.17
CA HIS D 195 -37.09 -21.79 17.08
C HIS D 195 -36.65 -21.16 15.76
N HIS D 196 -36.73 -21.96 14.70
CA HIS D 196 -36.49 -21.48 13.35
C HIS D 196 -37.80 -20.96 12.76
N PHE D 197 -37.67 -19.92 11.95
CA PHE D 197 -38.76 -19.33 11.17
C PHE D 197 -38.32 -19.25 9.71
N PRO D 198 -39.24 -19.42 8.78
CA PRO D 198 -38.86 -19.39 7.36
C PRO D 198 -38.73 -17.96 6.84
N ALA D 199 -38.05 -17.85 5.69
CA ALA D 199 -37.78 -16.56 5.08
C ALA D 199 -39.07 -15.84 4.67
N SER D 200 -40.08 -16.60 4.25
CA SER D 200 -41.35 -16.00 3.85
C SER D 200 -42.01 -15.19 4.96
N ASP D 201 -41.70 -15.46 6.23
CA ASP D 201 -42.25 -14.68 7.33
C ASP D 201 -41.84 -13.20 7.24
N ILE D 202 -40.70 -12.91 6.62
CA ILE D 202 -40.29 -11.52 6.43
C ILE D 202 -39.89 -11.30 4.99
N PRO D 203 -40.77 -10.82 4.12
CA PRO D 203 -40.44 -10.71 2.68
C PRO D 203 -39.36 -9.67 2.45
N ALA D 204 -38.86 -9.68 1.21
CA ALA D 204 -37.68 -8.89 0.88
C ALA D 204 -37.95 -7.40 1.05
N GLN D 205 -39.14 -6.94 0.64
CA GLN D 205 -39.49 -5.53 0.78
CA GLN D 205 -39.43 -5.52 0.78
C GLN D 205 -39.54 -5.11 2.24
N ALA D 206 -39.92 -6.03 3.13
CA ALA D 206 -40.02 -5.74 4.55
C ALA D 206 -38.65 -5.71 5.20
N ARG D 207 -37.79 -6.67 4.86
CA ARG D 207 -36.39 -6.60 5.31
C ARG D 207 -35.72 -5.32 4.85
N ALA D 208 -36.04 -4.85 3.63
CA ALA D 208 -35.41 -3.63 3.10
C ALA D 208 -35.80 -2.40 3.88
N MET D 209 -36.96 -2.41 4.55
CA MET D 209 -37.47 -1.21 5.20
C MET D 209 -36.62 -0.79 6.38
N TYR D 210 -35.94 -1.74 7.03
CA TYR D 210 -35.06 -1.41 8.16
C TYR D 210 -33.90 -0.50 7.75
N SER D 211 -33.52 -0.47 6.46
CA SER D 211 -32.45 0.43 6.06
C SER D 211 -32.95 1.85 5.83
N ILE D 212 -34.26 2.02 5.72
CA ILE D 212 -34.88 3.33 5.64
C ILE D 212 -35.24 3.86 7.01
N ASN D 213 -35.81 2.99 7.86
CA ASN D 213 -36.07 3.30 9.26
C ASN D 213 -35.77 2.08 10.11
N PRO D 214 -34.76 2.16 10.99
CA PRO D 214 -34.33 0.94 11.70
C PRO D 214 -35.40 0.35 12.60
N ILE D 215 -36.43 1.11 12.96
CA ILE D 215 -37.48 0.62 13.85
C ILE D 215 -38.82 0.63 13.13
N ARG D 216 -39.65 -0.36 13.44
CA ARG D 216 -41.03 -0.48 12.97
C ARG D 216 -41.90 -0.71 14.19
N ILE D 217 -42.94 0.11 14.37
CA ILE D 217 -43.81 0.02 15.55
C ILE D 217 -45.25 -0.20 15.11
N ILE D 218 -45.90 -1.15 15.76
CA ILE D 218 -47.29 -1.53 15.53
C ILE D 218 -47.96 -1.54 16.91
N PRO D 219 -48.43 -0.39 17.39
CA PRO D 219 -48.99 -0.33 18.75
C PRO D 219 -50.28 -1.07 18.94
N ASP D 220 -50.97 -1.43 17.86
CA ASP D 220 -52.29 -2.04 17.98
C ASP D 220 -52.59 -2.80 16.68
N VAL D 221 -52.49 -4.12 16.75
CA VAL D 221 -52.74 -4.98 15.60
C VAL D 221 -54.17 -4.85 15.08
N ASN D 222 -55.13 -4.48 15.93
CA ASN D 222 -56.52 -4.37 15.49
C ASN D 222 -56.99 -2.93 15.36
N ALA D 223 -56.09 -1.96 15.39
CA ALA D 223 -56.48 -0.61 15.03
C ALA D 223 -56.69 -0.56 13.52
N GLU D 224 -57.76 0.10 13.12
CA GLU D 224 -58.16 0.21 11.73
C GLU D 224 -57.33 1.29 11.05
N PRO D 225 -56.70 1.00 9.91
CA PRO D 225 -55.89 2.03 9.24
C PRO D 225 -56.75 3.19 8.75
N GLN D 226 -56.16 4.37 8.73
CA GLN D 226 -56.83 5.58 8.26
C GLN D 226 -56.38 5.91 6.85
N PRO D 227 -57.27 6.01 5.89
CA PRO D 227 -56.86 6.26 4.51
C PRO D 227 -56.35 7.67 4.31
N LEU D 228 -55.43 7.83 3.34
CA LEU D 228 -55.05 9.14 2.85
C LEU D 228 -56.10 9.67 1.89
N HIS D 229 -56.52 10.91 2.07
CA HIS D 229 -57.48 11.57 1.20
C HIS D 229 -56.79 12.66 0.40
N MET D 230 -57.09 12.73 -0.89
CA MET D 230 -56.65 13.85 -1.68
C MET D 230 -57.33 15.13 -1.19
N ILE D 231 -56.52 16.14 -0.94
CA ILE D 231 -57.02 17.44 -0.52
C ILE D 231 -57.01 18.34 -1.75
N HIS D 232 -55.85 18.89 -2.11
CA HIS D 232 -55.71 19.53 -3.40
C HIS D 232 -55.15 18.53 -4.41
N LYS D 233 -55.56 18.68 -5.66
CA LYS D 233 -55.12 17.79 -6.73
C LYS D 233 -53.61 17.87 -6.88
N PRO D 234 -52.89 16.76 -6.75
CA PRO D 234 -51.45 16.80 -6.99
C PRO D 234 -51.16 16.92 -8.48
N GLN D 235 -49.97 17.47 -8.79
CA GLN D 235 -49.53 17.53 -10.17
C GLN D 235 -49.32 16.13 -10.74
N ASN D 236 -48.72 15.25 -9.95
CA ASN D 236 -48.62 13.84 -10.27
C ASN D 236 -49.42 13.06 -9.25
N THR D 237 -50.23 12.13 -9.72
CA THR D 237 -51.18 11.42 -8.87
C THR D 237 -50.65 10.10 -8.35
N GLU D 238 -49.43 9.69 -8.74
CA GLU D 238 -48.88 8.43 -8.28
C GLU D 238 -48.74 8.41 -6.76
N ALA D 239 -48.91 7.23 -6.17
CA ALA D 239 -48.89 7.12 -4.72
C ALA D 239 -47.55 7.57 -4.17
N VAL D 240 -47.56 8.08 -2.95
CA VAL D 240 -46.37 8.66 -2.34
C VAL D 240 -45.78 7.64 -1.37
N ASN D 241 -44.44 7.54 -1.38
CA ASN D 241 -43.71 6.59 -0.57
C ASN D 241 -43.63 7.13 0.86
N LEU D 242 -44.13 6.37 1.82
CA LEU D 242 -44.21 6.84 3.20
C LEU D 242 -43.15 6.22 4.10
N SER D 243 -42.06 5.68 3.52
CA SER D 243 -41.24 4.68 4.21
C SER D 243 -40.45 5.25 5.36
N SER D 244 -40.02 6.51 5.27
CA SER D 244 -39.10 7.03 6.29
C SER D 244 -39.73 7.14 7.67
N GLY D 245 -41.07 7.23 7.76
CA GLY D 245 -41.75 7.55 9.00
C GLY D 245 -42.11 6.32 9.79
N VAL D 246 -43.02 6.51 10.75
CA VAL D 246 -43.51 5.40 11.56
C VAL D 246 -44.97 5.09 11.29
N LEU D 247 -45.73 6.01 10.72
CA LEU D 247 -47.18 5.83 10.68
C LEU D 247 -47.62 4.89 9.59
N ARG D 248 -46.75 4.57 8.64
CA ARG D 248 -47.13 3.82 7.45
C ARG D 248 -47.99 2.61 7.83
N ALA D 249 -49.06 2.40 7.07
CA ALA D 249 -50.00 1.32 7.39
C ALA D 249 -49.36 -0.06 7.19
N VAL D 250 -49.78 -1.00 8.01
CA VAL D 250 -49.24 -2.35 7.98
C VAL D 250 -50.06 -3.22 7.03
N SER D 251 -49.36 -4.07 6.29
CA SER D 251 -49.99 -5.09 5.46
C SER D 251 -51.01 -5.89 6.27
N PRO D 252 -52.26 -6.00 5.80
CA PRO D 252 -53.22 -6.93 6.42
C PRO D 252 -52.67 -8.34 6.64
N LEU D 253 -51.80 -8.85 5.77
CA LEU D 253 -51.28 -10.20 5.95
C LEU D 253 -50.40 -10.29 7.19
N HIS D 254 -49.60 -9.26 7.45
CA HIS D 254 -48.76 -9.29 8.63
C HIS D 254 -49.58 -9.03 9.90
N MET D 255 -50.61 -8.18 9.83
CA MET D 255 -51.50 -8.04 10.98
C MET D 255 -52.09 -9.40 11.35
N GLN D 256 -52.61 -10.12 10.36
CA GLN D 256 -53.16 -11.45 10.63
C GLN D 256 -52.08 -12.38 11.16
N TYR D 257 -50.86 -12.31 10.61
CA TYR D 257 -49.76 -13.12 11.10
C TYR D 257 -49.54 -12.89 12.59
N LEU D 258 -49.50 -11.63 13.01
CA LEU D 258 -49.36 -11.31 14.43
C LEU D 258 -50.52 -11.87 15.25
N ARG D 259 -51.77 -11.72 14.77
CA ARG D 259 -52.91 -12.29 15.49
C ARG D 259 -52.76 -13.79 15.67
N ASN D 260 -52.31 -14.49 14.63
CA ASN D 260 -52.09 -15.92 14.79
C ASN D 260 -50.97 -16.18 15.79
N PHE D 261 -50.01 -15.26 15.89
CA PHE D 261 -48.89 -15.37 16.82
C PHE D 261 -49.31 -15.11 18.25
N GLY D 262 -50.56 -14.69 18.47
CA GLY D 262 -51.02 -14.29 19.79
C GLY D 262 -50.59 -12.89 20.19
N VAL D 263 -50.27 -12.04 19.23
CA VAL D 263 -49.59 -10.76 19.46
C VAL D 263 -50.55 -9.63 19.16
N SER D 264 -50.65 -8.66 20.07
CA SER D 264 -51.52 -7.52 19.86
C SER D 264 -50.79 -6.21 19.64
N ALA D 265 -49.49 -6.16 19.94
CA ALA D 265 -48.64 -5.04 19.57
C ALA D 265 -47.22 -5.55 19.34
N SER D 266 -46.51 -4.91 18.43
CA SER D 266 -45.24 -5.41 17.94
C SER D 266 -44.32 -4.24 17.66
N THR D 267 -43.04 -4.42 17.94
CA THR D 267 -42.03 -3.43 17.60
C THR D 267 -40.75 -4.19 17.26
N SER D 268 -40.11 -3.82 16.16
CA SER D 268 -38.89 -4.50 15.78
C SER D 268 -37.84 -3.47 15.39
N ILE D 269 -36.58 -3.81 15.68
CA ILE D 269 -35.44 -2.96 15.39
C ILE D 269 -34.41 -3.77 14.63
N GLY D 270 -33.93 -3.23 13.51
CA GLY D 270 -32.94 -3.94 12.71
C GLY D 270 -31.56 -3.92 13.37
N ILE D 271 -30.90 -5.08 13.41
CA ILE D 271 -29.52 -5.18 13.86
C ILE D 271 -28.61 -5.21 12.63
N PHE D 272 -27.81 -4.16 12.48
CA PHE D 272 -26.96 -3.98 11.32
C PHE D 272 -25.50 -4.28 11.64
N ASN D 273 -24.90 -5.15 10.83
CA ASN D 273 -23.45 -5.29 10.77
C ASN D 273 -22.98 -4.43 9.60
N GLU D 274 -22.57 -3.20 9.92
CA GLU D 274 -22.37 -2.14 8.93
C GLU D 274 -23.67 -1.94 8.16
N ASP D 275 -23.66 -2.33 6.89
CA ASP D 275 -24.80 -2.20 6.00
C ASP D 275 -25.68 -3.44 5.95
N GLU D 276 -25.22 -4.55 6.50
CA GLU D 276 -25.95 -5.81 6.37
C GLU D 276 -26.95 -5.98 7.51
N LEU D 277 -28.19 -6.24 7.14
CA LEU D 277 -29.18 -6.65 8.12
C LEU D 277 -28.81 -8.04 8.62
N TRP D 278 -28.31 -8.11 9.84
CA TRP D 278 -27.87 -9.36 10.46
C TRP D 278 -29.02 -10.04 11.19
N GLY D 279 -29.88 -9.24 11.80
CA GLY D 279 -31.05 -9.78 12.48
C GLY D 279 -31.93 -8.64 12.91
N ILE D 280 -32.93 -8.97 13.71
CA ILE D 280 -33.85 -7.99 14.25
C ILE D 280 -34.00 -8.25 15.75
N VAL D 281 -34.27 -7.18 16.49
CA VAL D 281 -34.82 -7.27 17.84
C VAL D 281 -36.35 -7.22 17.70
N ALA D 282 -37.02 -8.35 17.96
CA ALA D 282 -38.46 -8.51 17.82
C ALA D 282 -39.13 -8.47 19.17
N CYS D 283 -40.16 -7.62 19.29
CA CYS D 283 -40.87 -7.35 20.54
C CYS D 283 -42.36 -7.54 20.36
N HIS D 284 -42.96 -8.35 21.24
CA HIS D 284 -44.38 -8.64 21.23
C HIS D 284 -44.99 -8.28 22.58
N HIS D 285 -46.25 -7.87 22.53
CA HIS D 285 -47.06 -7.59 23.70
C HIS D 285 -48.40 -8.27 23.50
N THR D 286 -49.02 -8.70 24.60
CA THR D 286 -50.31 -9.35 24.46
C THR D 286 -51.46 -8.34 24.37
N LYS D 287 -51.23 -7.06 24.67
CA LYS D 287 -52.23 -6.00 24.63
C LYS D 287 -51.71 -4.83 23.81
N PRO D 288 -52.60 -3.99 23.29
CA PRO D 288 -52.14 -2.74 22.66
C PRO D 288 -51.27 -1.95 23.63
N ARG D 289 -50.15 -1.44 23.14
CA ARG D 289 -49.20 -0.71 23.95
C ARG D 289 -48.62 0.41 23.11
N ALA D 290 -48.46 1.59 23.72
CA ALA D 290 -47.99 2.78 23.02
C ALA D 290 -46.71 3.28 23.69
N ILE D 291 -45.66 3.51 22.90
CA ILE D 291 -44.40 4.09 23.40
C ILE D 291 -44.00 5.23 22.48
N GLY D 292 -43.62 6.36 23.07
CA GLY D 292 -43.41 7.57 22.32
C GLY D 292 -42.05 7.67 21.61
N ARG D 293 -41.83 8.82 21.01
CA ARG D 293 -40.63 9.05 20.22
C ARG D 293 -39.37 8.81 21.05
N ARG D 294 -39.33 9.32 22.26
CA ARG D 294 -38.10 9.24 23.06
C ARG D 294 -37.77 7.81 23.41
N ILE D 295 -38.78 6.99 23.66
CA ILE D 295 -38.52 5.59 23.96
C ILE D 295 -38.04 4.87 22.69
N ARG D 296 -38.65 5.18 21.55
CA ARG D 296 -38.23 4.61 20.27
C ARG D 296 -36.75 4.87 20.02
N ARG D 297 -36.32 6.12 20.26
CA ARG D 297 -34.94 6.49 20.00
C ARG D 297 -33.98 5.87 21.02
N LEU D 298 -34.37 5.83 22.31
CA LEU D 298 -33.56 5.14 23.32
C LEU D 298 -33.34 3.68 22.93
N LEU D 299 -34.41 2.99 22.52
CA LEU D 299 -34.29 1.63 22.02
C LEU D 299 -33.30 1.55 20.84
N VAL D 300 -33.39 2.49 19.89
CA VAL D 300 -32.56 2.32 18.70
C VAL D 300 -31.08 2.58 19.02
N ARG D 301 -30.78 3.61 19.81
CA ARG D 301 -29.40 3.84 20.21
C ARG D 301 -28.84 2.66 20.99
N THR D 302 -29.66 2.07 21.86
CA THR D 302 -29.20 0.92 22.63
C THR D 302 -28.84 -0.24 21.70
N VAL D 303 -29.68 -0.49 20.70
CA VAL D 303 -29.33 -1.54 19.76
C VAL D 303 -28.05 -1.18 19.00
N GLU D 304 -27.82 0.10 18.71
CA GLU D 304 -26.64 0.43 17.91
C GLU D 304 -25.35 0.22 18.70
N PHE D 305 -25.34 0.60 19.99
CA PHE D 305 -24.17 0.34 20.80
C PHE D 305 -23.96 -1.15 21.00
N ALA D 306 -25.05 -1.89 21.19
CA ALA D 306 -24.94 -3.31 21.47
C ALA D 306 -24.39 -4.07 20.27
N ALA D 307 -24.79 -3.68 19.06
CA ALA D 307 -24.31 -4.34 17.85
C ALA D 307 -22.82 -4.10 17.67
N GLU D 308 -22.37 -2.86 17.88
CA GLU D 308 -20.95 -2.57 17.79
C GLU D 308 -20.14 -3.46 18.72
N ARG D 309 -20.53 -3.52 20.00
CA ARG D 309 -19.88 -4.40 20.94
C ARG D 309 -19.92 -5.85 20.46
N LEU D 310 -21.07 -6.32 19.97
CA LEU D 310 -21.16 -7.69 19.49
C LEU D 310 -20.18 -7.97 18.33
N TRP D 311 -20.08 -7.05 17.38
CA TRP D 311 -19.11 -7.23 16.30
C TRP D 311 -17.69 -7.22 16.85
N LEU D 312 -17.43 -6.44 17.90
CA LEU D 312 -16.11 -6.41 18.51
C LEU D 312 -15.81 -7.73 19.19
N ILE D 313 -16.80 -8.30 19.88
CA ILE D 313 -16.61 -9.59 20.54
C ILE D 313 -16.31 -10.65 19.49
N HIS D 314 -17.03 -10.62 18.35
CA HIS D 314 -16.74 -11.56 17.28
C HIS D 314 -15.34 -11.39 16.74
N SER D 315 -14.92 -10.14 16.56
CA SER D 315 -13.67 -9.85 15.89
C SER D 315 -12.47 -10.20 16.78
N ARG D 316 -12.60 -9.98 18.09
CA ARG D 316 -11.58 -10.44 19.02
C ARG D 316 -11.51 -11.96 19.06
N ASN D 317 -12.65 -12.63 18.99
CA ASN D 317 -12.65 -14.09 18.95
C ASN D 317 -11.86 -14.62 17.75
N VAL D 318 -11.94 -13.94 16.60
CA VAL D 318 -11.09 -14.29 15.46
C VAL D 318 -9.62 -14.18 15.83
N GLU D 319 -9.26 -13.11 16.55
CA GLU D 319 -7.88 -12.93 16.98
C GLU D 319 -7.46 -14.02 17.94
N ARG D 320 -8.34 -14.38 18.87
CA ARG D 320 -8.02 -15.34 19.91
C ARG D 320 -7.78 -16.72 19.33
N TYR D 321 -8.61 -17.13 18.38
CA TYR D 321 -8.39 -18.43 17.76
C TYR D 321 -7.07 -18.48 17.02
N MET D 322 -6.62 -17.35 16.46
CA MET D 322 -5.31 -17.31 15.82
C MET D 322 -4.20 -17.53 16.83
N VAL D 323 -4.27 -16.85 17.97
CA VAL D 323 -3.32 -17.07 19.05
C VAL D 323 -3.31 -18.55 19.45
N THR D 324 -4.49 -19.16 19.46
CA THR D 324 -4.57 -20.55 19.89
C THR D 324 -3.95 -21.49 18.86
N VAL D 325 -4.08 -21.15 17.58
CA VAL D 325 -3.37 -21.88 16.54
C VAL D 325 -1.86 -21.73 16.70
N GLN D 326 -1.38 -20.51 16.99
CA GLN D 326 0.06 -20.30 17.16
C GLN D 326 0.60 -21.09 18.36
N ALA D 327 -0.09 -20.99 19.50
CA ALA D 327 0.33 -21.75 20.67
C ALA D 327 0.41 -23.24 20.36
N ALA D 328 -0.60 -23.77 19.67
CA ALA D 328 -0.54 -25.19 19.30
C ALA D 328 0.68 -25.49 18.42
N ARG D 329 1.01 -24.58 17.50
CA ARG D 329 2.21 -24.76 16.67
C ARG D 329 3.48 -24.74 17.50
N GLU D 330 3.52 -23.96 18.58
CA GLU D 330 4.68 -24.01 19.46
C GLU D 330 4.73 -25.33 20.21
N GLN D 331 3.58 -25.84 20.64
CA GLN D 331 3.51 -27.19 21.20
C GLN D 331 4.06 -28.23 20.21
N LEU D 332 3.82 -28.00 18.92
CA LEU D 332 4.33 -28.91 17.90
C LEU D 332 5.82 -28.70 17.68
N SER D 333 6.28 -27.45 17.77
CA SER D 333 7.69 -27.12 17.65
C SER D 333 8.52 -27.69 18.80
N THR D 334 7.90 -27.96 19.94
CA THR D 334 8.61 -28.53 21.08
C THR D 334 8.83 -30.02 20.89
N THR D 335 7.73 -30.77 20.71
CA THR D 335 7.82 -32.18 20.34
C THR D 335 8.81 -32.41 19.20
N ALA D 336 8.90 -31.46 18.26
CA ALA D 336 9.82 -31.61 17.14
C ALA D 336 11.28 -31.51 17.58
N ASP D 337 11.57 -30.68 18.59
CA ASP D 337 12.95 -30.57 19.07
C ASP D 337 13.39 -31.80 19.85
N ASP D 338 12.44 -32.63 20.29
CA ASP D 338 12.71 -33.93 20.84
C ASP D 338 13.20 -34.94 19.80
N LYS D 339 13.38 -34.49 18.55
CA LYS D 339 13.82 -35.36 17.45
C LYS D 339 12.80 -36.46 17.17
N HIS D 340 11.51 -36.10 17.25
CA HIS D 340 10.43 -37.04 17.00
C HIS D 340 10.01 -37.00 15.55
N SER D 341 9.74 -38.17 14.97
CA SER D 341 9.20 -38.22 13.63
C SER D 341 7.87 -37.50 13.57
N SER D 342 7.51 -37.03 12.38
CA SER D 342 6.23 -36.33 12.25
C SER D 342 5.06 -37.28 12.46
N HIS D 343 5.26 -38.58 12.26
CA HIS D 343 4.23 -39.56 12.61
C HIS D 343 4.02 -39.60 14.12
N GLU D 344 5.10 -39.69 14.88
CA GLU D 344 5.00 -39.59 16.33
C GLU D 344 4.38 -38.25 16.75
N ILE D 345 4.73 -37.17 16.05
CA ILE D 345 4.16 -35.86 16.40
C ILE D 345 2.65 -35.88 16.23
N VAL D 346 2.17 -36.43 15.10
CA VAL D 346 0.73 -36.55 14.90
C VAL D 346 0.11 -37.35 16.04
N ILE D 347 0.71 -38.50 16.37
CA ILE D 347 0.22 -39.35 17.45
C ILE D 347 0.16 -38.60 18.78
N GLU D 348 1.10 -37.68 19.01
CA GLU D 348 1.15 -36.96 20.28
C GLU D 348 -0.01 -35.97 20.41
N HIS D 349 -0.23 -35.13 19.40
CA HIS D 349 -1.12 -33.97 19.52
C HIS D 349 -2.44 -34.11 18.78
N ALA D 350 -2.68 -35.21 18.06
CA ALA D 350 -3.86 -35.29 17.20
C ALA D 350 -5.15 -35.16 17.99
N ALA D 351 -5.16 -35.55 19.26
CA ALA D 351 -6.34 -35.34 20.09
C ALA D 351 -6.69 -33.85 20.17
N ASP D 352 -5.68 -33.01 20.48
CA ASP D 352 -5.93 -31.58 20.54
CA ASP D 352 -5.92 -31.57 20.54
C ASP D 352 -6.33 -31.01 19.18
N TRP D 353 -5.77 -31.56 18.09
CA TRP D 353 -6.11 -31.02 16.78
C TRP D 353 -7.57 -31.30 16.39
N CYS D 354 -8.12 -32.44 16.82
CA CYS D 354 -9.54 -32.70 16.54
C CYS D 354 -10.43 -31.69 17.23
N LYS D 355 -9.98 -31.12 18.36
CA LYS D 355 -10.69 -30.04 19.02
C LYS D 355 -10.45 -28.71 18.33
N LEU D 356 -9.17 -28.36 18.09
CA LEU D 356 -8.83 -27.08 17.48
C LEU D 356 -9.49 -26.90 16.12
N PHE D 357 -9.83 -28.00 15.45
CA PHE D 357 -10.44 -27.98 14.13
C PHE D 357 -11.88 -28.47 14.13
N ARG D 358 -12.41 -28.95 15.27
CA ARG D 358 -13.78 -29.46 15.35
C ARG D 358 -14.01 -30.59 14.33
N CYS D 359 -13.21 -31.65 14.43
CA CYS D 359 -13.32 -32.77 13.50
C CYS D 359 -13.12 -34.08 14.26
N ASP D 360 -13.41 -35.19 13.58
CA ASP D 360 -13.56 -36.48 14.26
C ASP D 360 -12.48 -37.49 13.92
N GLY D 361 -11.71 -37.29 12.86
CA GLY D 361 -10.66 -38.21 12.49
C GLY D 361 -9.54 -37.47 11.81
N ILE D 362 -8.33 -37.95 12.00
CA ILE D 362 -7.13 -37.28 11.49
C ILE D 362 -6.24 -38.33 10.84
N GLY D 363 -5.96 -38.16 9.55
CA GLY D 363 -5.02 -38.99 8.82
C GLY D 363 -3.79 -38.18 8.47
N TYR D 364 -2.62 -38.80 8.63
CA TYR D 364 -1.36 -38.25 8.13
C TYR D 364 -0.70 -39.34 7.28
N LEU D 365 -0.57 -39.09 5.99
CA LEU D 365 0.05 -40.01 5.05
C LEU D 365 1.38 -39.42 4.58
N ARG D 366 2.43 -40.25 4.58
CA ARG D 366 3.73 -39.87 4.04
C ARG D 366 4.21 -41.06 3.21
N GLY D 367 4.04 -40.97 1.90
CA GLY D 367 4.38 -42.09 1.03
C GLY D 367 3.58 -43.32 1.41
N GLU D 368 4.31 -44.37 1.81
CA GLU D 368 3.69 -45.63 2.19
C GLU D 368 3.25 -45.67 3.65
N GLU D 369 3.69 -44.71 4.47
CA GLU D 369 3.37 -44.74 5.89
C GLU D 369 2.12 -43.91 6.16
N LEU D 370 1.26 -44.43 7.02
CA LEU D 370 -0.02 -43.81 7.32
C LEU D 370 -0.29 -43.91 8.82
N THR D 371 -0.59 -42.76 9.43
CA THR D 371 -0.97 -42.70 10.84
C THR D 371 -2.38 -42.16 10.92
N THR D 372 -3.24 -42.81 11.71
CA THR D 372 -4.63 -42.38 11.89
C THR D 372 -4.97 -42.20 13.36
N TYR D 373 -5.88 -41.26 13.58
CA TYR D 373 -6.49 -41.01 14.87
C TYR D 373 -7.99 -40.79 14.64
N GLY D 374 -8.79 -41.11 15.66
CA GLY D 374 -10.21 -40.82 15.61
C GLY D 374 -10.96 -41.67 14.60
N GLU D 375 -12.02 -41.10 14.05
CA GLU D 375 -12.88 -41.80 13.11
C GLU D 375 -12.32 -41.66 11.70
N THR D 376 -11.96 -42.79 11.10
CA THR D 376 -11.20 -42.78 9.86
C THR D 376 -11.59 -43.98 9.02
N PRO D 377 -11.57 -43.85 7.69
CA PRO D 377 -11.63 -45.04 6.82
C PRO D 377 -10.28 -45.76 6.77
N ASP D 378 -10.34 -47.03 6.36
CA ASP D 378 -9.15 -47.87 6.32
C ASP D 378 -8.19 -47.38 5.25
N GLN D 379 -7.06 -48.09 5.12
CA GLN D 379 -5.98 -47.60 4.27
C GLN D 379 -6.31 -47.70 2.78
N THR D 380 -7.10 -48.70 2.38
CA THR D 380 -7.47 -48.81 0.97
C THR D 380 -8.29 -47.61 0.53
N THR D 381 -9.32 -47.27 1.32
CA THR D 381 -10.11 -46.09 1.05
C THR D 381 -9.28 -44.82 1.15
N ILE D 382 -8.33 -44.79 2.09
CA ILE D 382 -7.56 -43.57 2.27
C ILE D 382 -6.65 -43.32 1.06
N ASN D 383 -6.08 -44.38 0.50
CA ASN D 383 -5.32 -44.23 -0.74
C ASN D 383 -6.24 -43.90 -1.91
N LYS D 384 -7.46 -44.44 -1.92
CA LYS D 384 -8.45 -44.02 -2.92
C LYS D 384 -8.67 -42.51 -2.87
N LEU D 385 -8.98 -41.97 -1.67
CA LEU D 385 -9.14 -40.54 -1.49
C LEU D 385 -7.94 -39.78 -2.04
N VAL D 386 -6.73 -40.11 -1.55
CA VAL D 386 -5.51 -39.45 -1.98
C VAL D 386 -5.42 -39.41 -3.51
N GLU D 387 -5.60 -40.56 -4.15
CA GLU D 387 -5.46 -40.62 -5.61
C GLU D 387 -6.52 -39.77 -6.31
N TRP D 388 -7.77 -39.84 -5.86
CA TRP D 388 -8.83 -39.05 -6.50
C TRP D 388 -8.53 -37.56 -6.36
N LEU D 389 -8.05 -37.14 -5.19
CA LEU D 389 -7.60 -35.76 -5.03
C LEU D 389 -6.48 -35.45 -6.02
N GLU D 390 -5.57 -36.40 -6.23
CA GLU D 390 -4.44 -36.12 -7.12
C GLU D 390 -4.90 -36.01 -8.58
N GLU D 391 -5.89 -36.82 -8.99
CA GLU D 391 -6.42 -36.70 -10.34
C GLU D 391 -7.12 -35.37 -10.52
N ASN D 392 -7.95 -35.00 -9.55
CA ASN D 392 -8.65 -33.72 -9.54
C ASN D 392 -7.65 -32.55 -9.48
N SER D 396 -5.52 -25.91 -5.76
CA SER D 396 -6.11 -25.30 -4.58
C SER D 396 -5.33 -25.68 -3.31
N LEU D 397 -5.18 -24.72 -2.39
CA LEU D 397 -4.37 -24.92 -1.19
C LEU D 397 -4.92 -26.03 -0.32
N PHE D 398 -6.23 -26.24 -0.33
CA PHE D 398 -6.85 -27.30 0.43
C PHE D 398 -8.06 -27.77 -0.35
N TRP D 399 -8.53 -28.98 -0.02
CA TRP D 399 -9.77 -29.50 -0.59
C TRP D 399 -10.66 -29.94 0.56
N HIS D 400 -11.81 -29.31 0.69
CA HIS D 400 -12.73 -29.63 1.77
C HIS D 400 -14.10 -29.93 1.19
N SER D 401 -14.98 -30.44 2.06
CA SER D 401 -16.35 -30.79 1.71
C SER D 401 -17.08 -31.29 2.94
N HIS D 402 -18.37 -30.94 3.06
CA HIS D 402 -19.25 -31.50 4.06
C HIS D 402 -20.30 -32.41 3.43
N MET D 403 -20.08 -32.81 2.18
CA MET D 403 -20.89 -33.82 1.50
C MET D 403 -20.06 -35.07 1.28
N LEU D 412 -15.62 -43.73 -1.85
CA LEU D 412 -16.48 -43.62 -0.67
C LEU D 412 -17.63 -44.61 -0.73
N PRO D 413 -17.54 -45.69 0.03
CA PRO D 413 -18.60 -46.72 -0.02
C PRO D 413 -19.95 -46.18 0.43
N ASP D 414 -20.99 -46.97 0.13
CA ASP D 414 -22.36 -46.58 0.43
C ASP D 414 -22.64 -46.63 1.94
N GLY D 415 -23.54 -45.76 2.38
CA GLY D 415 -23.91 -45.70 3.78
C GLY D 415 -22.77 -45.32 4.70
N SER D 416 -21.60 -45.03 4.13
CA SER D 416 -20.47 -44.51 4.90
C SER D 416 -20.93 -43.33 5.76
N ARG D 417 -20.37 -43.23 6.96
CA ARG D 417 -20.77 -42.21 7.91
C ARG D 417 -20.03 -40.89 7.75
N PHE D 418 -19.18 -40.73 6.74
CA PHE D 418 -18.43 -39.48 6.58
C PHE D 418 -19.08 -38.50 5.60
N LEU D 421 -14.61 -33.86 4.93
CA LEU D 421 -13.19 -33.99 4.62
C LEU D 421 -12.50 -32.66 4.32
N LEU D 422 -11.47 -32.34 5.10
CA LEU D 422 -10.48 -31.32 4.78
C LEU D 422 -9.15 -32.00 4.55
N ALA D 423 -8.63 -31.91 3.32
CA ALA D 423 -7.36 -32.50 2.93
C ALA D 423 -6.37 -31.41 2.57
N ILE D 424 -5.15 -31.54 3.08
CA ILE D 424 -4.02 -30.65 2.79
C ILE D 424 -3.01 -31.45 1.98
N PRO D 425 -2.64 -31.02 0.77
CA PRO D 425 -1.55 -31.68 0.05
C PRO D 425 -0.19 -31.24 0.60
N LEU D 426 0.68 -32.22 0.85
CA LEU D 426 1.98 -31.95 1.43
C LEU D 426 3.14 -32.36 0.53
N LYS D 427 2.86 -32.85 -0.68
CA LYS D 427 3.89 -33.34 -1.58
C LYS D 427 3.43 -33.15 -3.02
N SER D 428 4.24 -33.67 -3.95
CA SER D 428 3.98 -33.53 -5.38
C SER D 428 4.00 -34.89 -6.10
N PHE D 433 3.42 -39.15 -2.41
CA PHE D 433 2.20 -38.58 -1.85
C PHE D 433 2.33 -38.38 -0.35
N SER D 434 1.98 -37.19 0.11
CA SER D 434 1.77 -36.94 1.53
C SER D 434 0.53 -36.07 1.68
N TYR D 435 -0.24 -36.31 2.75
CA TYR D 435 -1.45 -35.55 3.01
C TYR D 435 -1.70 -35.44 4.50
N LEU D 436 -2.43 -34.39 4.89
CA LEU D 436 -3.08 -34.32 6.18
C LEU D 436 -4.59 -34.25 5.92
N LEU D 437 -5.30 -35.31 6.33
CA LEU D 437 -6.73 -35.47 6.13
C LEU D 437 -7.45 -35.28 7.45
N LEU D 438 -8.60 -34.57 7.41
CA LEU D 438 -9.38 -34.26 8.60
C LEU D 438 -10.84 -34.56 8.28
N PHE D 439 -11.36 -35.65 8.83
CA PHE D 439 -12.69 -36.17 8.49
C PHE D 439 -13.76 -35.59 9.41
N ARG D 440 -14.96 -35.42 8.85
CA ARG D 440 -16.15 -35.07 9.64
C ARG D 440 -17.29 -36.03 9.30
N VAL D 441 -17.64 -36.90 10.26
CA VAL D 441 -18.79 -37.79 10.05
C VAL D 441 -20.08 -37.00 9.87
N ALA D 442 -21.10 -37.69 9.35
CA ALA D 442 -22.41 -37.07 9.14
C ALA D 442 -23.07 -36.70 10.47
N GLN D 443 -23.90 -35.68 10.42
CA GLN D 443 -24.64 -35.23 11.58
C GLN D 443 -26.09 -35.03 11.20
N ASN D 444 -26.99 -35.43 12.10
CA ASN D 444 -28.42 -35.19 11.94
C ASN D 444 -28.78 -34.04 12.86
N GLU D 445 -28.94 -32.86 12.27
CA GLU D 445 -29.39 -31.70 13.02
C GLU D 445 -30.90 -31.73 13.12
N VAL D 446 -31.41 -31.56 14.33
CA VAL D 446 -32.83 -31.61 14.59
C VAL D 446 -33.32 -30.19 14.85
N ARG D 447 -34.24 -29.73 14.02
CA ARG D 447 -34.65 -28.34 13.98
C ARG D 447 -36.09 -28.20 14.45
N THR D 448 -36.33 -27.25 15.34
CA THR D 448 -37.68 -26.92 15.76
C THR D 448 -38.12 -25.66 15.03
N TRP D 449 -39.17 -25.78 14.24
CA TRP D 449 -39.79 -24.65 13.56
C TRP D 449 -40.98 -24.17 14.36
N ALA D 450 -41.25 -22.86 14.30
CA ALA D 450 -42.40 -22.27 14.98
C ALA D 450 -43.63 -22.38 14.08
N GLY D 451 -44.03 -23.62 13.84
CA GLY D 451 -45.15 -23.91 12.97
C GLY D 451 -44.86 -24.99 11.96
N LYS D 452 -45.80 -25.91 11.81
CA LYS D 452 -45.78 -26.85 10.71
C LYS D 452 -45.77 -26.08 9.39
N PRO D 453 -45.13 -26.62 8.35
CA PRO D 453 -45.29 -26.01 7.02
C PRO D 453 -46.75 -26.06 6.58
N GLU D 454 -47.28 -24.91 6.17
CA GLU D 454 -48.66 -24.80 5.71
C GLU D 454 -48.70 -24.04 4.40
N LYS D 455 -49.42 -24.58 3.41
CA LYS D 455 -49.66 -23.90 2.15
C LYS D 455 -51.05 -23.26 2.22
N LEU D 456 -51.07 -21.94 2.29
CA LEU D 456 -52.30 -21.17 2.19
C LEU D 456 -52.18 -20.24 1.00
N SER D 457 -53.18 -20.23 0.14
CA SER D 457 -53.30 -19.23 -0.91
C SER D 457 -54.28 -18.16 -0.45
N VAL D 458 -53.90 -16.91 -0.61
CA VAL D 458 -54.69 -15.78 -0.13
C VAL D 458 -54.92 -14.81 -1.29
N GLU D 459 -56.17 -14.39 -1.47
CA GLU D 459 -56.53 -13.42 -2.50
C GLU D 459 -56.31 -12.00 -1.98
N THR D 460 -55.44 -11.27 -2.66
CA THR D 460 -55.13 -9.87 -2.35
C THR D 460 -55.38 -9.02 -3.59
N SER D 461 -55.52 -7.70 -3.35
CA SER D 461 -55.71 -6.77 -4.45
C SER D 461 -54.53 -6.82 -5.44
N THR D 462 -53.32 -7.02 -4.92
CA THR D 462 -52.16 -7.17 -5.79
C THR D 462 -52.07 -8.55 -6.43
N GLY D 463 -52.97 -9.47 -6.06
CA GLY D 463 -52.99 -10.79 -6.64
C GLY D 463 -53.22 -11.92 -5.66
N THR D 464 -52.67 -13.09 -5.97
CA THR D 464 -52.74 -14.26 -5.11
C THR D 464 -51.34 -14.57 -4.59
N MET D 465 -51.24 -14.83 -3.29
CA MET D 465 -49.95 -15.01 -2.64
C MET D 465 -50.13 -15.85 -1.39
N LEU D 466 -49.01 -16.19 -0.76
CA LEU D 466 -49.06 -17.05 0.43
C LEU D 466 -49.73 -16.33 1.60
N GLY D 467 -50.58 -17.06 2.31
CA GLY D 467 -51.19 -16.54 3.51
C GLY D 467 -50.46 -17.03 4.74
N PRO D 468 -50.46 -16.24 5.80
CA PRO D 468 -49.73 -16.64 7.01
C PRO D 468 -50.33 -17.89 7.62
N ARG D 469 -49.46 -18.74 8.16
CA ARG D 469 -49.90 -19.95 8.83
C ARG D 469 -50.70 -19.61 10.09
N LYS D 470 -51.53 -20.57 10.52
CA LYS D 470 -52.34 -20.32 11.69
C LYS D 470 -51.68 -20.81 12.96
N SER D 471 -50.84 -21.84 12.87
CA SER D 471 -50.20 -22.43 14.03
C SER D 471 -48.73 -22.02 14.08
N PHE D 472 -48.23 -21.81 15.29
CA PHE D 472 -46.82 -21.57 15.56
C PHE D 472 -46.27 -22.59 16.54
N GLU D 473 -47.01 -23.68 16.78
CA GLU D 473 -46.53 -24.74 17.66
C GLU D 473 -45.27 -25.38 17.09
N ALA D 474 -44.36 -25.74 17.99
CA ALA D 474 -43.17 -26.50 17.65
C ALA D 474 -43.45 -27.59 16.63
N TRP D 475 -42.60 -27.65 15.61
CA TRP D 475 -42.64 -28.67 14.58
C TRP D 475 -41.20 -28.96 14.16
N GLN D 476 -40.88 -30.23 13.97
CA GLN D 476 -39.50 -30.65 13.82
C GLN D 476 -39.22 -31.29 12.47
N ASP D 477 -38.07 -30.94 11.88
CA ASP D 477 -37.54 -31.65 10.73
C ASP D 477 -36.04 -31.87 10.92
N GLU D 478 -35.44 -32.59 9.99
CA GLU D 478 -34.06 -33.02 10.10
C GLU D 478 -33.31 -32.68 8.82
N VAL D 479 -32.00 -32.55 8.97
CA VAL D 479 -31.08 -32.46 7.85
C VAL D 479 -30.05 -33.56 8.09
N SER D 480 -30.03 -34.56 7.23
CA SER D 480 -29.15 -35.70 7.40
C SER D 480 -28.04 -35.69 6.35
N GLY D 481 -27.04 -36.54 6.58
CA GLY D 481 -25.99 -36.81 5.61
C GLY D 481 -24.97 -35.70 5.41
N LYS D 482 -25.09 -34.58 6.09
CA LYS D 482 -24.12 -33.50 6.00
C LYS D 482 -23.30 -33.45 7.29
N SER D 483 -22.13 -32.85 7.19
CA SER D 483 -21.30 -32.52 8.35
C SER D 483 -21.32 -31.01 8.56
N GLN D 484 -20.79 -30.59 9.72
CA GLN D 484 -20.60 -29.17 9.96
C GLN D 484 -19.78 -28.56 8.82
N PRO D 485 -20.03 -27.31 8.46
CA PRO D 485 -19.21 -26.66 7.43
C PRO D 485 -17.82 -26.32 7.94
N TRP D 486 -16.87 -26.25 7.02
CA TRP D 486 -15.50 -25.88 7.35
C TRP D 486 -15.37 -24.35 7.35
N ARG D 487 -15.05 -23.78 8.51
CA ARG D 487 -14.78 -22.35 8.59
C ARG D 487 -13.36 -22.04 8.08
N THR D 488 -13.23 -20.92 7.37
CA THR D 488 -11.98 -20.65 6.68
C THR D 488 -10.80 -20.43 7.63
N ALA D 489 -11.05 -19.96 8.86
CA ALA D 489 -9.97 -19.86 9.83
C ALA D 489 -9.44 -21.24 10.24
N GLN D 490 -10.23 -22.28 10.04
CA GLN D 490 -9.78 -23.65 10.28
C GLN D 490 -9.05 -24.22 9.08
N LEU D 491 -9.41 -23.78 7.87
CA LEU D 491 -8.68 -24.18 6.68
C LEU D 491 -7.22 -23.78 6.80
N TYR D 492 -6.97 -22.53 7.16
CA TYR D 492 -5.61 -22.03 7.20
C TYR D 492 -4.84 -22.53 8.42
N ALA D 493 -5.52 -22.69 9.55
CA ALA D 493 -4.90 -23.33 10.70
C ALA D 493 -4.43 -24.73 10.33
N ALA D 494 -5.30 -25.52 9.69
CA ALA D 494 -4.94 -26.89 9.35
C ALA D 494 -3.85 -26.95 8.28
N ARG D 495 -3.81 -25.98 7.37
CA ARG D 495 -2.70 -25.93 6.45
C ARG D 495 -1.39 -25.62 7.15
N ASP D 496 -1.43 -24.71 8.13
CA ASP D 496 -0.23 -24.37 8.89
C ASP D 496 0.30 -25.59 9.67
N ILE D 497 -0.57 -26.24 10.46
CA ILE D 497 -0.17 -27.46 11.18
C ILE D 497 0.38 -28.51 10.22
N ALA D 498 -0.30 -28.68 9.08
CA ALA D 498 0.09 -29.73 8.14
C ALA D 498 1.46 -29.46 7.55
N ARG D 499 1.69 -28.23 7.08
CA ARG D 499 3.00 -27.87 6.54
C ARG D 499 4.08 -27.89 7.61
N ASP D 500 3.71 -27.64 8.87
CA ASP D 500 4.68 -27.80 9.96
C ASP D 500 5.13 -29.25 10.09
N LEU D 501 4.19 -30.19 9.98
CA LEU D 501 4.59 -31.59 9.94
C LEU D 501 5.46 -31.89 8.73
N LEU D 502 5.11 -31.33 7.57
CA LEU D 502 5.93 -31.53 6.37
C LEU D 502 7.40 -31.16 6.64
N ILE D 503 7.62 -30.01 7.29
CA ILE D 503 8.98 -29.50 7.49
C ILE D 503 9.79 -30.47 8.36
N VAL D 504 9.15 -31.06 9.37
CA VAL D 504 9.80 -32.02 10.25
C VAL D 504 10.24 -33.26 9.46
N ALA D 505 9.27 -33.89 8.79
CA ALA D 505 9.58 -35.08 7.99
C ALA D 505 10.61 -34.77 6.91
N ASP D 506 10.49 -33.62 6.24
CA ASP D 506 11.47 -33.23 5.25
C ASP D 506 12.88 -33.17 5.85
N SER D 507 13.00 -32.61 7.05
CA SER D 507 14.31 -32.55 7.69
C SER D 507 14.84 -33.94 8.00
N MET D 508 13.96 -34.82 8.49
CA MET D 508 14.33 -36.22 8.70
C MET D 508 14.88 -36.85 7.44
N GLN D 509 14.15 -36.69 6.33
CA GLN D 509 14.57 -37.29 5.06
C GLN D 509 15.86 -36.69 4.56
N LEU D 510 16.09 -35.39 4.85
CA LEU D 510 17.36 -34.77 4.46
C LEU D 510 18.53 -35.41 5.21
N ASN D 511 18.39 -35.62 6.53
CA ASN D 511 19.50 -36.23 7.27
C ASN D 511 19.70 -37.68 6.86
N LEU D 512 18.61 -38.41 6.60
CA LEU D 512 18.71 -39.81 6.23
C LEU D 512 19.35 -39.97 4.85
N LEU D 513 18.89 -39.20 3.86
CA LEU D 513 19.52 -39.25 2.55
C LEU D 513 20.99 -38.84 2.64
N ASN D 514 21.30 -37.78 3.37
CA ASN D 514 22.69 -37.36 3.51
C ASN D 514 23.56 -38.48 4.10
N ASP D 515 23.04 -39.20 5.09
CA ASP D 515 23.81 -40.31 5.65
C ASP D 515 23.96 -41.43 4.63
N GLN D 516 22.89 -41.73 3.89
CA GLN D 516 22.95 -42.80 2.91
C GLN D 516 23.96 -42.51 1.81
N LEU D 517 24.11 -41.24 1.44
CA LEU D 517 25.08 -40.88 0.41
C LEU D 517 26.47 -40.78 1.03
C1A LBV E . 23.23 -27.72 -31.57
C1B LBV E . 25.58 -26.60 -27.82
O1B LBV E . 30.47 -25.88 -24.49
C1C LBV E . 26.25 -22.12 -28.48
O1C LBV E . 29.23 -18.13 -28.67
C1D LBV E . 24.24 -19.80 -32.19
C2A LBV E . 22.92 -29.06 -31.15
C2B LBV E . 26.32 -26.60 -26.70
O2B LBV E . 30.08 -23.70 -24.25
C2C LBV E . 26.62 -20.73 -28.42
O2C LBV E . 29.62 -19.89 -29.96
C2D LBV E . 23.06 -19.24 -32.84
C3A LBV E . 23.51 -29.20 -29.85
C3B LBV E . 26.84 -25.30 -26.51
C3C LBV E . 25.97 -20.07 -29.44
C3D LBV E . 23.46 -18.18 -33.59
C4A LBV E . 24.18 -27.98 -29.55
C4B LBV E . 26.36 -24.51 -27.53
C4C LBV E . 25.18 -21.05 -30.18
C4D LBV E . 24.87 -18.01 -33.44
CAA LBV E . 23.46 -30.31 -29.00
CAB LBV E . 27.66 -24.81 -25.44
CAC LBV E . 27.49 -20.12 -27.43
CAD LBV E . 22.66 -17.34 -34.41
CBA LBV E . 22.79 -31.54 -29.27
CBB LBV E . 29.03 -24.79 -25.90
CBC LBV E . 28.92 -20.24 -27.78
CBD LBV E . 23.17 -16.40 -35.27
CGB LBV E . 29.94 -24.78 -24.78
CGC LBV E . 29.29 -19.35 -28.90
CHB LBV E . 24.89 -27.73 -28.38
CHC LBV E . 26.68 -23.15 -27.66
CHD LBV E . 24.35 -20.87 -31.31
CMA LBV E . 23.47 -29.94 -32.13
CMB LBV E . 26.53 -27.75 -25.87
CMC LBV E . 26.06 -18.68 -29.67
CMD LBV E . 21.74 -19.74 -32.69
N_A LBV E . 24.01 -27.13 -30.62
O_A LBV E . 23.02 -27.21 -32.68
N_B LBV E . 25.60 -25.31 -28.34
N_C LBV E . 25.38 -22.27 -29.57
N_D LBV E . 25.27 -19.01 -32.60
O_D LBV E . 25.70 -17.23 -33.89
CL CL F . 44.16 -7.13 -20.96
CL CL G . 38.35 -12.65 -18.59
C1A LBV H . 2.01 17.59 36.95
C1B LBV H . -1.91 16.27 38.82
O1B LBV H . -8.21 15.48 39.28
C1C LBV H . -4.74 16.18 35.13
O1C LBV H . -7.85 18.88 33.79
C1D LBV H . -3.21 17.04 30.67
C2A LBV H . 2.82 17.35 38.11
C2B LBV H . -2.93 15.93 39.67
O2B LBV H . -7.81 16.70 41.09
C2C LBV H . -5.86 16.00 34.23
O2C LBV H . -8.85 17.16 32.78
C2D LBV H . -2.32 16.70 29.61
C3A LBV H . 1.89 16.94 39.13
C3B LBV H . -4.11 15.84 38.90
C3C LBV H . -5.38 16.15 32.95
C3D LBV H . -2.81 17.20 28.44
C4A LBV H . 0.60 16.92 38.56
C4B LBV H . -3.80 16.12 37.58
C4C LBV H . -3.98 16.44 33.02
C4D LBV H . -4.02 17.88 28.72
CAA LBV H . 2.16 16.50 40.45
CAB LBV H . -5.43 15.49 39.36
CAC LBV H . -7.23 15.69 34.63
CAD LBV H . -2.24 17.08 27.14
CBA LBV H . 3.44 16.48 41.12
CBB LBV H . -6.24 16.65 39.47
CBC LBV H . -8.00 16.89 34.94
CBD LBV H . -2.94 17.37 25.99
CGB LBV H . -7.53 16.25 39.99
CGC LBV H . -8.25 17.70 33.74
CHB LBV H . -0.56 16.47 39.20
CHC LBV H . -4.75 16.13 36.53
CHD LBV H . -3.05 16.70 32.00
CMA LBV H . 3.48 18.58 38.40
CMB LBV H . -2.83 15.70 41.05
CMC LBV H . -6.14 16.03 31.76
CMD LBV H . -1.14 15.94 29.82
N_A LBV H . 0.71 17.39 37.30
O_A LBV H . 2.34 18.06 35.84
N_B LBV H . -2.43 16.39 37.56
N_C LBV H . -3.63 16.45 34.34
N_D LBV H . -4.21 17.77 30.08
O_D LBV H . -4.84 18.49 28.04
CL CL I . -23.01 14.13 37.01
CL CL J . -28.92 18.89 33.24
C1 GOL K . -30.24 8.95 26.14
O1 GOL K . -30.48 10.11 26.91
C2 GOL K . -31.35 8.67 25.13
O2 GOL K . -32.49 9.45 25.38
C3 GOL K . -30.82 8.88 23.70
O3 GOL K . -31.87 9.06 22.79
C1A LBV L . 25.45 31.61 -5.65
C1B LBV L . 27.81 30.24 -9.32
O1B LBV L . 32.49 28.50 -12.95
C1C LBV L . 27.97 25.74 -8.59
O1C LBV L . 31.09 23.20 -7.24
C1D LBV L . 25.93 23.62 -4.83
C2A LBV L . 25.08 32.89 -6.19
C2B LBV L . 28.52 30.15 -10.52
O2B LBV L . 31.65 26.42 -12.99
C2C LBV L . 28.14 24.33 -8.69
O2C LBV L . 30.43 21.55 -8.58
C2D LBV L . 24.74 23.22 -4.23
C3A LBV L . 25.83 33.01 -7.42
C3B LBV L . 28.85 28.80 -10.71
C3C LBV L . 27.48 23.74 -7.68
C3D LBV L . 24.99 22.12 -3.42
C4A LBV L . 26.47 31.76 -7.65
C4B LBV L . 28.33 28.07 -9.62
C4C LBV L . 26.89 24.77 -6.89
C4D LBV L . 26.38 21.83 -3.49
CAA LBV L . 25.90 34.10 -8.31
CAB LBV L . 29.61 28.25 -11.82
CAC LBV L . 28.89 23.65 -9.70
CAD LBV L . 24.07 21.38 -2.61
CBA LBV L . 25.25 35.38 -8.17
CBB LBV L . 30.94 27.91 -11.41
CBC LBV L . 30.30 23.70 -9.34
CBD LBV L . 24.39 20.20 -1.96
CGB LBV L . 31.76 27.59 -12.55
CGC LBV L . 30.63 22.73 -8.31
CHB LBV L . 27.28 31.45 -8.76
CHC LBV L . 28.49 26.70 -9.45
CHD LBV L . 26.09 24.67 -5.72
CMA LBV L . 25.43 33.85 -5.19
CMB LBV L . 28.85 31.22 -11.37
CMC LBV L . 27.43 22.34 -7.48
CMD LBV L . 23.54 23.87 -4.50
N_A LBV L . 26.20 30.97 -6.59
O_A LBV L . 25.41 31.23 -4.48
N_B LBV L . 27.70 28.97 -8.79
N_C LBV L . 27.21 25.97 -7.48
N_D LBV L . 26.90 22.76 -4.36
O_D LBV L . 27.12 20.97 -2.97
CL CL M . 39.41 15.21 -18.61
CL CL N . 44.55 9.10 -15.51
C1 GOL O . 36.35 1.40 -19.60
O1 GOL O . 37.35 1.97 -18.79
C2 GOL O . 36.45 -0.11 -19.66
O2 GOL O . 37.79 -0.50 -19.81
C3 GOL O . 35.87 -0.74 -18.40
O3 GOL O . 36.13 -2.13 -18.37
C1A LBV P . -45.62 -13.83 5.95
C1B LBV P . -44.96 -9.40 5.79
O1B LBV P . -44.37 -3.74 8.69
C1C LBV P . -42.62 -8.64 9.64
O1C LBV P . -42.02 -6.04 13.85
C1D LBV P . -41.38 -12.17 12.63
C2A LBV P . -46.22 -13.93 4.66
C2B LBV P . -44.99 -8.03 5.48
O2B LBV P . -45.33 -3.12 6.79
C2C LBV P . -41.96 -8.11 10.77
O2C LBV P . -44.02 -6.93 13.52
C2D LBV P . -40.54 -13.30 12.90
C3A LBV P . -46.09 -12.64 4.08
C3B LBV P . -44.32 -7.35 6.51
C3C LBV P . -41.55 -9.14 11.55
C3D LBV P . -40.34 -13.40 14.25
C4A LBV P . -45.67 -11.78 5.10
C4B LBV P . -43.87 -8.30 7.45
C4C LBV P . -41.97 -10.36 10.94
C4D LBV P . -41.06 -12.30 14.88
CAA LBV P . -46.42 -12.22 2.79
CAB LBV P . -44.13 -5.93 6.60
CAC LBV P . -41.73 -6.71 11.03
CAD LBV P . -39.58 -14.39 14.94
CBA LBV P . -46.85 -13.07 1.75
CBB LBV P . -45.23 -5.35 7.33
CBC LBV P . -42.86 -6.06 11.70
CBD LBV P . -39.25 -14.27 16.27
CGB LBV P . -44.95 -3.96 7.63
CGC LBV P . -42.97 -6.37 13.14
CHB LBV P . -45.52 -10.41 4.99
CHC LBV P . -43.18 -7.97 8.60
CHD LBV P . -41.80 -11.71 11.38
CMA LBV P . -47.58 -14.29 4.88
CMB LBV P . -45.58 -7.45 4.32
CMC LBV P . -40.83 -8.96 12.77
CMD LBV P . -40.04 -14.17 11.88
N_A LBV P . -45.46 -12.50 6.19
O_A LBV P . -45.64 -14.63 6.90
N_B LBV P . -44.28 -9.56 6.99
N_C LBV P . -42.61 -10.02 9.77
N_D LBV P . -41.65 -11.61 13.85
O_D LBV P . -41.21 -11.90 16.06
CL CL Q . -40.34 8.41 15.99
CL CL R . -41.32 11.58 23.75
#